data_6YQW
# 
_entry.id   6YQW 
# 
_audit_conform.dict_name       mmcif_pdbx.dic 
_audit_conform.dict_version    5.391 
_audit_conform.dict_location   http://mmcif.pdb.org/dictionaries/ascii/mmcif_pdbx.dic 
# 
loop_
_database_2.database_id 
_database_2.database_code 
_database_2.pdbx_database_accession 
_database_2.pdbx_DOI 
PDB   6YQW         pdb_00006yqw 10.2210/pdb6yqw/pdb 
WWPDB D_1292108130 ?            ?                   
# 
loop_
_pdbx_audit_revision_history.ordinal 
_pdbx_audit_revision_history.data_content_type 
_pdbx_audit_revision_history.major_revision 
_pdbx_audit_revision_history.minor_revision 
_pdbx_audit_revision_history.revision_date 
1 'Structure model' 1 0 2021-04-14 
2 'Structure model' 1 1 2024-05-01 
# 
_pdbx_audit_revision_details.ordinal             1 
_pdbx_audit_revision_details.revision_ordinal    1 
_pdbx_audit_revision_details.data_content_type   'Structure model' 
_pdbx_audit_revision_details.provider            repository 
_pdbx_audit_revision_details.type                'Initial release' 
_pdbx_audit_revision_details.description         ? 
_pdbx_audit_revision_details.details             ? 
# 
loop_
_pdbx_audit_revision_group.ordinal 
_pdbx_audit_revision_group.revision_ordinal 
_pdbx_audit_revision_group.data_content_type 
_pdbx_audit_revision_group.group 
1 2 'Structure model' 'Data collection'        
2 2 'Structure model' 'Database references'    
3 2 'Structure model' 'Refinement description' 
# 
loop_
_pdbx_audit_revision_category.ordinal 
_pdbx_audit_revision_category.revision_ordinal 
_pdbx_audit_revision_category.data_content_type 
_pdbx_audit_revision_category.category 
1 2 'Structure model' chem_comp_atom                
2 2 'Structure model' chem_comp_bond                
3 2 'Structure model' database_2                    
4 2 'Structure model' pdbx_initial_refinement_model 
# 
loop_
_pdbx_audit_revision_item.ordinal 
_pdbx_audit_revision_item.revision_ordinal 
_pdbx_audit_revision_item.data_content_type 
_pdbx_audit_revision_item.item 
1 2 'Structure model' '_database_2.pdbx_DOI'                
2 2 'Structure model' '_database_2.pdbx_database_accession' 
# 
_pdbx_database_status.status_code                     REL 
_pdbx_database_status.status_code_sf                  REL 
_pdbx_database_status.status_code_mr                  ? 
_pdbx_database_status.entry_id                        6YQW 
_pdbx_database_status.recvd_initial_deposition_date   2020-04-18 
_pdbx_database_status.SG_entry                        N 
_pdbx_database_status.deposit_site                    PDBE 
_pdbx_database_status.process_site                    PDBE 
_pdbx_database_status.status_code_cs                  ? 
_pdbx_database_status.status_code_nmr_data            ? 
_pdbx_database_status.methods_development_category    ? 
_pdbx_database_status.pdb_format_compatible           Y 
# 
_audit_author.name               'Chung, C.' 
_audit_author.pdbx_ordinal       1 
_audit_author.identifier_ORCID   0000-0002-2480-3110 
# 
_citation.abstract                  ? 
_citation.abstract_id_CAS           ? 
_citation.book_id_ISBN              ? 
_citation.book_publisher            ? 
_citation.book_publisher_city       ? 
_citation.book_title                ? 
_citation.coordinate_linkage        ? 
_citation.country                   US 
_citation.database_id_Medline       ? 
_citation.details                   ? 
_citation.id                        primary 
_citation.journal_abbrev            J.Med.Chem. 
_citation.journal_id_ASTM           JMCMAR 
_citation.journal_id_CSD            0151 
_citation.journal_id_ISSN           0022-2623 
_citation.journal_full              ? 
_citation.journal_issue             ? 
_citation.journal_volume            63 
_citation.language                  ? 
_citation.page_first                5816 
_citation.page_last                 5840 
_citation.title                     
;Application of Atypical Acetyl-lysine Methyl Mimetics in the Development of Selective Inhibitors of the Bromodomain-Containing Protein 7 (BRD7)/Bromodomain-Containing Protein 9 (BRD9) Bromodomains.
;
_citation.year                      2020 
_citation.database_id_CSD           ? 
_citation.pdbx_database_id_DOI      10.1021/acs.jmedchem.0c00075 
_citation.pdbx_database_id_PubMed   32410449 
_citation.unpublished_flag          ? 
# 
loop_
_citation_author.citation_id 
_citation_author.name 
_citation_author.ordinal 
_citation_author.identifier_ORCID 
primary 'Clegg, M.A.'       1  ?                   
primary 'Bamborough, P.'    2  0000-0001-9479-2894 
primary 'Chung, C.W.'       3  0000-0002-2480-3110 
primary 'Craggs, P.D.'      4  ?                   
primary 'Gordon, L.'        5  ?                   
primary 'Grandi, P.'        6  ?                   
primary 'Leveridge, M.'     7  ?                   
primary 'Lindon, M.'        8  ?                   
primary 'Liwicki, G.M.'     9  0000-0003-3508-8711 
primary 'Michon, A.M.'      10 ?                   
primary 'Molnar, J.'        11 ?                   
primary 'Rioja, I.'         12 ?                   
primary 'Soden, P.E.'       13 ?                   
primary 'Theodoulou, N.H.'  14 ?                   
primary 'Werner, T.'        15 ?                   
primary 'Tomkinson, N.C.O.' 16 0000-0002-5509-0133 
primary 'Prinjha, R.K.'     17 ?                   
primary 'Humphreys, P.G.'   18 0000-0002-8614-7155 
# 
loop_
_entity.id 
_entity.type 
_entity.src_method 
_entity.pdbx_description 
_entity.formula_weight 
_entity.pdbx_number_of_molecules 
_entity.pdbx_ec 
_entity.pdbx_mutation 
_entity.pdbx_fragment 
_entity.details 
1 polymer     man 'Bromodomain-containing protein 9'                    12228.203 1   ? ? ? ? 
2 non-polymer syn '4-chloranyl-2-methyl-5-(methylamino)pyridazin-3-one' 173.600   1   ? ? ? ? 
3 water       nat water                                                 18.015    208 ? ? ? ? 
# 
_entity_name_com.entity_id   1 
_entity_name_com.name        'Rhabdomyosarcoma antigen MU-RMS-40.8' 
# 
_entity_poly.entity_id                      1 
_entity_poly.type                           'polypeptide(L)' 
_entity_poly.nstd_linkage                   no 
_entity_poly.nstd_monomer                   no 
_entity_poly.pdbx_seq_one_letter_code       
;GAENESTPIQQLLEHFLRQLQRKDPHGFFAFPVTDAIAPGYSMIIKHPMDFGTMKDKIVANEYKSVTEFKADFKLMCDNA
MTYNRPDTVYYKLAKKILHAGFKMMS
;
_entity_poly.pdbx_seq_one_letter_code_can   
;GAENESTPIQQLLEHFLRQLQRKDPHGFFAFPVTDAIAPGYSMIIKHPMDFGTMKDKIVANEYKSVTEFKADFKLMCDNA
MTYNRPDTVYYKLAKKILHAGFKMMS
;
_entity_poly.pdbx_strand_id                 A 
_entity_poly.pdbx_target_identifier         ? 
# 
loop_
_pdbx_entity_nonpoly.entity_id 
_pdbx_entity_nonpoly.name 
_pdbx_entity_nonpoly.comp_id 
2 '4-chloranyl-2-methyl-5-(methylamino)pyridazin-3-one' 82I 
3 water                                                 HOH 
# 
loop_
_entity_poly_seq.entity_id 
_entity_poly_seq.num 
_entity_poly_seq.mon_id 
_entity_poly_seq.hetero 
1 1   GLY n 
1 2   ALA n 
1 3   GLU n 
1 4   ASN n 
1 5   GLU n 
1 6   SER n 
1 7   THR n 
1 8   PRO n 
1 9   ILE n 
1 10  GLN n 
1 11  GLN n 
1 12  LEU n 
1 13  LEU n 
1 14  GLU n 
1 15  HIS n 
1 16  PHE n 
1 17  LEU n 
1 18  ARG n 
1 19  GLN n 
1 20  LEU n 
1 21  GLN n 
1 22  ARG n 
1 23  LYS n 
1 24  ASP n 
1 25  PRO n 
1 26  HIS n 
1 27  GLY n 
1 28  PHE n 
1 29  PHE n 
1 30  ALA n 
1 31  PHE n 
1 32  PRO n 
1 33  VAL n 
1 34  THR n 
1 35  ASP n 
1 36  ALA n 
1 37  ILE n 
1 38  ALA n 
1 39  PRO n 
1 40  GLY n 
1 41  TYR n 
1 42  SER n 
1 43  MET n 
1 44  ILE n 
1 45  ILE n 
1 46  LYS n 
1 47  HIS n 
1 48  PRO n 
1 49  MET n 
1 50  ASP n 
1 51  PHE n 
1 52  GLY n 
1 53  THR n 
1 54  MET n 
1 55  LYS n 
1 56  ASP n 
1 57  LYS n 
1 58  ILE n 
1 59  VAL n 
1 60  ALA n 
1 61  ASN n 
1 62  GLU n 
1 63  TYR n 
1 64  LYS n 
1 65  SER n 
1 66  VAL n 
1 67  THR n 
1 68  GLU n 
1 69  PHE n 
1 70  LYS n 
1 71  ALA n 
1 72  ASP n 
1 73  PHE n 
1 74  LYS n 
1 75  LEU n 
1 76  MET n 
1 77  CYS n 
1 78  ASP n 
1 79  ASN n 
1 80  ALA n 
1 81  MET n 
1 82  THR n 
1 83  TYR n 
1 84  ASN n 
1 85  ARG n 
1 86  PRO n 
1 87  ASP n 
1 88  THR n 
1 89  VAL n 
1 90  TYR n 
1 91  TYR n 
1 92  LYS n 
1 93  LEU n 
1 94  ALA n 
1 95  LYS n 
1 96  LYS n 
1 97  ILE n 
1 98  LEU n 
1 99  HIS n 
1 100 ALA n 
1 101 GLY n 
1 102 PHE n 
1 103 LYS n 
1 104 MET n 
1 105 MET n 
1 106 SER n 
# 
_entity_src_gen.entity_id                          1 
_entity_src_gen.pdbx_src_id                        1 
_entity_src_gen.pdbx_alt_source_flag               sample 
_entity_src_gen.pdbx_seq_type                      'Biological sequence' 
_entity_src_gen.pdbx_beg_seq_num                   1 
_entity_src_gen.pdbx_end_seq_num                   106 
_entity_src_gen.gene_src_common_name               Human 
_entity_src_gen.gene_src_genus                     ? 
_entity_src_gen.pdbx_gene_src_gene                 'BRD9, UNQ3040/PRO9856' 
_entity_src_gen.gene_src_species                   ? 
_entity_src_gen.gene_src_strain                    ? 
_entity_src_gen.gene_src_tissue                    ? 
_entity_src_gen.gene_src_tissue_fraction           ? 
_entity_src_gen.gene_src_details                   ? 
_entity_src_gen.pdbx_gene_src_fragment             ? 
_entity_src_gen.pdbx_gene_src_scientific_name      'Homo sapiens' 
_entity_src_gen.pdbx_gene_src_ncbi_taxonomy_id     9606 
_entity_src_gen.pdbx_gene_src_variant              ? 
_entity_src_gen.pdbx_gene_src_cell_line            ? 
_entity_src_gen.pdbx_gene_src_atcc                 ? 
_entity_src_gen.pdbx_gene_src_organ                ? 
_entity_src_gen.pdbx_gene_src_organelle            ? 
_entity_src_gen.pdbx_gene_src_cell                 ? 
_entity_src_gen.pdbx_gene_src_cellular_location    ? 
_entity_src_gen.host_org_common_name               ? 
_entity_src_gen.pdbx_host_org_scientific_name      'Escherichia coli' 
_entity_src_gen.pdbx_host_org_ncbi_taxonomy_id     562 
_entity_src_gen.host_org_genus                     ? 
_entity_src_gen.pdbx_host_org_gene                 ? 
_entity_src_gen.pdbx_host_org_organ                ? 
_entity_src_gen.host_org_species                   ? 
_entity_src_gen.pdbx_host_org_tissue               ? 
_entity_src_gen.pdbx_host_org_tissue_fraction      ? 
_entity_src_gen.pdbx_host_org_strain               ? 
_entity_src_gen.pdbx_host_org_variant              ? 
_entity_src_gen.pdbx_host_org_cell_line            ? 
_entity_src_gen.pdbx_host_org_atcc                 ? 
_entity_src_gen.pdbx_host_org_culture_collection   ? 
_entity_src_gen.pdbx_host_org_cell                 ? 
_entity_src_gen.pdbx_host_org_organelle            ? 
_entity_src_gen.pdbx_host_org_cellular_location    ? 
_entity_src_gen.pdbx_host_org_vector_type          ? 
_entity_src_gen.pdbx_host_org_vector               ? 
_entity_src_gen.host_org_details                   ? 
_entity_src_gen.expression_system_id               ? 
_entity_src_gen.plasmid_name                       ? 
_entity_src_gen.plasmid_details                    ? 
_entity_src_gen.pdbx_description                   ? 
# 
loop_
_chem_comp.id 
_chem_comp.type 
_chem_comp.mon_nstd_flag 
_chem_comp.name 
_chem_comp.pdbx_synonyms 
_chem_comp.formula 
_chem_comp.formula_weight 
82I non-polymer         . '4-chloranyl-2-methyl-5-(methylamino)pyridazin-3-one' ? 'C6 H8 Cl N3 O'  173.600 
ALA 'L-peptide linking' y ALANINE                                               ? 'C3 H7 N O2'     89.093  
ARG 'L-peptide linking' y ARGININE                                              ? 'C6 H15 N4 O2 1' 175.209 
ASN 'L-peptide linking' y ASPARAGINE                                            ? 'C4 H8 N2 O3'    132.118 
ASP 'L-peptide linking' y 'ASPARTIC ACID'                                       ? 'C4 H7 N O4'     133.103 
CYS 'L-peptide linking' y CYSTEINE                                              ? 'C3 H7 N O2 S'   121.158 
GLN 'L-peptide linking' y GLUTAMINE                                             ? 'C5 H10 N2 O3'   146.144 
GLU 'L-peptide linking' y 'GLUTAMIC ACID'                                       ? 'C5 H9 N O4'     147.129 
GLY 'peptide linking'   y GLYCINE                                               ? 'C2 H5 N O2'     75.067  
HIS 'L-peptide linking' y HISTIDINE                                             ? 'C6 H10 N3 O2 1' 156.162 
HOH non-polymer         . WATER                                                 ? 'H2 O'           18.015  
ILE 'L-peptide linking' y ISOLEUCINE                                            ? 'C6 H13 N O2'    131.173 
LEU 'L-peptide linking' y LEUCINE                                               ? 'C6 H13 N O2'    131.173 
LYS 'L-peptide linking' y LYSINE                                                ? 'C6 H15 N2 O2 1' 147.195 
MET 'L-peptide linking' y METHIONINE                                            ? 'C5 H11 N O2 S'  149.211 
PHE 'L-peptide linking' y PHENYLALANINE                                         ? 'C9 H11 N O2'    165.189 
PRO 'L-peptide linking' y PROLINE                                               ? 'C5 H9 N O2'     115.130 
SER 'L-peptide linking' y SERINE                                                ? 'C3 H7 N O3'     105.093 
THR 'L-peptide linking' y THREONINE                                             ? 'C4 H9 N O3'     119.119 
TYR 'L-peptide linking' y TYROSINE                                              ? 'C9 H11 N O3'    181.189 
VAL 'L-peptide linking' y VALINE                                                ? 'C5 H11 N O2'    117.146 
# 
loop_
_pdbx_poly_seq_scheme.asym_id 
_pdbx_poly_seq_scheme.entity_id 
_pdbx_poly_seq_scheme.seq_id 
_pdbx_poly_seq_scheme.mon_id 
_pdbx_poly_seq_scheme.ndb_seq_num 
_pdbx_poly_seq_scheme.pdb_seq_num 
_pdbx_poly_seq_scheme.auth_seq_num 
_pdbx_poly_seq_scheme.pdb_mon_id 
_pdbx_poly_seq_scheme.auth_mon_id 
_pdbx_poly_seq_scheme.pdb_strand_id 
_pdbx_poly_seq_scheme.pdb_ins_code 
_pdbx_poly_seq_scheme.hetero 
A 1 1   GLY 1   17  ?   ?   ?   A . n 
A 1 2   ALA 2   18  ?   ?   ?   A . n 
A 1 3   GLU 3   19  ?   ?   ?   A . n 
A 1 4   ASN 4   20  ?   ?   ?   A . n 
A 1 5   GLU 5   21  ?   ?   ?   A . n 
A 1 6   SER 6   22  22  SER SER A . n 
A 1 7   THR 7   23  23  THR THR A . n 
A 1 8   PRO 8   24  24  PRO PRO A . n 
A 1 9   ILE 9   25  25  ILE ILE A . n 
A 1 10  GLN 10  26  26  GLN GLN A . n 
A 1 11  GLN 11  27  27  GLN GLN A . n 
A 1 12  LEU 12  28  28  LEU LEU A . n 
A 1 13  LEU 13  29  29  LEU LEU A . n 
A 1 14  GLU 14  30  30  GLU GLU A . n 
A 1 15  HIS 15  31  31  HIS HIS A . n 
A 1 16  PHE 16  32  32  PHE PHE A . n 
A 1 17  LEU 17  33  33  LEU LEU A . n 
A 1 18  ARG 18  34  34  ARG ARG A . n 
A 1 19  GLN 19  35  35  GLN GLN A . n 
A 1 20  LEU 20  36  36  LEU LEU A . n 
A 1 21  GLN 21  37  37  GLN GLN A . n 
A 1 22  ARG 22  38  38  ARG ARG A . n 
A 1 23  LYS 23  39  39  LYS LYS A . n 
A 1 24  ASP 24  40  40  ASP ASP A . n 
A 1 25  PRO 25  41  41  PRO PRO A . n 
A 1 26  HIS 26  42  42  HIS HIS A . n 
A 1 27  GLY 27  43  43  GLY GLY A . n 
A 1 28  PHE 28  44  44  PHE PHE A . n 
A 1 29  PHE 29  45  45  PHE PHE A . n 
A 1 30  ALA 30  46  46  ALA ALA A . n 
A 1 31  PHE 31  47  47  PHE PHE A . n 
A 1 32  PRO 32  48  48  PRO PRO A . n 
A 1 33  VAL 33  49  49  VAL VAL A . n 
A 1 34  THR 34  50  50  THR THR A . n 
A 1 35  ASP 35  51  51  ASP ASP A . n 
A 1 36  ALA 36  52  52  ALA ALA A . n 
A 1 37  ILE 37  53  53  ILE ILE A . n 
A 1 38  ALA 38  54  54  ALA ALA A . n 
A 1 39  PRO 39  55  55  PRO PRO A . n 
A 1 40  GLY 40  56  56  GLY GLY A . n 
A 1 41  TYR 41  57  57  TYR TYR A . n 
A 1 42  SER 42  58  58  SER SER A . n 
A 1 43  MET 43  59  59  MET MET A . n 
A 1 44  ILE 44  60  60  ILE ILE A . n 
A 1 45  ILE 45  61  61  ILE ILE A . n 
A 1 46  LYS 46  62  62  LYS LYS A . n 
A 1 47  HIS 47  63  63  HIS HIS A . n 
A 1 48  PRO 48  64  64  PRO PRO A . n 
A 1 49  MET 49  65  65  MET MET A . n 
A 1 50  ASP 50  66  66  ASP ASP A . n 
A 1 51  PHE 51  67  67  PHE PHE A . n 
A 1 52  GLY 52  68  68  GLY GLY A . n 
A 1 53  THR 53  69  69  THR THR A . n 
A 1 54  MET 54  70  70  MET MET A . n 
A 1 55  LYS 55  71  71  LYS LYS A . n 
A 1 56  ASP 56  72  72  ASP ASP A . n 
A 1 57  LYS 57  73  73  LYS LYS A . n 
A 1 58  ILE 58  74  74  ILE ILE A . n 
A 1 59  VAL 59  75  75  VAL VAL A . n 
A 1 60  ALA 60  76  76  ALA ALA A . n 
A 1 61  ASN 61  77  77  ASN ASN A . n 
A 1 62  GLU 62  78  78  GLU GLU A . n 
A 1 63  TYR 63  79  79  TYR TYR A . n 
A 1 64  LYS 64  80  80  LYS LYS A . n 
A 1 65  SER 65  81  81  SER SER A . n 
A 1 66  VAL 66  82  82  VAL VAL A . n 
A 1 67  THR 67  83  83  THR THR A . n 
A 1 68  GLU 68  84  84  GLU GLU A . n 
A 1 69  PHE 69  85  85  PHE PHE A . n 
A 1 70  LYS 70  86  86  LYS LYS A . n 
A 1 71  ALA 71  87  87  ALA ALA A . n 
A 1 72  ASP 72  88  88  ASP ASP A . n 
A 1 73  PHE 73  89  89  PHE PHE A . n 
A 1 74  LYS 74  90  90  LYS LYS A . n 
A 1 75  LEU 75  91  91  LEU LEU A . n 
A 1 76  MET 76  92  92  MET MET A . n 
A 1 77  CYS 77  93  93  CYS CYS A . n 
A 1 78  ASP 78  94  94  ASP ASP A . n 
A 1 79  ASN 79  95  95  ASN ASN A . n 
A 1 80  ALA 80  96  96  ALA ALA A . n 
A 1 81  MET 81  97  97  MET MET A . n 
A 1 82  THR 82  98  98  THR THR A . n 
A 1 83  TYR 83  99  99  TYR TYR A . n 
A 1 84  ASN 84  100 100 ASN ASN A . n 
A 1 85  ARG 85  101 101 ARG ARG A . n 
A 1 86  PRO 86  102 102 PRO PRO A . n 
A 1 87  ASP 87  103 103 ASP ASP A . n 
A 1 88  THR 88  104 104 THR THR A . n 
A 1 89  VAL 89  105 105 VAL VAL A . n 
A 1 90  TYR 90  106 106 TYR TYR A . n 
A 1 91  TYR 91  107 107 TYR TYR A . n 
A 1 92  LYS 92  108 108 LYS LYS A . n 
A 1 93  LEU 93  109 109 LEU LEU A . n 
A 1 94  ALA 94  110 110 ALA ALA A . n 
A 1 95  LYS 95  111 111 LYS LYS A . n 
A 1 96  LYS 96  112 112 LYS LYS A . n 
A 1 97  ILE 97  113 113 ILE ILE A . n 
A 1 98  LEU 98  114 114 LEU LEU A . n 
A 1 99  HIS 99  115 115 HIS HIS A . n 
A 1 100 ALA 100 116 116 ALA ALA A . n 
A 1 101 GLY 101 117 117 GLY GLY A . n 
A 1 102 PHE 102 118 118 PHE PHE A . n 
A 1 103 LYS 103 119 119 LYS LYS A . n 
A 1 104 MET 104 120 120 MET MET A . n 
A 1 105 MET 105 121 121 MET MET A . n 
A 1 106 SER 106 122 122 SER SER A . n 
# 
loop_
_pdbx_nonpoly_scheme.asym_id 
_pdbx_nonpoly_scheme.entity_id 
_pdbx_nonpoly_scheme.mon_id 
_pdbx_nonpoly_scheme.ndb_seq_num 
_pdbx_nonpoly_scheme.pdb_seq_num 
_pdbx_nonpoly_scheme.auth_seq_num 
_pdbx_nonpoly_scheme.pdb_mon_id 
_pdbx_nonpoly_scheme.auth_mon_id 
_pdbx_nonpoly_scheme.pdb_strand_id 
_pdbx_nonpoly_scheme.pdb_ins_code 
B 2 82I 1   201 1   82I LIG A . 
C 3 HOH 1   301 70  HOH HOH A . 
C 3 HOH 2   302 43  HOH HOH A . 
C 3 HOH 3   303 9   HOH HOH A . 
C 3 HOH 4   304 77  HOH HOH A . 
C 3 HOH 5   305 178 HOH HOH A . 
C 3 HOH 6   306 59  HOH HOH A . 
C 3 HOH 7   307 31  HOH HOH A . 
C 3 HOH 8   308 72  HOH HOH A . 
C 3 HOH 9   309 25  HOH HOH A . 
C 3 HOH 10  310 196 HOH HOH A . 
C 3 HOH 11  311 165 HOH HOH A . 
C 3 HOH 12  312 76  HOH HOH A . 
C 3 HOH 13  313 101 HOH HOH A . 
C 3 HOH 14  314 37  HOH HOH A . 
C 3 HOH 15  315 15  HOH HOH A . 
C 3 HOH 16  316 69  HOH HOH A . 
C 3 HOH 17  317 10  HOH HOH A . 
C 3 HOH 18  318 193 HOH HOH A . 
C 3 HOH 19  319 116 HOH HOH A . 
C 3 HOH 20  320 117 HOH HOH A . 
C 3 HOH 21  321 34  HOH HOH A . 
C 3 HOH 22  322 54  HOH HOH A . 
C 3 HOH 23  323 22  HOH HOH A . 
C 3 HOH 24  324 16  HOH HOH A . 
C 3 HOH 25  325 171 HOH HOH A . 
C 3 HOH 26  326 134 HOH HOH A . 
C 3 HOH 27  327 5   HOH HOH A . 
C 3 HOH 28  328 152 HOH HOH A . 
C 3 HOH 29  329 42  HOH HOH A . 
C 3 HOH 30  330 29  HOH HOH A . 
C 3 HOH 31  331 3   HOH HOH A . 
C 3 HOH 32  332 26  HOH HOH A . 
C 3 HOH 33  333 40  HOH HOH A . 
C 3 HOH 34  334 102 HOH HOH A . 
C 3 HOH 35  335 82  HOH HOH A . 
C 3 HOH 36  336 114 HOH HOH A . 
C 3 HOH 37  337 156 HOH HOH A . 
C 3 HOH 38  338 12  HOH HOH A . 
C 3 HOH 39  339 28  HOH HOH A . 
C 3 HOH 40  340 11  HOH HOH A . 
C 3 HOH 41  341 89  HOH HOH A . 
C 3 HOH 42  342 21  HOH HOH A . 
C 3 HOH 43  343 20  HOH HOH A . 
C 3 HOH 44  344 55  HOH HOH A . 
C 3 HOH 45  345 100 HOH HOH A . 
C 3 HOH 46  346 52  HOH HOH A . 
C 3 HOH 47  347 169 HOH HOH A . 
C 3 HOH 48  348 113 HOH HOH A . 
C 3 HOH 49  349 18  HOH HOH A . 
C 3 HOH 50  350 4   HOH HOH A . 
C 3 HOH 51  351 24  HOH HOH A . 
C 3 HOH 52  352 179 HOH HOH A . 
C 3 HOH 53  353 56  HOH HOH A . 
C 3 HOH 54  354 19  HOH HOH A . 
C 3 HOH 55  355 173 HOH HOH A . 
C 3 HOH 56  356 63  HOH HOH A . 
C 3 HOH 57  357 202 HOH HOH A . 
C 3 HOH 58  358 194 HOH HOH A . 
C 3 HOH 59  359 192 HOH HOH A . 
C 3 HOH 60  360 106 HOH HOH A . 
C 3 HOH 61  361 74  HOH HOH A . 
C 3 HOH 62  362 186 HOH HOH A . 
C 3 HOH 63  363 6   HOH HOH A . 
C 3 HOH 64  364 75  HOH HOH A . 
C 3 HOH 65  365 66  HOH HOH A . 
C 3 HOH 66  366 129 HOH HOH A . 
C 3 HOH 67  367 67  HOH HOH A . 
C 3 HOH 68  368 123 HOH HOH A . 
C 3 HOH 69  369 160 HOH HOH A . 
C 3 HOH 70  370 161 HOH HOH A . 
C 3 HOH 71  371 8   HOH HOH A . 
C 3 HOH 72  372 7   HOH HOH A . 
C 3 HOH 73  373 187 HOH HOH A . 
C 3 HOH 74  374 158 HOH HOH A . 
C 3 HOH 75  375 146 HOH HOH A . 
C 3 HOH 76  376 88  HOH HOH A . 
C 3 HOH 77  377 38  HOH HOH A . 
C 3 HOH 78  378 118 HOH HOH A . 
C 3 HOH 79  379 48  HOH HOH A . 
C 3 HOH 80  380 64  HOH HOH A . 
C 3 HOH 81  381 181 HOH HOH A . 
C 3 HOH 82  382 205 HOH HOH A . 
C 3 HOH 83  383 73  HOH HOH A . 
C 3 HOH 84  384 53  HOH HOH A . 
C 3 HOH 85  385 97  HOH HOH A . 
C 3 HOH 86  386 17  HOH HOH A . 
C 3 HOH 87  387 57  HOH HOH A . 
C 3 HOH 88  388 130 HOH HOH A . 
C 3 HOH 89  389 172 HOH HOH A . 
C 3 HOH 90  390 71  HOH HOH A . 
C 3 HOH 91  391 112 HOH HOH A . 
C 3 HOH 92  392 149 HOH HOH A . 
C 3 HOH 93  393 79  HOH HOH A . 
C 3 HOH 94  394 200 HOH HOH A . 
C 3 HOH 95  395 131 HOH HOH A . 
C 3 HOH 96  396 135 HOH HOH A . 
C 3 HOH 97  397 2   HOH HOH A . 
C 3 HOH 98  398 49  HOH HOH A . 
C 3 HOH 99  399 13  HOH HOH A . 
C 3 HOH 100 400 145 HOH HOH A . 
C 3 HOH 101 401 1   HOH HOH A . 
C 3 HOH 102 402 168 HOH HOH A . 
C 3 HOH 103 403 180 HOH HOH A . 
C 3 HOH 104 404 46  HOH HOH A . 
C 3 HOH 105 405 203 HOH HOH A . 
C 3 HOH 106 406 141 HOH HOH A . 
C 3 HOH 107 407 170 HOH HOH A . 
C 3 HOH 108 408 153 HOH HOH A . 
C 3 HOH 109 409 157 HOH HOH A . 
C 3 HOH 110 410 132 HOH HOH A . 
C 3 HOH 111 411 148 HOH HOH A . 
C 3 HOH 112 412 80  HOH HOH A . 
C 3 HOH 113 413 159 HOH HOH A . 
C 3 HOH 114 414 62  HOH HOH A . 
C 3 HOH 115 415 189 HOH HOH A . 
C 3 HOH 116 416 167 HOH HOH A . 
C 3 HOH 117 417 35  HOH HOH A . 
C 3 HOH 118 418 105 HOH HOH A . 
C 3 HOH 119 419 115 HOH HOH A . 
C 3 HOH 120 420 138 HOH HOH A . 
C 3 HOH 121 421 87  HOH HOH A . 
C 3 HOH 122 422 150 HOH HOH A . 
C 3 HOH 123 423 183 HOH HOH A . 
C 3 HOH 124 424 39  HOH HOH A . 
C 3 HOH 125 425 50  HOH HOH A . 
C 3 HOH 126 426 174 HOH HOH A . 
C 3 HOH 127 427 136 HOH HOH A . 
C 3 HOH 128 428 41  HOH HOH A . 
C 3 HOH 129 429 128 HOH HOH A . 
C 3 HOH 130 430 124 HOH HOH A . 
C 3 HOH 131 431 177 HOH HOH A . 
C 3 HOH 132 432 137 HOH HOH A . 
C 3 HOH 133 433 142 HOH HOH A . 
C 3 HOH 134 434 163 HOH HOH A . 
C 3 HOH 135 435 127 HOH HOH A . 
C 3 HOH 136 436 61  HOH HOH A . 
C 3 HOH 137 437 104 HOH HOH A . 
C 3 HOH 138 438 23  HOH HOH A . 
C 3 HOH 139 439 184 HOH HOH A . 
C 3 HOH 140 440 86  HOH HOH A . 
C 3 HOH 141 441 58  HOH HOH A . 
C 3 HOH 142 442 125 HOH HOH A . 
C 3 HOH 143 443 107 HOH HOH A . 
C 3 HOH 144 444 139 HOH HOH A . 
C 3 HOH 145 445 68  HOH HOH A . 
C 3 HOH 146 446 47  HOH HOH A . 
C 3 HOH 147 447 111 HOH HOH A . 
C 3 HOH 148 448 30  HOH HOH A . 
C 3 HOH 149 449 44  HOH HOH A . 
C 3 HOH 150 450 188 HOH HOH A . 
C 3 HOH 151 451 96  HOH HOH A . 
C 3 HOH 152 452 33  HOH HOH A . 
C 3 HOH 153 453 206 HOH HOH A . 
C 3 HOH 154 454 92  HOH HOH A . 
C 3 HOH 155 455 78  HOH HOH A . 
C 3 HOH 156 456 190 HOH HOH A . 
C 3 HOH 157 457 81  HOH HOH A . 
C 3 HOH 158 458 126 HOH HOH A . 
C 3 HOH 159 459 36  HOH HOH A . 
C 3 HOH 160 460 103 HOH HOH A . 
C 3 HOH 161 461 120 HOH HOH A . 
C 3 HOH 162 462 84  HOH HOH A . 
C 3 HOH 163 463 90  HOH HOH A . 
C 3 HOH 164 464 143 HOH HOH A . 
C 3 HOH 165 465 144 HOH HOH A . 
C 3 HOH 166 466 45  HOH HOH A . 
C 3 HOH 167 467 60  HOH HOH A . 
C 3 HOH 168 468 51  HOH HOH A . 
C 3 HOH 169 469 185 HOH HOH A . 
C 3 HOH 170 470 32  HOH HOH A . 
C 3 HOH 171 471 27  HOH HOH A . 
C 3 HOH 172 472 91  HOH HOH A . 
C 3 HOH 173 473 155 HOH HOH A . 
C 3 HOH 174 474 121 HOH HOH A . 
C 3 HOH 175 475 93  HOH HOH A . 
C 3 HOH 176 476 83  HOH HOH A . 
C 3 HOH 177 477 166 HOH HOH A . 
C 3 HOH 178 478 14  HOH HOH A . 
C 3 HOH 179 479 147 HOH HOH A . 
C 3 HOH 180 480 119 HOH HOH A . 
C 3 HOH 181 481 133 HOH HOH A . 
C 3 HOH 182 482 164 HOH HOH A . 
C 3 HOH 183 483 175 HOH HOH A . 
C 3 HOH 184 484 95  HOH HOH A . 
C 3 HOH 185 485 154 HOH HOH A . 
C 3 HOH 186 486 108 HOH HOH A . 
C 3 HOH 187 487 65  HOH HOH A . 
C 3 HOH 188 488 162 HOH HOH A . 
C 3 HOH 189 489 94  HOH HOH A . 
C 3 HOH 190 490 197 HOH HOH A . 
C 3 HOH 191 491 199 HOH HOH A . 
C 3 HOH 192 492 122 HOH HOH A . 
C 3 HOH 193 493 98  HOH HOH A . 
C 3 HOH 194 494 207 HOH HOH A . 
C 3 HOH 195 495 191 HOH HOH A . 
C 3 HOH 196 496 204 HOH HOH A . 
C 3 HOH 197 497 195 HOH HOH A . 
C 3 HOH 198 498 110 HOH HOH A . 
C 3 HOH 199 499 99  HOH HOH A . 
C 3 HOH 200 500 151 HOH HOH A . 
C 3 HOH 201 501 140 HOH HOH A . 
C 3 HOH 202 502 109 HOH HOH A . 
C 3 HOH 203 503 208 HOH HOH A . 
C 3 HOH 204 504 176 HOH HOH A . 
C 3 HOH 205 505 85  HOH HOH A . 
C 3 HOH 206 506 201 HOH HOH A . 
C 3 HOH 207 507 198 HOH HOH A . 
C 3 HOH 208 508 182 HOH HOH A . 
# 
loop_
_software.citation_id 
_software.classification 
_software.compiler_name 
_software.compiler_version 
_software.contact_author 
_software.contact_author_email 
_software.date 
_software.description 
_software.dependencies 
_software.hardware 
_software.language 
_software.location 
_software.mods 
_software.name 
_software.os 
_software.os_version 
_software.type 
_software.version 
_software.pdbx_ordinal 
? 'data scaling'    ? ? ? ? ? ? ? ? ? ? ? SCALA       ? ? ? 3.3.20 1 
? refinement        ? ? ? ? ? ? ? ? ? ? ? BUSTER      ? ? ? 2.11.1 2 
? 'data extraction' ? ? ? ? ? ? ? ? ? ? ? PDB_EXTRACT ? ? ? 3.25   3 
? 'data reduction'  ? ? ? ? ? ? ? ? ? ? ? XDS         ? ? ? .      4 
# 
_cell.angle_alpha                  70.450 
_cell.angle_alpha_esd              ? 
_cell.angle_beta                   73.630 
_cell.angle_beta_esd               ? 
_cell.angle_gamma                  74.390 
_cell.angle_gamma_esd              ? 
_cell.entry_id                     6YQW 
_cell.details                      ? 
_cell.formula_units_Z              ? 
_cell.length_a                     24.566 
_cell.length_a_esd                 ? 
_cell.length_b                     33.928 
_cell.length_b_esd                 ? 
_cell.length_c                     39.623 
_cell.length_c_esd                 ? 
_cell.volume                       ? 
_cell.volume_esd                   ? 
_cell.Z_PDB                        1 
_cell.reciprocal_angle_alpha       ? 
_cell.reciprocal_angle_beta        ? 
_cell.reciprocal_angle_gamma       ? 
_cell.reciprocal_angle_alpha_esd   ? 
_cell.reciprocal_angle_beta_esd    ? 
_cell.reciprocal_angle_gamma_esd   ? 
_cell.reciprocal_length_a          ? 
_cell.reciprocal_length_b          ? 
_cell.reciprocal_length_c          ? 
_cell.reciprocal_length_a_esd      ? 
_cell.reciprocal_length_b_esd      ? 
_cell.reciprocal_length_c_esd      ? 
_cell.pdbx_unique_axis             ? 
# 
_symmetry.entry_id                         6YQW 
_symmetry.cell_setting                     ? 
_symmetry.Int_Tables_number                1 
_symmetry.space_group_name_Hall            ? 
_symmetry.space_group_name_H-M             'P 1' 
_symmetry.pdbx_full_space_group_name_H-M   ? 
# 
_exptl.absorpt_coefficient_mu     ? 
_exptl.absorpt_correction_T_max   ? 
_exptl.absorpt_correction_T_min   ? 
_exptl.absorpt_correction_type    ? 
_exptl.absorpt_process_details    ? 
_exptl.entry_id                   6YQW 
_exptl.crystals_number            1 
_exptl.details                    ? 
_exptl.method                     'X-RAY DIFFRACTION' 
_exptl.method_details             ? 
# 
_exptl_crystal.colour                      ? 
_exptl_crystal.density_diffrn              ? 
_exptl_crystal.density_Matthews            2.40 
_exptl_crystal.density_method              ? 
_exptl_crystal.density_percent_sol         48.66 
_exptl_crystal.description                 ? 
_exptl_crystal.F_000                       ? 
_exptl_crystal.id                          1 
_exptl_crystal.preparation                 ? 
_exptl_crystal.size_max                    ? 
_exptl_crystal.size_mid                    ? 
_exptl_crystal.size_min                    ? 
_exptl_crystal.size_rad                    ? 
_exptl_crystal.colour_lustre               ? 
_exptl_crystal.colour_modifier             ? 
_exptl_crystal.colour_primary              ? 
_exptl_crystal.density_meas                ? 
_exptl_crystal.density_meas_esd            ? 
_exptl_crystal.density_meas_gt             ? 
_exptl_crystal.density_meas_lt             ? 
_exptl_crystal.density_meas_temp           ? 
_exptl_crystal.density_meas_temp_esd       ? 
_exptl_crystal.density_meas_temp_gt        ? 
_exptl_crystal.density_meas_temp_lt        ? 
_exptl_crystal.pdbx_crystal_image_url      ? 
_exptl_crystal.pdbx_crystal_image_format   ? 
_exptl_crystal.pdbx_mosaicity              ? 
_exptl_crystal.pdbx_mosaicity_esd          ? 
# 
_exptl_crystal_grow.apparatus       ? 
_exptl_crystal_grow.atmosphere      ? 
_exptl_crystal_grow.crystal_id      1 
_exptl_crystal_grow.details         ? 
_exptl_crystal_grow.method          'VAPOR DIFFUSION, SITTING DROP' 
_exptl_crystal_grow.method_ref      ? 
_exptl_crystal_grow.pH              ? 
_exptl_crystal_grow.pressure        ? 
_exptl_crystal_grow.pressure_esd    ? 
_exptl_crystal_grow.seeding         ? 
_exptl_crystal_grow.seeding_ref     ? 
_exptl_crystal_grow.temp            277 
_exptl_crystal_grow.temp_details    ? 
_exptl_crystal_grow.temp_esd        ? 
_exptl_crystal_grow.time            ? 
_exptl_crystal_grow.pdbx_details    '0.1M morpheus buffer 3, pH 8.5, 30% morpheus_EDO_p8K, 0.1M morpheus alcohol' 
_exptl_crystal_grow.pdbx_pH_range   ? 
# 
_diffrn.ambient_environment              ? 
_diffrn.ambient_temp                     100 
_diffrn.ambient_temp_details             ? 
_diffrn.ambient_temp_esd                 ? 
_diffrn.crystal_id                       1 
_diffrn.crystal_support                  ? 
_diffrn.crystal_treatment                ? 
_diffrn.details                          ? 
_diffrn.id                               1 
_diffrn.ambient_pressure                 ? 
_diffrn.ambient_pressure_esd             ? 
_diffrn.ambient_pressure_gt              ? 
_diffrn.ambient_pressure_lt              ? 
_diffrn.ambient_temp_gt                  ? 
_diffrn.ambient_temp_lt                  ? 
_diffrn.pdbx_serial_crystal_experiment   N 
# 
_diffrn_detector.details                      ? 
_diffrn_detector.detector                     PIXEL 
_diffrn_detector.diffrn_id                    1 
_diffrn_detector.type                         'DECTRIS PILATUS3 2M' 
_diffrn_detector.area_resol_mean              ? 
_diffrn_detector.dtime                        ? 
_diffrn_detector.pdbx_frames_total            ? 
_diffrn_detector.pdbx_collection_time_total   ? 
_diffrn_detector.pdbx_collection_date         2012-10-08 
_diffrn_detector.pdbx_frequency               ? 
# 
_diffrn_radiation.collimation                      ? 
_diffrn_radiation.diffrn_id                        1 
_diffrn_radiation.filter_edge                      ? 
_diffrn_radiation.inhomogeneity                    ? 
_diffrn_radiation.monochromator                    ? 
_diffrn_radiation.polarisn_norm                    ? 
_diffrn_radiation.polarisn_ratio                   ? 
_diffrn_radiation.probe                            ? 
_diffrn_radiation.type                             ? 
_diffrn_radiation.xray_symbol                      ? 
_diffrn_radiation.wavelength_id                    1 
_diffrn_radiation.pdbx_monochromatic_or_laue_m_l   M 
_diffrn_radiation.pdbx_wavelength_list             ? 
_diffrn_radiation.pdbx_wavelength                  ? 
_diffrn_radiation.pdbx_diffrn_protocol             'SINGLE WAVELENGTH' 
_diffrn_radiation.pdbx_analyzer                    ? 
_diffrn_radiation.pdbx_scattering_type             x-ray 
# 
_diffrn_radiation_wavelength.id           1 
_diffrn_radiation_wavelength.wavelength   0.97630 
_diffrn_radiation_wavelength.wt           1.0 
# 
_diffrn_source.current                     ? 
_diffrn_source.details                     ? 
_diffrn_source.diffrn_id                   1 
_diffrn_source.power                       ? 
_diffrn_source.size                        ? 
_diffrn_source.source                      SYNCHROTRON 
_diffrn_source.target                      ? 
_diffrn_source.type                        'DIAMOND BEAMLINE I03' 
_diffrn_source.voltage                     ? 
_diffrn_source.take-off_angle              ? 
_diffrn_source.pdbx_wavelength_list        0.97630 
_diffrn_source.pdbx_wavelength             ? 
_diffrn_source.pdbx_synchrotron_beamline   I03 
_diffrn_source.pdbx_synchrotron_site       Diamond 
# 
_reflns.B_iso_Wilson_estimate            8.260 
_reflns.entry_id                         6YQW 
_reflns.data_reduction_details           ? 
_reflns.data_reduction_method            ? 
_reflns.d_resolution_high                1.500 
_reflns.d_resolution_low                 27.980 
_reflns.details                          ? 
_reflns.limit_h_max                      ? 
_reflns.limit_h_min                      ? 
_reflns.limit_k_max                      ? 
_reflns.limit_k_min                      ? 
_reflns.limit_l_max                      ? 
_reflns.limit_l_min                      ? 
_reflns.number_all                       ? 
_reflns.number_obs                       17167 
_reflns.observed_criterion               ? 
_reflns.observed_criterion_F_max         ? 
_reflns.observed_criterion_F_min         ? 
_reflns.observed_criterion_I_max         ? 
_reflns.observed_criterion_I_min         ? 
_reflns.observed_criterion_sigma_F       ? 
_reflns.observed_criterion_sigma_I       ? 
_reflns.percent_possible_obs             94.300 
_reflns.R_free_details                   ? 
_reflns.Rmerge_F_all                     ? 
_reflns.Rmerge_F_obs                     ? 
_reflns.Friedel_coverage                 ? 
_reflns.number_gt                        ? 
_reflns.threshold_expression             ? 
_reflns.pdbx_redundancy                  1.700 
_reflns.pdbx_Rmerge_I_obs                ? 
_reflns.pdbx_Rmerge_I_all                ? 
_reflns.pdbx_Rsym_value                  0.095 
_reflns.pdbx_netI_over_av_sigmaI         3.800 
_reflns.pdbx_netI_over_sigmaI            5.500 
_reflns.pdbx_res_netI_over_av_sigmaI_2   ? 
_reflns.pdbx_res_netI_over_sigmaI_2      ? 
_reflns.pdbx_chi_squared                 ? 
_reflns.pdbx_scaling_rejects             ? 
_reflns.pdbx_d_res_high_opt              ? 
_reflns.pdbx_d_res_low_opt               ? 
_reflns.pdbx_d_res_opt_method            ? 
_reflns.phase_calculation_details        ? 
_reflns.pdbx_Rrim_I_all                  0.134 
_reflns.pdbx_Rpim_I_all                  0.095 
_reflns.pdbx_d_opt                       ? 
_reflns.pdbx_number_measured_all         ? 
_reflns.pdbx_diffrn_id                   1 
_reflns.pdbx_ordinal                     1 
_reflns.pdbx_CC_half                     ? 
_reflns.pdbx_CC_star                     ? 
_reflns.pdbx_R_split                     ? 
# 
loop_
_reflns_shell.d_res_high 
_reflns_shell.d_res_low 
_reflns_shell.meanI_over_sigI_all 
_reflns_shell.meanI_over_sigI_obs 
_reflns_shell.number_measured_all 
_reflns_shell.number_measured_obs 
_reflns_shell.number_possible 
_reflns_shell.number_unique_all 
_reflns_shell.number_unique_obs 
_reflns_shell.percent_possible_all 
_reflns_shell.percent_possible_obs 
_reflns_shell.Rmerge_F_all 
_reflns_shell.Rmerge_F_obs 
_reflns_shell.Rmerge_I_all 
_reflns_shell.Rmerge_I_obs 
_reflns_shell.meanI_over_sigI_gt 
_reflns_shell.meanI_over_uI_all 
_reflns_shell.meanI_over_uI_gt 
_reflns_shell.number_measured_gt 
_reflns_shell.number_unique_gt 
_reflns_shell.percent_possible_gt 
_reflns_shell.Rmerge_F_gt 
_reflns_shell.Rmerge_I_gt 
_reflns_shell.pdbx_redundancy 
_reflns_shell.pdbx_Rsym_value 
_reflns_shell.pdbx_chi_squared 
_reflns_shell.pdbx_netI_over_sigmaI_all 
_reflns_shell.pdbx_netI_over_sigmaI_obs 
_reflns_shell.pdbx_Rrim_I_all 
_reflns_shell.pdbx_Rpim_I_all 
_reflns_shell.pdbx_rejects 
_reflns_shell.pdbx_ordinal 
_reflns_shell.pdbx_diffrn_id 
_reflns_shell.pdbx_CC_half 
_reflns_shell.pdbx_CC_star 
_reflns_shell.pdbx_R_split 
1.500 1.580  ? 3.400  4211 ? ? ? 2490 92.800 ? ? ? ? 0.172 ? ? ? ? ? ? ? ? 1.700 0.172 ? ? 4.500 0.243 0.172 ? 1  1 ? ? ? 
1.580 1.680  ? 3.900  4151 ? ? ? 2343 93.600 ? ? ? ? 0.091 ? ? ? ? ? ? ? ? 1.800 0.091 ? ? 4.500 0.129 0.091 ? 2  1 ? ? ? 
1.680 1.790  ? 5.700  3723 ? ? ? 2205 93.500 ? ? ? ? 0.110 ? ? ? ? ? ? ? ? 1.700 0.110 ? ? 4.900 0.155 0.110 ? 3  1 ? ? ? 
1.790 1.940  ? 3.300  3524 ? ? ? 2060 93.700 ? ? ? ? 0.127 ? ? ? ? ? ? ? ? 1.700 0.127 ? ? 5.700 0.179 0.127 ? 4  1 ? ? ? 
1.940 2.120  ? 3.000  3433 ? ? ? 1929 94.600 ? ? ? ? 0.148 ? ? ? ? ? ? ? ? 1.800 0.148 ? ? 6.000 0.209 0.148 ? 5  1 ? ? ? 
2.120 2.370  ? 2.700  2969 ? ? ? 1739 95.900 ? ? ? ? 0.134 ? ? ? ? ? ? ? ? 1.700 0.134 ? ? 6.100 0.190 0.134 ? 6  1 ? ? ? 
2.370 2.740  ? 6.400  2746 ? ? ? 1562 96.500 ? ? ? ? 0.069 ? ? ? ? ? ? ? ? 1.800 0.069 ? ? 6.400 0.098 0.069 ? 7  1 ? ? ? 
2.740 3.350  ? 11.400 2271 ? ? ? 1322 97.200 ? ? ? ? 0.050 ? ? ? ? ? ? ? ? 1.700 0.050 ? ? 6.500 0.071 0.050 ? 8  1 ? ? ? 
3.350 4.740  ? 9.500  1742 ? ? ? 1011 96.100 ? ? ? ? 0.056 ? ? ? ? ? ? ? ? 1.700 0.056 ? ? 6.600 0.080 0.056 ? 9  1 ? ? ? 
4.740 27.975 ? 11.400 819  ? ? ? 506  88.500 ? ? ? ? 0.042 ? ? ? ? ? ? ? ? 1.600 0.042 ? ? 6.400 0.059 0.042 ? 10 1 ? ? ? 
# 
_refine.aniso_B[1][1]                            -0.1271 
_refine.aniso_B[1][2]                            -0.0696 
_refine.aniso_B[1][3]                            -1.0247 
_refine.aniso_B[2][2]                            -0.3296 
_refine.aniso_B[2][3]                            0.7635 
_refine.aniso_B[3][3]                            0.4566 
_refine.B_iso_max                                93.810 
_refine.B_iso_mean                               12.0000 
_refine.B_iso_min                                3.000 
_refine.correlation_coeff_Fo_to_Fc               0.8573 
_refine.correlation_coeff_Fo_to_Fc_free          0.8255 
_refine.details                                  ? 
_refine.diff_density_max                         ? 
_refine.diff_density_max_esd                     ? 
_refine.diff_density_min                         ? 
_refine.diff_density_min_esd                     ? 
_refine.diff_density_rms                         ? 
_refine.diff_density_rms_esd                     ? 
_refine.entry_id                                 6YQW 
_refine.pdbx_refine_id                           'X-RAY DIFFRACTION' 
_refine.ls_abs_structure_details                 ? 
_refine.ls_abs_structure_Flack                   ? 
_refine.ls_abs_structure_Flack_esd               ? 
_refine.ls_abs_structure_Rogers                  ? 
_refine.ls_abs_structure_Rogers_esd              ? 
_refine.ls_d_res_high                            1.5000 
_refine.ls_d_res_low                             27.9800 
_refine.ls_extinction_coef                       ? 
_refine.ls_extinction_coef_esd                   ? 
_refine.ls_extinction_expression                 ? 
_refine.ls_extinction_method                     ? 
_refine.ls_goodness_of_fit_all                   ? 
_refine.ls_goodness_of_fit_all_esd               ? 
_refine.ls_goodness_of_fit_obs                   ? 
_refine.ls_goodness_of_fit_obs_esd               ? 
_refine.ls_hydrogen_treatment                    ? 
_refine.ls_matrix_type                           ? 
_refine.ls_number_constraints                    ? 
_refine.ls_number_parameters                     ? 
_refine.ls_number_reflns_all                     ? 
_refine.ls_number_reflns_obs                     17133 
_refine.ls_number_reflns_R_free                  874 
_refine.ls_number_reflns_R_work                  ? 
_refine.ls_number_restraints                     ? 
_refine.ls_percent_reflns_obs                    94.1700 
_refine.ls_percent_reflns_R_free                 5.1000 
_refine.ls_R_factor_all                          ? 
_refine.ls_R_factor_obs                          0.2407 
_refine.ls_R_factor_R_free                       0.2763 
_refine.ls_R_factor_R_free_error                 ? 
_refine.ls_R_factor_R_free_error_details         ? 
_refine.ls_R_factor_R_work                       0.2388 
_refine.ls_R_Fsqd_factor_obs                     ? 
_refine.ls_R_I_factor_obs                        ? 
_refine.ls_redundancy_reflns_all                 ? 
_refine.ls_redundancy_reflns_obs                 ? 
_refine.ls_restrained_S_all                      ? 
_refine.ls_restrained_S_obs                      ? 
_refine.ls_shift_over_esd_max                    ? 
_refine.ls_shift_over_esd_mean                   ? 
_refine.ls_structure_factor_coef                 ? 
_refine.ls_weighting_details                     ? 
_refine.ls_weighting_scheme                      ? 
_refine.ls_wR_factor_all                         ? 
_refine.ls_wR_factor_obs                         ? 
_refine.ls_wR_factor_R_free                      ? 
_refine.ls_wR_factor_R_work                      ? 
_refine.occupancy_max                            ? 
_refine.occupancy_min                            ? 
_refine.solvent_model_details                    ? 
_refine.solvent_model_param_bsol                 ? 
_refine.solvent_model_param_ksol                 ? 
_refine.pdbx_R_complete                          ? 
_refine.ls_R_factor_gt                           ? 
_refine.ls_goodness_of_fit_gt                    ? 
_refine.ls_goodness_of_fit_ref                   ? 
_refine.ls_shift_over_su_max                     ? 
_refine.ls_shift_over_su_max_lt                  ? 
_refine.ls_shift_over_su_mean                    ? 
_refine.ls_shift_over_su_mean_lt                 ? 
_refine.pdbx_ls_sigma_I                          ? 
_refine.pdbx_ls_sigma_F                          0.000 
_refine.pdbx_ls_sigma_Fsqd                       ? 
_refine.pdbx_data_cutoff_high_absF               ? 
_refine.pdbx_data_cutoff_high_rms_absF           ? 
_refine.pdbx_data_cutoff_low_absF                ? 
_refine.pdbx_isotropic_thermal_model             ? 
_refine.pdbx_ls_cross_valid_method               THROUGHOUT 
_refine.pdbx_method_to_determine_struct          'MOLECULAR REPLACEMENT' 
_refine.pdbx_starting_model                      'In house model' 
_refine.pdbx_stereochemistry_target_values       ? 
_refine.pdbx_R_Free_selection_details            RANDOM 
_refine.pdbx_stereochem_target_val_spec_case     ? 
_refine.pdbx_overall_ESU_R                       ? 
_refine.pdbx_overall_ESU_R_Free                  ? 
_refine.pdbx_solvent_vdw_probe_radii             ? 
_refine.pdbx_solvent_ion_probe_radii             ? 
_refine.pdbx_solvent_shrinkage_radii             ? 
_refine.pdbx_real_space_R                        ? 
_refine.pdbx_density_correlation                 ? 
_refine.pdbx_pd_number_of_powder_patterns        ? 
_refine.pdbx_pd_number_of_points                 ? 
_refine.pdbx_pd_meas_number_of_points            ? 
_refine.pdbx_pd_proc_ls_prof_R_factor            ? 
_refine.pdbx_pd_proc_ls_prof_wR_factor           ? 
_refine.pdbx_pd_Marquardt_correlation_coeff      ? 
_refine.pdbx_pd_Fsqrd_R_factor                   ? 
_refine.pdbx_pd_ls_matrix_band_width             ? 
_refine.pdbx_overall_phase_error                 ? 
_refine.pdbx_overall_SU_R_free_Cruickshank_DPI   0.1050 
_refine.pdbx_overall_SU_R_free_Blow_DPI          0.1110 
_refine.pdbx_overall_SU_R_Blow_DPI               0.1140 
_refine.pdbx_TLS_residual_ADP_flag               ? 
_refine.pdbx_diffrn_id                           1 
_refine.overall_SU_B                             ? 
_refine.overall_SU_ML                            ? 
_refine.overall_SU_R_Cruickshank_DPI             0.1040 
_refine.overall_SU_R_free                        ? 
_refine.overall_FOM_free_R_set                   ? 
_refine.overall_FOM_work_R_set                   ? 
_refine.pdbx_average_fsc_overall                 ? 
_refine.pdbx_average_fsc_work                    ? 
_refine.pdbx_average_fsc_free                    ? 
# 
_refine_analyze.entry_id                        6YQW 
_refine_analyze.pdbx_refine_id                  'X-RAY DIFFRACTION' 
_refine_analyze.Luzzati_coordinate_error_free   ? 
_refine_analyze.Luzzati_coordinate_error_obs    0.264 
_refine_analyze.Luzzati_d_res_low_free          ? 
_refine_analyze.Luzzati_d_res_low_obs           ? 
_refine_analyze.Luzzati_sigma_a_free            ? 
_refine_analyze.Luzzati_sigma_a_free_details    ? 
_refine_analyze.Luzzati_sigma_a_obs             ? 
_refine_analyze.Luzzati_sigma_a_obs_details     ? 
_refine_analyze.number_disordered_residues      ? 
_refine_analyze.occupancy_sum_hydrogen          ? 
_refine_analyze.occupancy_sum_non_hydrogen      ? 
_refine_analyze.RG_d_res_high                   ? 
_refine_analyze.RG_d_res_low                    ? 
_refine_analyze.RG_free                         ? 
_refine_analyze.RG_work                         ? 
_refine_analyze.RG_free_work_ratio              ? 
_refine_analyze.pdbx_Luzzati_d_res_high_obs     ? 
# 
_refine_hist.pdbx_refine_id                   'X-RAY DIFFRACTION' 
_refine_hist.cycle_id                         final 
_refine_hist.details                          ? 
_refine_hist.d_res_high                       1.5000 
_refine_hist.d_res_low                        27.9800 
_refine_hist.number_atoms_solvent             208 
_refine_hist.number_atoms_total               1040 
_refine_hist.number_reflns_all                ? 
_refine_hist.number_reflns_obs                ? 
_refine_hist.number_reflns_R_free             ? 
_refine_hist.number_reflns_R_work             ? 
_refine_hist.R_factor_all                     ? 
_refine_hist.R_factor_obs                     ? 
_refine_hist.R_factor_R_free                  ? 
_refine_hist.R_factor_R_work                  ? 
_refine_hist.pdbx_number_residues_total       101 
_refine_hist.pdbx_B_iso_mean_ligand           6.25 
_refine_hist.pdbx_B_iso_mean_solvent          23.89 
_refine_hist.pdbx_number_atoms_protein        821 
_refine_hist.pdbx_number_atoms_nucleic_acid   0 
_refine_hist.pdbx_number_atoms_ligand         11 
_refine_hist.pdbx_number_atoms_lipid          ? 
_refine_hist.pdbx_number_atoms_carb           ? 
_refine_hist.pdbx_pseudo_atom_details         ? 
# 
_refine_ls_shell.pdbx_refine_id                   'X-RAY DIFFRACTION' 
_refine_ls_shell.d_res_high                       1.5000 
_refine_ls_shell.d_res_low                        1.5900 
_refine_ls_shell.number_reflns_all                2705 
_refine_ls_shell.number_reflns_obs                ? 
_refine_ls_shell.number_reflns_R_free             134 
_refine_ls_shell.number_reflns_R_work             2571 
_refine_ls_shell.percent_reflns_obs               94.1700 
_refine_ls_shell.percent_reflns_R_free            4.9500 
_refine_ls_shell.R_factor_all                     0.3748 
_refine_ls_shell.R_factor_obs                     ? 
_refine_ls_shell.R_factor_R_free                  0.4116 
_refine_ls_shell.R_factor_R_free_error            0.0000 
_refine_ls_shell.R_factor_R_work                  0.3730 
_refine_ls_shell.redundancy_reflns_all            ? 
_refine_ls_shell.redundancy_reflns_obs            ? 
_refine_ls_shell.wR_factor_all                    ? 
_refine_ls_shell.wR_factor_obs                    ? 
_refine_ls_shell.wR_factor_R_free                 ? 
_refine_ls_shell.wR_factor_R_work                 ? 
_refine_ls_shell.pdbx_R_complete                  ? 
_refine_ls_shell.pdbx_total_number_of_bins_used   9 
_refine_ls_shell.pdbx_phase_error                 ? 
_refine_ls_shell.pdbx_fsc_work                    ? 
_refine_ls_shell.pdbx_fsc_free                    ? 
# 
_struct.entry_id                     6YQW 
_struct.title                        'BRD9 with 4-chloro-2-methyl-methylamino-pyridazinone' 
_struct.pdbx_model_details           ? 
_struct.pdbx_formula_weight          ? 
_struct.pdbx_formula_weight_method   ? 
_struct.pdbx_model_type_details      ? 
_struct.pdbx_CASP_flag               N 
# 
_struct_keywords.entry_id        6YQW 
_struct_keywords.text            'BRD9, INHIBITOR, HISTONE, EPIGENETIC READER, BROMODOMAIN, TRANSCRIPTION' 
_struct_keywords.pdbx_keywords   TRANSCRIPTION 
# 
loop_
_struct_asym.id 
_struct_asym.pdbx_blank_PDB_chainid_flag 
_struct_asym.pdbx_modified 
_struct_asym.entity_id 
_struct_asym.details 
A N N 1 ? 
B N N 2 ? 
C N N 3 ? 
# 
_struct_ref.id                         1 
_struct_ref.db_name                    UNP 
_struct_ref.db_code                    BRD9_HUMAN 
_struct_ref.pdbx_db_accession          Q9H8M2 
_struct_ref.pdbx_db_isoform            ? 
_struct_ref.entity_id                  1 
_struct_ref.pdbx_seq_one_letter_code   
;AENESTPIQQLLEHFLRQLQRKDPHGFFAFPVTDAIAPGYSMIIKHPMDFGTMKDKIVANEYKSVTEFKADFKLMCDNAM
TYNRPDTVYYKLAKKILHAGFKMMS
;
_struct_ref.pdbx_align_begin           134 
# 
_struct_ref_seq.align_id                      1 
_struct_ref_seq.ref_id                        1 
_struct_ref_seq.pdbx_PDB_id_code              6YQW 
_struct_ref_seq.pdbx_strand_id                A 
_struct_ref_seq.seq_align_beg                 2 
_struct_ref_seq.pdbx_seq_align_beg_ins_code   ? 
_struct_ref_seq.seq_align_end                 106 
_struct_ref_seq.pdbx_seq_align_end_ins_code   ? 
_struct_ref_seq.pdbx_db_accession             Q9H8M2 
_struct_ref_seq.db_align_beg                  134 
_struct_ref_seq.pdbx_db_align_beg_ins_code    ? 
_struct_ref_seq.db_align_end                  238 
_struct_ref_seq.pdbx_db_align_end_ins_code    ? 
_struct_ref_seq.pdbx_auth_seq_align_beg       18 
_struct_ref_seq.pdbx_auth_seq_align_end       122 
# 
_struct_ref_seq_dif.align_id                     1 
_struct_ref_seq_dif.pdbx_pdb_id_code             6YQW 
_struct_ref_seq_dif.mon_id                       GLY 
_struct_ref_seq_dif.pdbx_pdb_strand_id           A 
_struct_ref_seq_dif.seq_num                      1 
_struct_ref_seq_dif.pdbx_pdb_ins_code            ? 
_struct_ref_seq_dif.pdbx_seq_db_name             UNP 
_struct_ref_seq_dif.pdbx_seq_db_accession_code   Q9H8M2 
_struct_ref_seq_dif.db_mon_id                    ? 
_struct_ref_seq_dif.pdbx_seq_db_seq_num          ? 
_struct_ref_seq_dif.details                      'expression tag' 
_struct_ref_seq_dif.pdbx_auth_seq_num            17 
_struct_ref_seq_dif.pdbx_ordinal                 1 
# 
_pdbx_struct_assembly.id                   1 
_pdbx_struct_assembly.details              author_and_software_defined_assembly 
_pdbx_struct_assembly.method_details       PISA 
_pdbx_struct_assembly.oligomeric_details   monomeric 
_pdbx_struct_assembly.oligomeric_count     1 
# 
loop_
_pdbx_struct_assembly_prop.biol_id 
_pdbx_struct_assembly_prop.type 
_pdbx_struct_assembly_prop.value 
_pdbx_struct_assembly_prop.details 
1 'ABSA (A^2)' 0    ? 
1 MORE         0    ? 
1 'SSA (A^2)'  6130 ? 
# 
_pdbx_struct_assembly_gen.assembly_id       1 
_pdbx_struct_assembly_gen.oper_expression   1 
_pdbx_struct_assembly_gen.asym_id_list      A,B,C 
# 
_pdbx_struct_assembly_auth_evidence.id                     1 
_pdbx_struct_assembly_auth_evidence.assembly_id            1 
_pdbx_struct_assembly_auth_evidence.experimental_support   'gel filtration' 
_pdbx_struct_assembly_auth_evidence.details                ? 
# 
_pdbx_struct_oper_list.id                   1 
_pdbx_struct_oper_list.type                 'identity operation' 
_pdbx_struct_oper_list.name                 1_555 
_pdbx_struct_oper_list.symmetry_operation   x,y,z 
_pdbx_struct_oper_list.matrix[1][1]         1.0000000000 
_pdbx_struct_oper_list.matrix[1][2]         0.0000000000 
_pdbx_struct_oper_list.matrix[1][3]         0.0000000000 
_pdbx_struct_oper_list.vector[1]            0.0000000000 
_pdbx_struct_oper_list.matrix[2][1]         0.0000000000 
_pdbx_struct_oper_list.matrix[2][2]         1.0000000000 
_pdbx_struct_oper_list.matrix[2][3]         0.0000000000 
_pdbx_struct_oper_list.vector[2]            0.0000000000 
_pdbx_struct_oper_list.matrix[3][1]         0.0000000000 
_pdbx_struct_oper_list.matrix[3][2]         0.0000000000 
_pdbx_struct_oper_list.matrix[3][3]         1.0000000000 
_pdbx_struct_oper_list.vector[3]            0.0000000000 
# 
loop_
_struct_conf.conf_type_id 
_struct_conf.id 
_struct_conf.pdbx_PDB_helix_id 
_struct_conf.beg_label_comp_id 
_struct_conf.beg_label_asym_id 
_struct_conf.beg_label_seq_id 
_struct_conf.pdbx_beg_PDB_ins_code 
_struct_conf.end_label_comp_id 
_struct_conf.end_label_asym_id 
_struct_conf.end_label_seq_id 
_struct_conf.pdbx_end_PDB_ins_code 
_struct_conf.beg_auth_comp_id 
_struct_conf.beg_auth_asym_id 
_struct_conf.beg_auth_seq_id 
_struct_conf.end_auth_comp_id 
_struct_conf.end_auth_asym_id 
_struct_conf.end_auth_seq_id 
_struct_conf.pdbx_PDB_helix_class 
_struct_conf.details 
_struct_conf.pdbx_PDB_helix_length 
HELX_P HELX_P1 AA1 THR A 7  ? LYS A 23  ? THR A 23  LYS A 39  1 ? 17 
HELX_P HELX_P2 AA2 GLY A 40 ? ILE A 45  ? GLY A 56  ILE A 61  1 ? 6  
HELX_P HELX_P3 AA3 ASP A 50 ? ALA A 60  ? ASP A 66  ALA A 76  1 ? 11 
HELX_P HELX_P4 AA4 SER A 65 ? ASN A 84  ? SER A 81  ASN A 100 1 ? 20 
HELX_P HELX_P5 AA5 THR A 88 ? SER A 106 ? THR A 104 SER A 122 1 ? 19 
# 
_struct_conf_type.id          HELX_P 
_struct_conf_type.criteria    ? 
_struct_conf_type.reference   ? 
# 
_struct_site.id                   AC1 
_struct_site.pdbx_evidence_code   Software 
_struct_site.pdbx_auth_asym_id    A 
_struct_site.pdbx_auth_comp_id    82I 
_struct_site.pdbx_auth_seq_id     201 
_struct_site.pdbx_auth_ins_code   ? 
_struct_site.pdbx_num_residues    9 
_struct_site.details              'binding site for residue 82I A 201' 
# 
loop_
_struct_site_gen.id 
_struct_site_gen.site_id 
_struct_site_gen.pdbx_num_res 
_struct_site_gen.label_comp_id 
_struct_site_gen.label_asym_id 
_struct_site_gen.label_seq_id 
_struct_site_gen.pdbx_auth_ins_code 
_struct_site_gen.auth_comp_id 
_struct_site_gen.auth_asym_id 
_struct_site_gen.auth_seq_id 
_struct_site_gen.label_atom_id 
_struct_site_gen.label_alt_id 
_struct_site_gen.symmetry 
_struct_site_gen.details 
1 AC1 9 PHE A 28 ? PHE A 44  . ? 1_555 ? 
2 AC1 9 PHE A 29 ? PHE A 45  . ? 1_555 ? 
3 AC1 9 VAL A 33 ? VAL A 49  . ? 1_555 ? 
4 AC1 9 ILE A 37 ? ILE A 53  . ? 1_555 ? 
5 AC1 9 ALA A 38 ? ALA A 54  . ? 1_555 ? 
6 AC1 9 TYR A 83 ? TYR A 99  . ? 1_555 ? 
7 AC1 9 ASN A 84 ? ASN A 100 . ? 1_555 ? 
8 AC1 9 TYR A 90 ? TYR A 106 . ? 1_555 ? 
9 AC1 9 HOH C .  ? HOH A 311 . ? 1_555 ? 
# 
_pdbx_entry_details.entry_id                 6YQW 
_pdbx_entry_details.has_ligand_of_interest   Y 
_pdbx_entry_details.compound_details         ? 
_pdbx_entry_details.source_details           ? 
_pdbx_entry_details.nonpolymer_details       ? 
_pdbx_entry_details.sequence_details         ? 
# 
loop_
_pdbx_distant_solvent_atoms.id 
_pdbx_distant_solvent_atoms.PDB_model_num 
_pdbx_distant_solvent_atoms.auth_atom_id 
_pdbx_distant_solvent_atoms.label_alt_id 
_pdbx_distant_solvent_atoms.auth_asym_id 
_pdbx_distant_solvent_atoms.auth_comp_id 
_pdbx_distant_solvent_atoms.auth_seq_id 
_pdbx_distant_solvent_atoms.PDB_ins_code 
_pdbx_distant_solvent_atoms.neighbor_macromolecule_distance 
_pdbx_distant_solvent_atoms.neighbor_ligand_distance 
1 1 O ? A HOH 505 ? 6.05 . 
2 1 O ? A HOH 506 ? 6.09 . 
3 1 O ? A HOH 507 ? 6.35 . 
4 1 O ? A HOH 508 ? 8.13 . 
# 
loop_
_pdbx_unobs_or_zero_occ_residues.id 
_pdbx_unobs_or_zero_occ_residues.PDB_model_num 
_pdbx_unobs_or_zero_occ_residues.polymer_flag 
_pdbx_unobs_or_zero_occ_residues.occupancy_flag 
_pdbx_unobs_or_zero_occ_residues.auth_asym_id 
_pdbx_unobs_or_zero_occ_residues.auth_comp_id 
_pdbx_unobs_or_zero_occ_residues.auth_seq_id 
_pdbx_unobs_or_zero_occ_residues.PDB_ins_code 
_pdbx_unobs_or_zero_occ_residues.label_asym_id 
_pdbx_unobs_or_zero_occ_residues.label_comp_id 
_pdbx_unobs_or_zero_occ_residues.label_seq_id 
1 1 Y 1 A GLY 17 ? A GLY 1 
2 1 Y 1 A ALA 18 ? A ALA 2 
3 1 Y 1 A GLU 19 ? A GLU 3 
4 1 Y 1 A ASN 20 ? A ASN 4 
5 1 Y 1 A GLU 21 ? A GLU 5 
# 
loop_
_chem_comp_atom.comp_id 
_chem_comp_atom.atom_id 
_chem_comp_atom.type_symbol 
_chem_comp_atom.pdbx_aromatic_flag 
_chem_comp_atom.pdbx_stereo_config 
_chem_comp_atom.pdbx_ordinal 
82I C01  C  N N 1   
82I N05  N  N N 2   
82I C07  C  N N 3   
82I C08  C  N N 4   
82I N10  N  N N 5   
82I N11  N  N N 6   
82I C12  C  N N 7   
82I C16  C  N N 8   
82I O17  O  N N 9   
82I C18  C  N N 10  
82I CL1  CL N N 11  
82I H1   H  N N 12  
82I H2   H  N N 13  
82I H3   H  N N 14  
82I H4   H  N N 15  
82I H5   H  N N 16  
82I H6   H  N N 17  
82I H7   H  N N 18  
82I H9   H  N N 19  
ALA N    N  N N 20  
ALA CA   C  N S 21  
ALA C    C  N N 22  
ALA O    O  N N 23  
ALA CB   C  N N 24  
ALA OXT  O  N N 25  
ALA H    H  N N 26  
ALA H2   H  N N 27  
ALA HA   H  N N 28  
ALA HB1  H  N N 29  
ALA HB2  H  N N 30  
ALA HB3  H  N N 31  
ALA HXT  H  N N 32  
ARG N    N  N N 33  
ARG CA   C  N S 34  
ARG C    C  N N 35  
ARG O    O  N N 36  
ARG CB   C  N N 37  
ARG CG   C  N N 38  
ARG CD   C  N N 39  
ARG NE   N  N N 40  
ARG CZ   C  N N 41  
ARG NH1  N  N N 42  
ARG NH2  N  N N 43  
ARG OXT  O  N N 44  
ARG H    H  N N 45  
ARG H2   H  N N 46  
ARG HA   H  N N 47  
ARG HB2  H  N N 48  
ARG HB3  H  N N 49  
ARG HG2  H  N N 50  
ARG HG3  H  N N 51  
ARG HD2  H  N N 52  
ARG HD3  H  N N 53  
ARG HE   H  N N 54  
ARG HH11 H  N N 55  
ARG HH12 H  N N 56  
ARG HH21 H  N N 57  
ARG HH22 H  N N 58  
ARG HXT  H  N N 59  
ASN N    N  N N 60  
ASN CA   C  N S 61  
ASN C    C  N N 62  
ASN O    O  N N 63  
ASN CB   C  N N 64  
ASN CG   C  N N 65  
ASN OD1  O  N N 66  
ASN ND2  N  N N 67  
ASN OXT  O  N N 68  
ASN H    H  N N 69  
ASN H2   H  N N 70  
ASN HA   H  N N 71  
ASN HB2  H  N N 72  
ASN HB3  H  N N 73  
ASN HD21 H  N N 74  
ASN HD22 H  N N 75  
ASN HXT  H  N N 76  
ASP N    N  N N 77  
ASP CA   C  N S 78  
ASP C    C  N N 79  
ASP O    O  N N 80  
ASP CB   C  N N 81  
ASP CG   C  N N 82  
ASP OD1  O  N N 83  
ASP OD2  O  N N 84  
ASP OXT  O  N N 85  
ASP H    H  N N 86  
ASP H2   H  N N 87  
ASP HA   H  N N 88  
ASP HB2  H  N N 89  
ASP HB3  H  N N 90  
ASP HD2  H  N N 91  
ASP HXT  H  N N 92  
CYS N    N  N N 93  
CYS CA   C  N R 94  
CYS C    C  N N 95  
CYS O    O  N N 96  
CYS CB   C  N N 97  
CYS SG   S  N N 98  
CYS OXT  O  N N 99  
CYS H    H  N N 100 
CYS H2   H  N N 101 
CYS HA   H  N N 102 
CYS HB2  H  N N 103 
CYS HB3  H  N N 104 
CYS HG   H  N N 105 
CYS HXT  H  N N 106 
GLN N    N  N N 107 
GLN CA   C  N S 108 
GLN C    C  N N 109 
GLN O    O  N N 110 
GLN CB   C  N N 111 
GLN CG   C  N N 112 
GLN CD   C  N N 113 
GLN OE1  O  N N 114 
GLN NE2  N  N N 115 
GLN OXT  O  N N 116 
GLN H    H  N N 117 
GLN H2   H  N N 118 
GLN HA   H  N N 119 
GLN HB2  H  N N 120 
GLN HB3  H  N N 121 
GLN HG2  H  N N 122 
GLN HG3  H  N N 123 
GLN HE21 H  N N 124 
GLN HE22 H  N N 125 
GLN HXT  H  N N 126 
GLU N    N  N N 127 
GLU CA   C  N S 128 
GLU C    C  N N 129 
GLU O    O  N N 130 
GLU CB   C  N N 131 
GLU CG   C  N N 132 
GLU CD   C  N N 133 
GLU OE1  O  N N 134 
GLU OE2  O  N N 135 
GLU OXT  O  N N 136 
GLU H    H  N N 137 
GLU H2   H  N N 138 
GLU HA   H  N N 139 
GLU HB2  H  N N 140 
GLU HB3  H  N N 141 
GLU HG2  H  N N 142 
GLU HG3  H  N N 143 
GLU HE2  H  N N 144 
GLU HXT  H  N N 145 
GLY N    N  N N 146 
GLY CA   C  N N 147 
GLY C    C  N N 148 
GLY O    O  N N 149 
GLY OXT  O  N N 150 
GLY H    H  N N 151 
GLY H2   H  N N 152 
GLY HA2  H  N N 153 
GLY HA3  H  N N 154 
GLY HXT  H  N N 155 
HIS N    N  N N 156 
HIS CA   C  N S 157 
HIS C    C  N N 158 
HIS O    O  N N 159 
HIS CB   C  N N 160 
HIS CG   C  Y N 161 
HIS ND1  N  Y N 162 
HIS CD2  C  Y N 163 
HIS CE1  C  Y N 164 
HIS NE2  N  Y N 165 
HIS OXT  O  N N 166 
HIS H    H  N N 167 
HIS H2   H  N N 168 
HIS HA   H  N N 169 
HIS HB2  H  N N 170 
HIS HB3  H  N N 171 
HIS HD1  H  N N 172 
HIS HD2  H  N N 173 
HIS HE1  H  N N 174 
HIS HE2  H  N N 175 
HIS HXT  H  N N 176 
HOH O    O  N N 177 
HOH H1   H  N N 178 
HOH H2   H  N N 179 
ILE N    N  N N 180 
ILE CA   C  N S 181 
ILE C    C  N N 182 
ILE O    O  N N 183 
ILE CB   C  N S 184 
ILE CG1  C  N N 185 
ILE CG2  C  N N 186 
ILE CD1  C  N N 187 
ILE OXT  O  N N 188 
ILE H    H  N N 189 
ILE H2   H  N N 190 
ILE HA   H  N N 191 
ILE HB   H  N N 192 
ILE HG12 H  N N 193 
ILE HG13 H  N N 194 
ILE HG21 H  N N 195 
ILE HG22 H  N N 196 
ILE HG23 H  N N 197 
ILE HD11 H  N N 198 
ILE HD12 H  N N 199 
ILE HD13 H  N N 200 
ILE HXT  H  N N 201 
LEU N    N  N N 202 
LEU CA   C  N S 203 
LEU C    C  N N 204 
LEU O    O  N N 205 
LEU CB   C  N N 206 
LEU CG   C  N N 207 
LEU CD1  C  N N 208 
LEU CD2  C  N N 209 
LEU OXT  O  N N 210 
LEU H    H  N N 211 
LEU H2   H  N N 212 
LEU HA   H  N N 213 
LEU HB2  H  N N 214 
LEU HB3  H  N N 215 
LEU HG   H  N N 216 
LEU HD11 H  N N 217 
LEU HD12 H  N N 218 
LEU HD13 H  N N 219 
LEU HD21 H  N N 220 
LEU HD22 H  N N 221 
LEU HD23 H  N N 222 
LEU HXT  H  N N 223 
LYS N    N  N N 224 
LYS CA   C  N S 225 
LYS C    C  N N 226 
LYS O    O  N N 227 
LYS CB   C  N N 228 
LYS CG   C  N N 229 
LYS CD   C  N N 230 
LYS CE   C  N N 231 
LYS NZ   N  N N 232 
LYS OXT  O  N N 233 
LYS H    H  N N 234 
LYS H2   H  N N 235 
LYS HA   H  N N 236 
LYS HB2  H  N N 237 
LYS HB3  H  N N 238 
LYS HG2  H  N N 239 
LYS HG3  H  N N 240 
LYS HD2  H  N N 241 
LYS HD3  H  N N 242 
LYS HE2  H  N N 243 
LYS HE3  H  N N 244 
LYS HZ1  H  N N 245 
LYS HZ2  H  N N 246 
LYS HZ3  H  N N 247 
LYS HXT  H  N N 248 
MET N    N  N N 249 
MET CA   C  N S 250 
MET C    C  N N 251 
MET O    O  N N 252 
MET CB   C  N N 253 
MET CG   C  N N 254 
MET SD   S  N N 255 
MET CE   C  N N 256 
MET OXT  O  N N 257 
MET H    H  N N 258 
MET H2   H  N N 259 
MET HA   H  N N 260 
MET HB2  H  N N 261 
MET HB3  H  N N 262 
MET HG2  H  N N 263 
MET HG3  H  N N 264 
MET HE1  H  N N 265 
MET HE2  H  N N 266 
MET HE3  H  N N 267 
MET HXT  H  N N 268 
PHE N    N  N N 269 
PHE CA   C  N S 270 
PHE C    C  N N 271 
PHE O    O  N N 272 
PHE CB   C  N N 273 
PHE CG   C  Y N 274 
PHE CD1  C  Y N 275 
PHE CD2  C  Y N 276 
PHE CE1  C  Y N 277 
PHE CE2  C  Y N 278 
PHE CZ   C  Y N 279 
PHE OXT  O  N N 280 
PHE H    H  N N 281 
PHE H2   H  N N 282 
PHE HA   H  N N 283 
PHE HB2  H  N N 284 
PHE HB3  H  N N 285 
PHE HD1  H  N N 286 
PHE HD2  H  N N 287 
PHE HE1  H  N N 288 
PHE HE2  H  N N 289 
PHE HZ   H  N N 290 
PHE HXT  H  N N 291 
PRO N    N  N N 292 
PRO CA   C  N S 293 
PRO C    C  N N 294 
PRO O    O  N N 295 
PRO CB   C  N N 296 
PRO CG   C  N N 297 
PRO CD   C  N N 298 
PRO OXT  O  N N 299 
PRO H    H  N N 300 
PRO HA   H  N N 301 
PRO HB2  H  N N 302 
PRO HB3  H  N N 303 
PRO HG2  H  N N 304 
PRO HG3  H  N N 305 
PRO HD2  H  N N 306 
PRO HD3  H  N N 307 
PRO HXT  H  N N 308 
SER N    N  N N 309 
SER CA   C  N S 310 
SER C    C  N N 311 
SER O    O  N N 312 
SER CB   C  N N 313 
SER OG   O  N N 314 
SER OXT  O  N N 315 
SER H    H  N N 316 
SER H2   H  N N 317 
SER HA   H  N N 318 
SER HB2  H  N N 319 
SER HB3  H  N N 320 
SER HG   H  N N 321 
SER HXT  H  N N 322 
THR N    N  N N 323 
THR CA   C  N S 324 
THR C    C  N N 325 
THR O    O  N N 326 
THR CB   C  N R 327 
THR OG1  O  N N 328 
THR CG2  C  N N 329 
THR OXT  O  N N 330 
THR H    H  N N 331 
THR H2   H  N N 332 
THR HA   H  N N 333 
THR HB   H  N N 334 
THR HG1  H  N N 335 
THR HG21 H  N N 336 
THR HG22 H  N N 337 
THR HG23 H  N N 338 
THR HXT  H  N N 339 
TYR N    N  N N 340 
TYR CA   C  N S 341 
TYR C    C  N N 342 
TYR O    O  N N 343 
TYR CB   C  N N 344 
TYR CG   C  Y N 345 
TYR CD1  C  Y N 346 
TYR CD2  C  Y N 347 
TYR CE1  C  Y N 348 
TYR CE2  C  Y N 349 
TYR CZ   C  Y N 350 
TYR OH   O  N N 351 
TYR OXT  O  N N 352 
TYR H    H  N N 353 
TYR H2   H  N N 354 
TYR HA   H  N N 355 
TYR HB2  H  N N 356 
TYR HB3  H  N N 357 
TYR HD1  H  N N 358 
TYR HD2  H  N N 359 
TYR HE1  H  N N 360 
TYR HE2  H  N N 361 
TYR HH   H  N N 362 
TYR HXT  H  N N 363 
VAL N    N  N N 364 
VAL CA   C  N S 365 
VAL C    C  N N 366 
VAL O    O  N N 367 
VAL CB   C  N N 368 
VAL CG1  C  N N 369 
VAL CG2  C  N N 370 
VAL OXT  O  N N 371 
VAL H    H  N N 372 
VAL H2   H  N N 373 
VAL HA   H  N N 374 
VAL HB   H  N N 375 
VAL HG11 H  N N 376 
VAL HG12 H  N N 377 
VAL HG13 H  N N 378 
VAL HG21 H  N N 379 
VAL HG22 H  N N 380 
VAL HG23 H  N N 381 
VAL HXT  H  N N 382 
# 
loop_
_chem_comp_bond.comp_id 
_chem_comp_bond.atom_id_1 
_chem_comp_bond.atom_id_2 
_chem_comp_bond.value_order 
_chem_comp_bond.pdbx_aromatic_flag 
_chem_comp_bond.pdbx_stereo_config 
_chem_comp_bond.pdbx_ordinal 
82I C12 N11  sing N N 1   
82I O17 C16  doub N N 2   
82I N11 C16  sing N N 3   
82I N11 N10  sing N N 4   
82I C16 C18  sing N N 5   
82I N10 C08  doub N N 6   
82I C18 CL1  sing N N 7   
82I C18 C07  doub N N 8   
82I C08 C07  sing N N 9   
82I C07 N05  sing N N 10  
82I N05 C01  sing N N 11  
82I C01 H1   sing N N 12  
82I C01 H2   sing N N 13  
82I C01 H3   sing N N 14  
82I C08 H4   sing N N 15  
82I C12 H5   sing N N 16  
82I C12 H6   sing N N 17  
82I C12 H7   sing N N 18  
82I N05 H9   sing N N 19  
ALA N   CA   sing N N 20  
ALA N   H    sing N N 21  
ALA N   H2   sing N N 22  
ALA CA  C    sing N N 23  
ALA CA  CB   sing N N 24  
ALA CA  HA   sing N N 25  
ALA C   O    doub N N 26  
ALA C   OXT  sing N N 27  
ALA CB  HB1  sing N N 28  
ALA CB  HB2  sing N N 29  
ALA CB  HB3  sing N N 30  
ALA OXT HXT  sing N N 31  
ARG N   CA   sing N N 32  
ARG N   H    sing N N 33  
ARG N   H2   sing N N 34  
ARG CA  C    sing N N 35  
ARG CA  CB   sing N N 36  
ARG CA  HA   sing N N 37  
ARG C   O    doub N N 38  
ARG C   OXT  sing N N 39  
ARG CB  CG   sing N N 40  
ARG CB  HB2  sing N N 41  
ARG CB  HB3  sing N N 42  
ARG CG  CD   sing N N 43  
ARG CG  HG2  sing N N 44  
ARG CG  HG3  sing N N 45  
ARG CD  NE   sing N N 46  
ARG CD  HD2  sing N N 47  
ARG CD  HD3  sing N N 48  
ARG NE  CZ   sing N N 49  
ARG NE  HE   sing N N 50  
ARG CZ  NH1  sing N N 51  
ARG CZ  NH2  doub N N 52  
ARG NH1 HH11 sing N N 53  
ARG NH1 HH12 sing N N 54  
ARG NH2 HH21 sing N N 55  
ARG NH2 HH22 sing N N 56  
ARG OXT HXT  sing N N 57  
ASN N   CA   sing N N 58  
ASN N   H    sing N N 59  
ASN N   H2   sing N N 60  
ASN CA  C    sing N N 61  
ASN CA  CB   sing N N 62  
ASN CA  HA   sing N N 63  
ASN C   O    doub N N 64  
ASN C   OXT  sing N N 65  
ASN CB  CG   sing N N 66  
ASN CB  HB2  sing N N 67  
ASN CB  HB3  sing N N 68  
ASN CG  OD1  doub N N 69  
ASN CG  ND2  sing N N 70  
ASN ND2 HD21 sing N N 71  
ASN ND2 HD22 sing N N 72  
ASN OXT HXT  sing N N 73  
ASP N   CA   sing N N 74  
ASP N   H    sing N N 75  
ASP N   H2   sing N N 76  
ASP CA  C    sing N N 77  
ASP CA  CB   sing N N 78  
ASP CA  HA   sing N N 79  
ASP C   O    doub N N 80  
ASP C   OXT  sing N N 81  
ASP CB  CG   sing N N 82  
ASP CB  HB2  sing N N 83  
ASP CB  HB3  sing N N 84  
ASP CG  OD1  doub N N 85  
ASP CG  OD2  sing N N 86  
ASP OD2 HD2  sing N N 87  
ASP OXT HXT  sing N N 88  
CYS N   CA   sing N N 89  
CYS N   H    sing N N 90  
CYS N   H2   sing N N 91  
CYS CA  C    sing N N 92  
CYS CA  CB   sing N N 93  
CYS CA  HA   sing N N 94  
CYS C   O    doub N N 95  
CYS C   OXT  sing N N 96  
CYS CB  SG   sing N N 97  
CYS CB  HB2  sing N N 98  
CYS CB  HB3  sing N N 99  
CYS SG  HG   sing N N 100 
CYS OXT HXT  sing N N 101 
GLN N   CA   sing N N 102 
GLN N   H    sing N N 103 
GLN N   H2   sing N N 104 
GLN CA  C    sing N N 105 
GLN CA  CB   sing N N 106 
GLN CA  HA   sing N N 107 
GLN C   O    doub N N 108 
GLN C   OXT  sing N N 109 
GLN CB  CG   sing N N 110 
GLN CB  HB2  sing N N 111 
GLN CB  HB3  sing N N 112 
GLN CG  CD   sing N N 113 
GLN CG  HG2  sing N N 114 
GLN CG  HG3  sing N N 115 
GLN CD  OE1  doub N N 116 
GLN CD  NE2  sing N N 117 
GLN NE2 HE21 sing N N 118 
GLN NE2 HE22 sing N N 119 
GLN OXT HXT  sing N N 120 
GLU N   CA   sing N N 121 
GLU N   H    sing N N 122 
GLU N   H2   sing N N 123 
GLU CA  C    sing N N 124 
GLU CA  CB   sing N N 125 
GLU CA  HA   sing N N 126 
GLU C   O    doub N N 127 
GLU C   OXT  sing N N 128 
GLU CB  CG   sing N N 129 
GLU CB  HB2  sing N N 130 
GLU CB  HB3  sing N N 131 
GLU CG  CD   sing N N 132 
GLU CG  HG2  sing N N 133 
GLU CG  HG3  sing N N 134 
GLU CD  OE1  doub N N 135 
GLU CD  OE2  sing N N 136 
GLU OE2 HE2  sing N N 137 
GLU OXT HXT  sing N N 138 
GLY N   CA   sing N N 139 
GLY N   H    sing N N 140 
GLY N   H2   sing N N 141 
GLY CA  C    sing N N 142 
GLY CA  HA2  sing N N 143 
GLY CA  HA3  sing N N 144 
GLY C   O    doub N N 145 
GLY C   OXT  sing N N 146 
GLY OXT HXT  sing N N 147 
HIS N   CA   sing N N 148 
HIS N   H    sing N N 149 
HIS N   H2   sing N N 150 
HIS CA  C    sing N N 151 
HIS CA  CB   sing N N 152 
HIS CA  HA   sing N N 153 
HIS C   O    doub N N 154 
HIS C   OXT  sing N N 155 
HIS CB  CG   sing N N 156 
HIS CB  HB2  sing N N 157 
HIS CB  HB3  sing N N 158 
HIS CG  ND1  sing Y N 159 
HIS CG  CD2  doub Y N 160 
HIS ND1 CE1  doub Y N 161 
HIS ND1 HD1  sing N N 162 
HIS CD2 NE2  sing Y N 163 
HIS CD2 HD2  sing N N 164 
HIS CE1 NE2  sing Y N 165 
HIS CE1 HE1  sing N N 166 
HIS NE2 HE2  sing N N 167 
HIS OXT HXT  sing N N 168 
HOH O   H1   sing N N 169 
HOH O   H2   sing N N 170 
ILE N   CA   sing N N 171 
ILE N   H    sing N N 172 
ILE N   H2   sing N N 173 
ILE CA  C    sing N N 174 
ILE CA  CB   sing N N 175 
ILE CA  HA   sing N N 176 
ILE C   O    doub N N 177 
ILE C   OXT  sing N N 178 
ILE CB  CG1  sing N N 179 
ILE CB  CG2  sing N N 180 
ILE CB  HB   sing N N 181 
ILE CG1 CD1  sing N N 182 
ILE CG1 HG12 sing N N 183 
ILE CG1 HG13 sing N N 184 
ILE CG2 HG21 sing N N 185 
ILE CG2 HG22 sing N N 186 
ILE CG2 HG23 sing N N 187 
ILE CD1 HD11 sing N N 188 
ILE CD1 HD12 sing N N 189 
ILE CD1 HD13 sing N N 190 
ILE OXT HXT  sing N N 191 
LEU N   CA   sing N N 192 
LEU N   H    sing N N 193 
LEU N   H2   sing N N 194 
LEU CA  C    sing N N 195 
LEU CA  CB   sing N N 196 
LEU CA  HA   sing N N 197 
LEU C   O    doub N N 198 
LEU C   OXT  sing N N 199 
LEU CB  CG   sing N N 200 
LEU CB  HB2  sing N N 201 
LEU CB  HB3  sing N N 202 
LEU CG  CD1  sing N N 203 
LEU CG  CD2  sing N N 204 
LEU CG  HG   sing N N 205 
LEU CD1 HD11 sing N N 206 
LEU CD1 HD12 sing N N 207 
LEU CD1 HD13 sing N N 208 
LEU CD2 HD21 sing N N 209 
LEU CD2 HD22 sing N N 210 
LEU CD2 HD23 sing N N 211 
LEU OXT HXT  sing N N 212 
LYS N   CA   sing N N 213 
LYS N   H    sing N N 214 
LYS N   H2   sing N N 215 
LYS CA  C    sing N N 216 
LYS CA  CB   sing N N 217 
LYS CA  HA   sing N N 218 
LYS C   O    doub N N 219 
LYS C   OXT  sing N N 220 
LYS CB  CG   sing N N 221 
LYS CB  HB2  sing N N 222 
LYS CB  HB3  sing N N 223 
LYS CG  CD   sing N N 224 
LYS CG  HG2  sing N N 225 
LYS CG  HG3  sing N N 226 
LYS CD  CE   sing N N 227 
LYS CD  HD2  sing N N 228 
LYS CD  HD3  sing N N 229 
LYS CE  NZ   sing N N 230 
LYS CE  HE2  sing N N 231 
LYS CE  HE3  sing N N 232 
LYS NZ  HZ1  sing N N 233 
LYS NZ  HZ2  sing N N 234 
LYS NZ  HZ3  sing N N 235 
LYS OXT HXT  sing N N 236 
MET N   CA   sing N N 237 
MET N   H    sing N N 238 
MET N   H2   sing N N 239 
MET CA  C    sing N N 240 
MET CA  CB   sing N N 241 
MET CA  HA   sing N N 242 
MET C   O    doub N N 243 
MET C   OXT  sing N N 244 
MET CB  CG   sing N N 245 
MET CB  HB2  sing N N 246 
MET CB  HB3  sing N N 247 
MET CG  SD   sing N N 248 
MET CG  HG2  sing N N 249 
MET CG  HG3  sing N N 250 
MET SD  CE   sing N N 251 
MET CE  HE1  sing N N 252 
MET CE  HE2  sing N N 253 
MET CE  HE3  sing N N 254 
MET OXT HXT  sing N N 255 
PHE N   CA   sing N N 256 
PHE N   H    sing N N 257 
PHE N   H2   sing N N 258 
PHE CA  C    sing N N 259 
PHE CA  CB   sing N N 260 
PHE CA  HA   sing N N 261 
PHE C   O    doub N N 262 
PHE C   OXT  sing N N 263 
PHE CB  CG   sing N N 264 
PHE CB  HB2  sing N N 265 
PHE CB  HB3  sing N N 266 
PHE CG  CD1  doub Y N 267 
PHE CG  CD2  sing Y N 268 
PHE CD1 CE1  sing Y N 269 
PHE CD1 HD1  sing N N 270 
PHE CD2 CE2  doub Y N 271 
PHE CD2 HD2  sing N N 272 
PHE CE1 CZ   doub Y N 273 
PHE CE1 HE1  sing N N 274 
PHE CE2 CZ   sing Y N 275 
PHE CE2 HE2  sing N N 276 
PHE CZ  HZ   sing N N 277 
PHE OXT HXT  sing N N 278 
PRO N   CA   sing N N 279 
PRO N   CD   sing N N 280 
PRO N   H    sing N N 281 
PRO CA  C    sing N N 282 
PRO CA  CB   sing N N 283 
PRO CA  HA   sing N N 284 
PRO C   O    doub N N 285 
PRO C   OXT  sing N N 286 
PRO CB  CG   sing N N 287 
PRO CB  HB2  sing N N 288 
PRO CB  HB3  sing N N 289 
PRO CG  CD   sing N N 290 
PRO CG  HG2  sing N N 291 
PRO CG  HG3  sing N N 292 
PRO CD  HD2  sing N N 293 
PRO CD  HD3  sing N N 294 
PRO OXT HXT  sing N N 295 
SER N   CA   sing N N 296 
SER N   H    sing N N 297 
SER N   H2   sing N N 298 
SER CA  C    sing N N 299 
SER CA  CB   sing N N 300 
SER CA  HA   sing N N 301 
SER C   O    doub N N 302 
SER C   OXT  sing N N 303 
SER CB  OG   sing N N 304 
SER CB  HB2  sing N N 305 
SER CB  HB3  sing N N 306 
SER OG  HG   sing N N 307 
SER OXT HXT  sing N N 308 
THR N   CA   sing N N 309 
THR N   H    sing N N 310 
THR N   H2   sing N N 311 
THR CA  C    sing N N 312 
THR CA  CB   sing N N 313 
THR CA  HA   sing N N 314 
THR C   O    doub N N 315 
THR C   OXT  sing N N 316 
THR CB  OG1  sing N N 317 
THR CB  CG2  sing N N 318 
THR CB  HB   sing N N 319 
THR OG1 HG1  sing N N 320 
THR CG2 HG21 sing N N 321 
THR CG2 HG22 sing N N 322 
THR CG2 HG23 sing N N 323 
THR OXT HXT  sing N N 324 
TYR N   CA   sing N N 325 
TYR N   H    sing N N 326 
TYR N   H2   sing N N 327 
TYR CA  C    sing N N 328 
TYR CA  CB   sing N N 329 
TYR CA  HA   sing N N 330 
TYR C   O    doub N N 331 
TYR C   OXT  sing N N 332 
TYR CB  CG   sing N N 333 
TYR CB  HB2  sing N N 334 
TYR CB  HB3  sing N N 335 
TYR CG  CD1  doub Y N 336 
TYR CG  CD2  sing Y N 337 
TYR CD1 CE1  sing Y N 338 
TYR CD1 HD1  sing N N 339 
TYR CD2 CE2  doub Y N 340 
TYR CD2 HD2  sing N N 341 
TYR CE1 CZ   doub Y N 342 
TYR CE1 HE1  sing N N 343 
TYR CE2 CZ   sing Y N 344 
TYR CE2 HE2  sing N N 345 
TYR CZ  OH   sing N N 346 
TYR OH  HH   sing N N 347 
TYR OXT HXT  sing N N 348 
VAL N   CA   sing N N 349 
VAL N   H    sing N N 350 
VAL N   H2   sing N N 351 
VAL CA  C    sing N N 352 
VAL CA  CB   sing N N 353 
VAL CA  HA   sing N N 354 
VAL C   O    doub N N 355 
VAL C   OXT  sing N N 356 
VAL CB  CG1  sing N N 357 
VAL CB  CG2  sing N N 358 
VAL CB  HB   sing N N 359 
VAL CG1 HG11 sing N N 360 
VAL CG1 HG12 sing N N 361 
VAL CG1 HG13 sing N N 362 
VAL CG2 HG21 sing N N 363 
VAL CG2 HG22 sing N N 364 
VAL CG2 HG23 sing N N 365 
VAL OXT HXT  sing N N 366 
# 
_pdbx_entity_instance_feature.ordinal        1 
_pdbx_entity_instance_feature.comp_id        82I 
_pdbx_entity_instance_feature.asym_id        ? 
_pdbx_entity_instance_feature.seq_num        ? 
_pdbx_entity_instance_feature.auth_comp_id   82I 
_pdbx_entity_instance_feature.auth_asym_id   ? 
_pdbx_entity_instance_feature.auth_seq_num   ? 
_pdbx_entity_instance_feature.feature_type   'SUBJECT OF INVESTIGATION' 
_pdbx_entity_instance_feature.details        ? 
# 
_pdbx_initial_refinement_model.accession_code   ? 
_pdbx_initial_refinement_model.id               1 
_pdbx_initial_refinement_model.entity_id_list   ? 
_pdbx_initial_refinement_model.type             other 
_pdbx_initial_refinement_model.source_name      ? 
_pdbx_initial_refinement_model.details          'In house model' 
# 
_atom_sites.entry_id                    6YQW 
_atom_sites.Cartn_transf_matrix[1][1]   ? 
_atom_sites.Cartn_transf_matrix[1][2]   ? 
_atom_sites.Cartn_transf_matrix[1][3]   ? 
_atom_sites.Cartn_transf_matrix[2][1]   ? 
_atom_sites.Cartn_transf_matrix[2][2]   ? 
_atom_sites.Cartn_transf_matrix[2][3]   ? 
_atom_sites.Cartn_transf_matrix[3][1]   ? 
_atom_sites.Cartn_transf_matrix[3][2]   ? 
_atom_sites.Cartn_transf_matrix[3][3]   ? 
_atom_sites.Cartn_transf_vector[1]      ? 
_atom_sites.Cartn_transf_vector[2]      ? 
_atom_sites.Cartn_transf_vector[3]      ? 
_atom_sites.fract_transf_matrix[1][1]   0.03740145 
_atom_sites.fract_transf_matrix[1][2]   -0.01036457 
_atom_sites.fract_transf_matrix[1][3]   -0.01906870 
_atom_sites.fract_transf_matrix[2][1]   0.01029582 
_atom_sites.fract_transf_matrix[2][2]   0.01697719 
_atom_sites.fract_transf_matrix[2][3]   0.02494041 
_atom_sites.fract_transf_matrix[3][1]   -0.00826828 
_atom_sites.fract_transf_matrix[3][2]   -0.02412342 
_atom_sites.fract_transf_matrix[3][3]   0.01002552 
_atom_sites.fract_transf_vector[1]      -0.306371 
_atom_sites.fract_transf_vector[2]      0.173073 
_atom_sites.fract_transf_vector[3]      0.100176 
_atom_sites.solution_primary            ? 
_atom_sites.solution_secondary          ? 
_atom_sites.solution_hydrogens          ? 
_atom_sites.special_details             ? 
# 
loop_
_atom_type.symbol 
C  
CL 
N  
O  
S  
# 
loop_
_atom_site.group_PDB 
_atom_site.id 
_atom_site.type_symbol 
_atom_site.label_atom_id 
_atom_site.label_alt_id 
_atom_site.label_comp_id 
_atom_site.label_asym_id 
_atom_site.label_entity_id 
_atom_site.label_seq_id 
_atom_site.pdbx_PDB_ins_code 
_atom_site.Cartn_x 
_atom_site.Cartn_y 
_atom_site.Cartn_z 
_atom_site.occupancy 
_atom_site.B_iso_or_equiv 
_atom_site.pdbx_formal_charge 
_atom_site.auth_seq_id 
_atom_site.auth_comp_id 
_atom_site.auth_asym_id 
_atom_site.auth_atom_id 
_atom_site.pdbx_PDB_model_num 
ATOM   1    N  N   . SER A 1 6   ? 7.640   7.441   -19.980 1.00 17.63 ? 22  SER A N   1 
ATOM   2    C  CA  . SER A 1 6   ? 6.474   7.309   -19.103 1.00 17.66 ? 22  SER A CA  1 
ATOM   3    C  C   . SER A 1 6   ? 5.288   8.113   -19.603 1.00 19.92 ? 22  SER A C   1 
ATOM   4    O  O   . SER A 1 6   ? 5.454   9.220   -20.119 1.00 19.01 ? 22  SER A O   1 
ATOM   5    C  CB  . SER A 1 6   ? 6.811   7.733   -17.677 1.00 21.56 ? 22  SER A CB  1 
ATOM   6    O  OG  . SER A 1 6   ? 7.302   6.651   -16.902 1.00 29.64 ? 22  SER A OG  1 
ATOM   7    N  N   . THR A 1 7   ? 4.084   7.569   -19.420 1.00 14.84 ? 23  THR A N   1 
ATOM   8    C  CA  . THR A 1 7   ? 2.843   8.229   -19.836 1.00 13.97 ? 23  THR A CA  1 
ATOM   9    C  C   . THR A 1 7   ? 2.438   9.242   -18.749 1.00 16.41 ? 23  THR A C   1 
ATOM   10   O  O   . THR A 1 7   ? 2.920   9.118   -17.620 1.00 16.13 ? 23  THR A O   1 
ATOM   11   C  CB  . THR A 1 7   ? 1.721   7.183   -20.019 1.00 20.85 ? 23  THR A CB  1 
ATOM   12   O  OG1 . THR A 1 7   ? 1.484   6.516   -18.777 1.00 17.85 ? 23  THR A OG1 1 
ATOM   13   C  CG2 . THR A 1 7   ? 2.001   6.187   -21.141 1.00 22.18 ? 23  THR A CG2 1 
ATOM   14   N  N   . PRO A 1 8   ? 1.513   10.196  -19.016 1.00 11.77 ? 24  PRO A N   1 
ATOM   15   C  CA  . PRO A 1 8   ? 1.074   11.110  -17.946 1.00 11.10 ? 24  PRO A CA  1 
ATOM   16   C  C   . PRO A 1 8   ? 0.548   10.397  -16.687 1.00 13.11 ? 24  PRO A C   1 
ATOM   17   O  O   . PRO A 1 8   ? 0.865   10.837  -15.579 1.00 11.94 ? 24  PRO A O   1 
ATOM   18   C  CB  . PRO A 1 8   ? -0.024  11.933  -18.622 1.00 12.86 ? 24  PRO A CB  1 
ATOM   19   C  CG  . PRO A 1 8   ? 0.359   11.935  -20.066 1.00 18.21 ? 24  PRO A CG  1 
ATOM   20   C  CD  . PRO A 1 8   ? 0.851   10.533  -20.299 1.00 13.59 ? 24  PRO A CD  1 
ATOM   21   N  N   . ILE A 1 9   ? -0.224  9.293   -16.845 1.00 8.31  ? 25  ILE A N   1 
ATOM   22   C  CA  . ILE A 1 9   ? -0.740  8.542   -15.684 1.00 7.97  ? 25  ILE A CA  1 
ATOM   23   C  C   . ILE A 1 9   ? 0.413   7.944   -14.864 1.00 8.08  ? 25  ILE A C   1 
ATOM   24   O  O   . ILE A 1 9   ? 0.419   8.096   -13.641 1.00 5.43  ? 25  ILE A O   1 
ATOM   25   C  CB  . ILE A 1 9   ? -1.839  7.485   -16.038 1.00 11.69 ? 25  ILE A CB  1 
ATOM   26   C  CG1 . ILE A 1 9   ? -2.860  8.032   -17.076 1.00 13.99 ? 25  ILE A CG1 1 
ATOM   27   C  CG2 . ILE A 1 9   ? -2.538  6.967   -14.763 1.00 11.40 ? 25  ILE A CG2 1 
ATOM   28   C  CD1 . ILE A 1 9   ? -4.016  7.051   -17.562 1.00 27.53 ? 25  ILE A CD1 1 
ATOM   29   N  N   . GLN A 1 10  ? 1.411   7.328   -15.527 1.00 3.82  ? 26  GLN A N   1 
ATOM   30   C  CA  . GLN A 1 10  ? 2.579   6.763   -14.840 1.00 3.57  ? 26  GLN A CA  1 
ATOM   31   C  C   . GLN A 1 10  ? 3.337   7.839   -14.055 1.00 6.97  ? 26  GLN A C   1 
ATOM   32   O  O   . GLN A 1 10  ? 3.715   7.597   -12.910 1.00 4.50  ? 26  GLN A O   1 
ATOM   33   C  CB  . GLN A 1 10  ? 3.513   6.041   -15.819 1.00 5.13  ? 26  GLN A CB  1 
ATOM   34   C  CG  . GLN A 1 10  ? 2.940   4.727   -16.344 1.00 7.54  ? 26  GLN A CG  1 
ATOM   35   C  CD  . GLN A 1 10  ? 3.848   4.182   -17.410 1.00 19.85 ? 26  GLN A CD  1 
ATOM   36   O  OE1 . GLN A 1 10  ? 4.019   4.784   -18.492 1.00 12.66 ? 26  GLN A OE1 1 
ATOM   37   N  NE2 . GLN A 1 10  ? 4.511   3.076   -17.093 1.00 6.32  ? 26  GLN A NE2 1 
ATOM   38   N  N   . GLN A 1 11  ? 3.480   9.052   -14.636 1.00 3.76  ? 27  GLN A N   1 
ATOM   39   C  CA  . GLN A 1 11  ? 4.157   10.180  -13.975 1.00 3.85  ? 27  GLN A CA  1 
ATOM   40   C  C   . GLN A 1 11  ? 3.360   10.616  -12.733 1.00 4.84  ? 27  GLN A C   1 
ATOM   41   O  O   . GLN A 1 11  ? 3.945   10.817  -11.663 1.00 4.07  ? 27  GLN A O   1 
ATOM   42   C  CB  . GLN A 1 11  ? 4.314   11.346  -14.945 1.00 5.08  ? 27  GLN A CB  1 
ATOM   43   C  CG  . GLN A 1 11  ? 5.437   11.158  -15.947 1.00 14.02 ? 27  GLN A CG  1 
ATOM   44   C  CD  . GLN A 1 11  ? 5.570   12.379  -16.827 1.00 37.37 ? 27  GLN A CD  1 
ATOM   45   O  OE1 . GLN A 1 11  ? 5.776   13.504  -16.356 1.00 35.20 ? 27  GLN A OE1 1 
ATOM   46   N  NE2 . GLN A 1 11  ? 5.446   12.185  -18.126 1.00 31.81 ? 27  GLN A NE2 1 
ATOM   47   N  N   . LEU A 1 12  ? 2.021   10.690  -12.856 1.00 3.00  ? 28  LEU A N   1 
ATOM   48   C  CA  . LEU A 1 12  ? 1.153   11.051  -11.740 1.00 3.00  ? 28  LEU A CA  1 
ATOM   49   C  C   . LEU A 1 12  ? 1.237   10.038  -10.597 1.00 5.97  ? 28  LEU A C   1 
ATOM   50   O  O   . LEU A 1 12  ? 1.396   10.417  -9.426  1.00 4.37  ? 28  LEU A O   1 
ATOM   51   C  CB  . LEU A 1 12  ? -0.313  11.216  -12.192 1.00 3.00  ? 28  LEU A CB  1 
ATOM   52   C  CG  . LEU A 1 12  ? -1.325  11.512  -11.071 1.00 5.52  ? 28  LEU A CG  1 
ATOM   53   C  CD1 . LEU A 1 12  ? -1.011  12.840  -10.335 1.00 5.19  ? 28  LEU A CD1 1 
ATOM   54   C  CD2 . LEU A 1 12  ? -2.737  11.505  -11.580 1.00 6.74  ? 28  LEU A CD2 1 
ATOM   55   N  N   . LEU A 1 13  ? 1.110   8.757   -10.940 1.00 3.07  ? 29  LEU A N   1 
ATOM   56   C  CA  . LEU A 1 13  ? 1.138   7.666   -9.966  1.00 3.00  ? 29  LEU A CA  1 
ATOM   57   C  C   . LEU A 1 13  ? 2.495   7.550   -9.274  1.00 4.24  ? 29  LEU A C   1 
ATOM   58   O  O   . LEU A 1 13  ? 2.549   7.290   -8.064  1.00 3.17  ? 29  LEU A O   1 
ATOM   59   C  CB  . LEU A 1 13  ? 0.709   6.367   -10.633 1.00 3.00  ? 29  LEU A CB  1 
ATOM   60   C  CG  . LEU A 1 13  ? -0.701  6.349   -11.209 1.00 5.15  ? 29  LEU A CG  1 
ATOM   61   C  CD1 . LEU A 1 13  ? -1.060  5.004   -11.706 1.00 3.22  ? 29  LEU A CD1 1 
ATOM   62   C  CD2 . LEU A 1 13  ? -1.754  6.832   -10.218 1.00 5.86  ? 29  LEU A CD2 1 
ATOM   63   N  N   . GLU A 1 14  ? 3.590   7.827   -10.008 1.00 3.00  ? 30  GLU A N   1 
ATOM   64   C  CA  . GLU A 1 14  ? 4.912   7.845   -9.387  1.00 3.00  ? 30  GLU A CA  1 
ATOM   65   C  C   . GLU A 1 14  ? 4.959   8.967   -8.332  1.00 4.92  ? 30  GLU A C   1 
ATOM   66   O  O   . GLU A 1 14  ? 5.473   8.747   -7.221  1.00 4.78  ? 30  GLU A O   1 
ATOM   67   C  CB  . GLU A 1 14  ? 6.018   8.032   -10.430 1.00 4.42  ? 30  GLU A CB  1 
ATOM   68   C  CG  . GLU A 1 14  ? 6.343   6.765   -11.207 0.50 11.98 ? 30  GLU A CG  1 
ATOM   69   C  CD  . GLU A 1 14  ? 7.177   5.706   -10.508 0.50 35.48 ? 30  GLU A CD  1 
ATOM   70   O  OE1 . GLU A 1 14  ? 7.934   6.050   -9.572  0.50 37.51 ? 30  GLU A OE1 1 
ATOM   71   O  OE2 . GLU A 1 14  ? 7.117   4.534   -10.943 0.50 28.45 ? 30  GLU A OE2 1 
ATOM   72   N  N   . HIS A 1 15  ? 4.366   10.148  -8.654  1.00 3.00  ? 31  HIS A N   1 
ATOM   73   C  CA  . HIS A 1 15  ? 4.325   11.280  -7.725  1.00 3.00  ? 31  HIS A CA  1 
ATOM   74   C  C   . HIS A 1 15  ? 3.526   10.895  -6.469  1.00 5.85  ? 31  HIS A C   1 
ATOM   75   O  O   . HIS A 1 15  ? 4.008   11.083  -5.346  1.00 4.24  ? 31  HIS A O   1 
ATOM   76   C  CB  . HIS A 1 15  ? 3.727   12.514  -8.410  1.00 4.23  ? 31  HIS A CB  1 
ATOM   77   C  CG  . HIS A 1 15  ? 3.332   13.581  -7.441  1.00 7.67  ? 31  HIS A CG  1 
ATOM   78   N  ND1 . HIS A 1 15  ? 4.279   14.335  -6.775  1.00 10.08 ? 31  HIS A ND1 1 
ATOM   79   C  CD2 . HIS A 1 15  ? 2.100   13.933  -7.000  1.00 10.04 ? 31  HIS A CD2 1 
ATOM   80   C  CE1 . HIS A 1 15  ? 3.595   15.137  -5.969  1.00 9.64  ? 31  HIS A CE1 1 
ATOM   81   N  NE2 . HIS A 1 15  ? 2.281   14.936  -6.077  1.00 10.13 ? 31  HIS A NE2 1 
ATOM   82   N  N   . PHE A 1 16  ? 2.338   10.306  -6.662  1.00 3.31  ? 32  PHE A N   1 
ATOM   83   C  CA  . PHE A 1 16  ? 1.509   9.835   -5.544  1.00 3.00  ? 32  PHE A CA  1 
ATOM   84   C  C   . PHE A 1 16  ? 2.247   8.769   -4.727  1.00 5.72  ? 32  PHE A C   1 
ATOM   85   O  O   . PHE A 1 16  ? 2.256   8.852   -3.503  1.00 3.23  ? 32  PHE A O   1 
ATOM   86   C  CB  . PHE A 1 16  ? 0.196   9.234   -6.066  1.00 4.05  ? 32  PHE A CB  1 
ATOM   87   C  CG  . PHE A 1 16  ? -0.873  10.207  -6.509  1.00 4.77  ? 32  PHE A CG  1 
ATOM   88   C  CD1 . PHE A 1 16  ? -0.807  11.554  -6.154  1.00 6.87  ? 32  PHE A CD1 1 
ATOM   89   C  CD2 . PHE A 1 16  ? -1.970  9.768   -7.239  1.00 5.73  ? 32  PHE A CD2 1 
ATOM   90   C  CE1 . PHE A 1 16  ? -1.813  12.445  -6.542  1.00 7.16  ? 32  PHE A CE1 1 
ATOM   91   C  CE2 . PHE A 1 16  ? -2.982  10.656  -7.613  1.00 7.85  ? 32  PHE A CE2 1 
ATOM   92   C  CZ  . PHE A 1 16  ? -2.889  11.990  -7.274  1.00 6.80  ? 32  PHE A CZ  1 
ATOM   93   N  N   . LEU A 1 17  ? 2.882   7.784   -5.394  1.00 3.00  ? 33  LEU A N   1 
ATOM   94   C  CA  . LEU A 1 17  ? 3.608   6.750   -4.659  1.00 3.00  ? 33  LEU A CA  1 
ATOM   95   C  C   . LEU A 1 17  ? 4.724   7.323   -3.768  1.00 3.76  ? 33  LEU A C   1 
ATOM   96   O  O   . LEU A 1 17  ? 4.816   6.943   -2.591  1.00 3.00  ? 33  LEU A O   1 
ATOM   97   C  CB  . LEU A 1 17  ? 4.146   5.662   -5.593  1.00 3.00  ? 33  LEU A CB  1 
ATOM   98   C  CG  . LEU A 1 17  ? 4.723   4.428   -4.902  1.00 7.53  ? 33  LEU A CG  1 
ATOM   99   C  CD1 . LEU A 1 17  ? 3.613   3.618   -4.194  1.00 7.36  ? 33  LEU A CD1 1 
ATOM   100  C  CD2 . LEU A 1 17  ? 5.433   3.568   -5.901  1.00 8.66  ? 33  LEU A CD2 1 
ATOM   101  N  N   . ARG A 1 18  ? 5.530   8.264   -4.307  1.00 3.00  ? 34  ARG A N   1 
ATOM   102  C  CA  . ARG A 1 18  ? 6.618   8.898   -3.551  1.00 3.23  ? 34  ARG A CA  1 
ATOM   103  C  C   . ARG A 1 18  ? 6.071   9.583   -2.309  1.00 6.62  ? 34  ARG A C   1 
ATOM   104  O  O   . ARG A 1 18  ? 6.611   9.423   -1.214  1.00 6.35  ? 34  ARG A O   1 
ATOM   105  C  CB  . ARG A 1 18  ? 7.342   9.935   -4.416  1.00 3.03  ? 34  ARG A CB  1 
ATOM   106  C  CG  . ARG A 1 18  ? 8.380   9.375   -5.377  1.00 6.29  ? 34  ARG A CG  1 
ATOM   107  C  CD  . ARG A 1 18  ? 9.232   10.509  -5.947  1.00 15.10 ? 34  ARG A CD  1 
ATOM   108  N  NE  . ARG A 1 18  ? 8.440   11.435  -6.768  1.00 11.70 ? 34  ARG A NE  1 
ATOM   109  C  CZ  . ARG A 1 18  ? 8.245   11.300  -8.076  1.00 27.20 ? 34  ARG A CZ  1 
ATOM   110  N  NH1 . ARG A 1 18  ? 8.801   10.291  -8.736  1.00 20.99 ? 34  ARG A NH1 1 
ATOM   111  N  NH2 . ARG A 1 18  ? 7.511   12.181  -8.737  1.00 15.23 ? 34  ARG A NH2 1 
ATOM   112  N  N   . GLN A 1 19  ? 4.954   10.293  -2.471  1.00 3.00  ? 35  GLN A N   1 
ATOM   113  C  CA  . GLN A 1 19  ? 4.310   11.007  -1.377  1.00 3.92  ? 35  GLN A CA  1 
ATOM   114  C  C   . GLN A 1 19  ? 3.696   10.061  -0.342  1.00 7.10  ? 35  GLN A C   1 
ATOM   115  O  O   . GLN A 1 19  ? 3.745   10.337  0.861   1.00 7.62  ? 35  GLN A O   1 
ATOM   116  C  CB  . GLN A 1 19  ? 3.320   12.033  -1.924  1.00 5.65  ? 35  GLN A CB  1 
ATOM   117  C  CG  . GLN A 1 19  ? 3.995   13.155  -2.719  1.00 5.06  ? 35  GLN A CG  1 
ATOM   118  C  CD  . GLN A 1 19  ? 5.143   13.796  -1.976  1.00 21.11 ? 35  GLN A CD  1 
ATOM   119  O  OE1 . GLN A 1 19  ? 4.975   14.338  -0.886  1.00 19.59 ? 35  GLN A OE1 1 
ATOM   120  N  NE2 . GLN A 1 19  ? 6.337   13.742  -2.554  1.00 15.04 ? 35  GLN A NE2 1 
ATOM   121  N  N   . LEU A 1 20  ? 3.155   8.932   -0.801  1.00 3.50  ? 36  LEU A N   1 
ATOM   122  C  CA  . LEU A 1 20  ? 2.596   7.933   0.100   1.00 3.00  ? 36  LEU A CA  1 
ATOM   123  C  C   . LEU A 1 20  ? 3.680   7.267   0.919   1.00 6.54  ? 36  LEU A C   1 
ATOM   124  O  O   . LEU A 1 20  ? 3.512   7.143   2.127   1.00 4.94  ? 36  LEU A O   1 
ATOM   125  C  CB  . LEU A 1 20  ? 1.769   6.878   -0.646  1.00 3.31  ? 36  LEU A CB  1 
ATOM   126  C  CG  . LEU A 1 20  ? 0.457   7.350   -1.275  1.00 5.16  ? 36  LEU A CG  1 
ATOM   127  C  CD1 . LEU A 1 20  ? -0.144  6.282   -2.151  1.00 3.71  ? 36  LEU A CD1 1 
ATOM   128  C  CD2 . LEU A 1 20  ? -0.556  7.792   -0.205  1.00 4.27  ? 36  LEU A CD2 1 
ATOM   129  N  N   . GLN A 1 21  ? 4.794   6.853   0.273   1.00 4.55  ? 37  GLN A N   1 
ATOM   130  C  CA  . GLN A 1 21  ? 5.936   6.208   0.932   1.00 3.00  ? 37  GLN A CA  1 
ATOM   131  C  C   . GLN A 1 21  ? 6.584   7.097   1.990   1.00 5.40  ? 37  GLN A C   1 
ATOM   132  O  O   . GLN A 1 21  ? 7.069   6.582   3.011   1.00 5.09  ? 37  GLN A O   1 
ATOM   133  C  CB  . GLN A 1 21  ? 6.972   5.702   -0.091  1.00 3.49  ? 37  GLN A CB  1 
ATOM   134  C  CG  . GLN A 1 21  ? 6.397   4.531   -0.865  1.00 3.39  ? 37  GLN A CG  1 
ATOM   135  C  CD  . GLN A 1 21  ? 7.446   3.619   -1.453  1.00 12.97 ? 37  GLN A CD  1 
ATOM   136  O  OE1 . GLN A 1 21  ? 7.734   3.694   -2.641  1.00 11.66 ? 37  GLN A OE1 1 
ATOM   137  N  NE2 . GLN A 1 21  ? 7.991   2.696   -0.653  1.00 8.47  ? 37  GLN A NE2 1 
ATOM   138  N  N   . ARG A 1 22  ? 6.530   8.436   1.788   1.00 3.00  ? 38  ARG A N   1 
ATOM   139  C  CA  . ARG A 1 22  ? 7.058   9.411   2.757   1.00 4.10  ? 38  ARG A CA  1 
ATOM   140  C  C   . ARG A 1 22  ? 6.302   9.277   4.098   1.00 6.42  ? 38  ARG A C   1 
ATOM   141  O  O   . ARG A 1 22  ? 6.854   9.586   5.150   1.00 7.58  ? 38  ARG A O   1 
ATOM   142  C  CB  . ARG A 1 22  ? 6.878   10.842  2.240   1.00 4.96  ? 38  ARG A CB  1 
ATOM   143  C  CG  . ARG A 1 22  ? 7.979   11.332  1.314   1.00 6.78  ? 38  ARG A CG  1 
ATOM   144  C  CD  . ARG A 1 22  ? 7.698   12.755  0.841   1.00 24.56 ? 38  ARG A CD  1 
ATOM   145  N  NE  . ARG A 1 22  ? 7.505   13.678  1.965   1.00 39.68 ? 38  ARG A NE  1 
ATOM   146  C  CZ  . ARG A 1 22  ? 7.141   14.953  1.850   1.00 61.36 ? 38  ARG A CZ  1 
ATOM   147  N  NH1 . ARG A 1 22  ? 6.988   15.705  2.932   1.00 55.27 ? 38  ARG A NH1 1 
ATOM   148  N  NH2 . ARG A 1 22  ? 6.925   15.485  0.653   1.00 47.16 ? 38  ARG A NH2 1 
ATOM   149  N  N   . LYS A 1 23  ? 5.032   8.848   4.049   1.00 3.00  ? 39  LYS A N   1 
ATOM   150  C  CA  . LYS A 1 23  ? 4.190   8.667   5.232   1.00 3.00  ? 39  LYS A CA  1 
ATOM   151  C  C   . LYS A 1 23  ? 4.490   7.348   5.970   1.00 5.34  ? 39  LYS A C   1 
ATOM   152  O  O   . LYS A 1 23  ? 3.943   7.117   7.057   1.00 5.62  ? 39  LYS A O   1 
ATOM   153  C  CB  . LYS A 1 23  ? 2.709   8.697   4.830   1.00 5.10  ? 39  LYS A CB  1 
ATOM   154  C  CG  . LYS A 1 23  ? 2.278   9.944   4.076   1.00 3.70  ? 39  LYS A CG  1 
ATOM   155  C  CD  . LYS A 1 23  ? 0.760   10.002  4.007   1.00 6.03  ? 39  LYS A CD  1 
ATOM   156  C  CE  . LYS A 1 23  ? 0.257   11.151  3.176   1.00 8.98  ? 39  LYS A CE  1 
ATOM   157  N  NZ  . LYS A 1 23  ? 0.340   12.433  3.931   1.00 20.73 ? 39  LYS A NZ  1 
ATOM   158  N  N   . ASP A 1 24  ? 5.368   6.505   5.406   1.00 3.00  ? 40  ASP A N   1 
ATOM   159  C  CA  . ASP A 1 24  ? 5.770   5.216   5.993   1.00 3.00  ? 40  ASP A CA  1 
ATOM   160  C  C   . ASP A 1 24  ? 7.321   5.253   6.115   1.00 6.59  ? 40  ASP A C   1 
ATOM   161  O  O   . ASP A 1 24  ? 8.013   4.527   5.389   1.00 5.95  ? 40  ASP A O   1 
ATOM   162  C  CB  . ASP A 1 24  ? 5.291   4.062   5.081   1.00 4.08  ? 40  ASP A CB  1 
ATOM   163  C  CG  . ASP A 1 24  ? 5.819   2.678   5.455   1.00 7.31  ? 40  ASP A CG  1 
ATOM   164  O  OD1 . ASP A 1 24  ? 6.053   2.433   6.661   1.00 7.45  ? 40  ASP A OD1 1 
ATOM   165  O  OD2 . ASP A 1 24  ? 6.044   1.857   4.532   1.00 4.74  ? 40  ASP A OD2 1 
ATOM   166  N  N   . PRO A 1 25  ? 7.893   6.122   6.994   1.00 3.15  ? 41  PRO A N   1 
ATOM   167  C  CA  . PRO A 1 25  ? 9.371   6.254   7.038   1.00 3.10  ? 41  PRO A CA  1 
ATOM   168  C  C   . PRO A 1 25  ? 10.145  5.004   7.454   1.00 6.10  ? 41  PRO A C   1 
ATOM   169  O  O   . PRO A 1 25  ? 11.302  4.821   7.043   1.00 6.73  ? 41  PRO A O   1 
ATOM   170  C  CB  . PRO A 1 25  ? 9.613   7.452   7.968   1.00 4.48  ? 41  PRO A CB  1 
ATOM   171  C  CG  . PRO A 1 25  ? 8.367   7.609   8.739   1.00 8.57  ? 41  PRO A CG  1 
ATOM   172  C  CD  . PRO A 1 25  ? 7.235   7.077   7.910   1.00 4.17  ? 41  PRO A CD  1 
ATOM   173  N  N   . HIS A 1 26  ? 9.503   4.130   8.243   1.00 3.77  ? 42  HIS A N   1 
ATOM   174  C  CA  . HIS A 1 26  ? 10.121  2.870   8.649   1.00 3.03  ? 42  HIS A CA  1 
ATOM   175  C  C   . HIS A 1 26  ? 10.116  1.815   7.546   1.00 5.95  ? 42  HIS A C   1 
ATOM   176  O  O   . HIS A 1 26  ? 10.736  0.767   7.716   1.00 6.40  ? 42  HIS A O   1 
ATOM   177  C  CB  . HIS A 1 26  ? 9.440   2.284   9.868   1.00 4.06  ? 42  HIS A CB  1 
ATOM   178  C  CG  . HIS A 1 26  ? 9.693   3.023   11.132  1.00 6.39  ? 42  HIS A CG  1 
ATOM   179  N  ND1 . HIS A 1 26  ? 10.922  2.964   11.772  1.00 7.34  ? 42  HIS A ND1 1 
ATOM   180  C  CD2 . HIS A 1 26  ? 8.831   3.744   11.887  1.00 7.38  ? 42  HIS A CD2 1 
ATOM   181  C  CE1 . HIS A 1 26  ? 10.774  3.670   12.884  1.00 6.88  ? 42  HIS A CE1 1 
ATOM   182  N  NE2 . HIS A 1 26  ? 9.544   4.182   12.982  1.00 6.82  ? 42  HIS A NE2 1 
ATOM   183  N  N   . GLY A 1 27  ? 9.383   2.069   6.458   1.00 3.58  ? 43  GLY A N   1 
ATOM   184  C  CA  . GLY A 1 27  ? 9.262   1.135   5.349   1.00 3.00  ? 43  GLY A CA  1 
ATOM   185  C  C   . GLY A 1 27  ? 8.512   -0.142  5.690   1.00 5.32  ? 43  GLY A C   1 
ATOM   186  O  O   . GLY A 1 27  ? 8.743   -1.154  5.022   1.00 3.00  ? 43  GLY A O   1 
ATOM   187  N  N   . PHE A 1 28  ? 7.549   -0.103  6.680   1.00 3.00  ? 44  PHE A N   1 
ATOM   188  C  CA  . PHE A 1 28  ? 6.762   -1.301  7.012   1.00 3.00  ? 44  PHE A CA  1 
ATOM   189  C  C   . PHE A 1 28  ? 5.976   -1.819  5.797   1.00 6.14  ? 44  PHE A C   1 
ATOM   190  O  O   . PHE A 1 28  ? 5.722   -3.016  5.700   1.00 4.64  ? 44  PHE A O   1 
ATOM   191  C  CB  . PHE A 1 28  ? 5.790   -1.058  8.169   1.00 3.99  ? 44  PHE A CB  1 
ATOM   192  C  CG  . PHE A 1 28  ? 6.425   -0.640  9.469   1.00 4.40  ? 44  PHE A CG  1 
ATOM   193  C  CD1 . PHE A 1 28  ? 7.552   -1.297  9.958   1.00 7.05  ? 44  PHE A CD1 1 
ATOM   194  C  CD2 . PHE A 1 28  ? 5.869   0.381   10.234  1.00 6.44  ? 44  PHE A CD2 1 
ATOM   195  C  CE1 . PHE A 1 28  ? 8.120   -0.923  11.180  1.00 7.43  ? 44  PHE A CE1 1 
ATOM   196  C  CE2 . PHE A 1 28  ? 6.449   0.764   11.441  1.00 9.51  ? 44  PHE A CE2 1 
ATOM   197  C  CZ  . PHE A 1 28  ? 7.576   0.120   11.902  1.00 7.74  ? 44  PHE A CZ  1 
ATOM   198  N  N   . PHE A 1 29  ? 5.579   -0.915  4.882   1.00 3.28  ? 45  PHE A N   1 
ATOM   199  C  CA  . PHE A 1 29  ? 4.795   -1.260  3.697   1.00 3.00  ? 45  PHE A CA  1 
ATOM   200  C  C   . PHE A 1 29  ? 5.629   -1.261  2.390   1.00 4.48  ? 45  PHE A C   1 
ATOM   201  O  O   . PHE A 1 29  ? 5.077   -1.346  1.294   1.00 3.00  ? 45  PHE A O   1 
ATOM   202  C  CB  . PHE A 1 29  ? 3.582   -0.312  3.597   1.00 3.91  ? 45  PHE A CB  1 
ATOM   203  C  CG  . PHE A 1 29  ? 2.629   -0.426  4.776   1.00 6.00  ? 45  PHE A CG  1 
ATOM   204  C  CD1 . PHE A 1 29  ? 1.761   -1.505  4.888   1.00 10.03 ? 45  PHE A CD1 1 
ATOM   205  C  CD2 . PHE A 1 29  ? 2.590   0.554   5.755   1.00 9.80  ? 45  PHE A CD2 1 
ATOM   206  C  CE1 . PHE A 1 29  ? 0.892   -1.617  5.978   1.00 11.32 ? 45  PHE A CE1 1 
ATOM   207  C  CE2 . PHE A 1 29  ? 1.726   0.440   6.854   1.00 13.33 ? 45  PHE A CE2 1 
ATOM   208  C  CZ  . PHE A 1 29  ? 0.880   -0.644  6.956   1.00 11.07 ? 45  PHE A CZ  1 
ATOM   209  N  N   . ALA A 1 30  ? 6.957   -1.175  2.503   1.00 3.00  ? 46  ALA A N   1 
ATOM   210  C  CA  . ALA A 1 30  ? 7.822   -1.092  1.331   1.00 3.00  ? 46  ALA A CA  1 
ATOM   211  C  C   . ALA A 1 30  ? 7.895   -2.356  0.497   1.00 5.84  ? 46  ALA A C   1 
ATOM   212  O  O   . ALA A 1 30  ? 8.071   -2.262  -0.721  1.00 4.38  ? 46  ALA A O   1 
ATOM   213  C  CB  . ALA A 1 30  ? 9.205   -0.645  1.735   1.00 3.39  ? 46  ALA A CB  1 
ATOM   214  N  N   . PHE A 1 31  ? 7.814   -3.540  1.150   1.00 3.00  ? 47  PHE A N   1 
ATOM   215  C  CA  . PHE A 1 31  ? 7.948   -4.838  0.478   1.00 3.00  ? 47  PHE A CA  1 
ATOM   216  C  C   . PHE A 1 31  ? 6.850   -5.796  0.881   1.00 4.23  ? 47  PHE A C   1 
ATOM   217  O  O   . PHE A 1 31  ? 6.253   -5.606  1.954   1.00 3.00  ? 47  PHE A O   1 
ATOM   218  C  CB  . PHE A 1 31  ? 9.309   -5.483  0.837   1.00 3.00  ? 47  PHE A CB  1 
ATOM   219  C  CG  . PHE A 1 31  ? 10.472  -4.591  0.476   1.00 3.00  ? 47  PHE A CG  1 
ATOM   220  C  CD1 . PHE A 1 31  ? 10.853  -4.419  -0.851  1.00 3.77  ? 47  PHE A CD1 1 
ATOM   221  C  CD2 . PHE A 1 31  ? 11.151  -3.886  1.456   1.00 3.42  ? 47  PHE A CD2 1 
ATOM   222  C  CE1 . PHE A 1 31  ? 11.906  -3.549  -1.185  1.00 3.94  ? 47  PHE A CE1 1 
ATOM   223  C  CE2 . PHE A 1 31  ? 12.182  -3.010  1.123   1.00 5.09  ? 47  PHE A CE2 1 
ATOM   224  C  CZ  . PHE A 1 31  ? 12.555  -2.852  -0.192  1.00 3.00  ? 47  PHE A CZ  1 
ATOM   225  N  N   . PRO A 1 32  ? 6.604   -6.873  0.093   1.00 3.00  ? 48  PRO A N   1 
ATOM   226  C  CA  . PRO A 1 32  ? 5.564   -7.836  0.510   1.00 3.00  ? 48  PRO A CA  1 
ATOM   227  C  C   . PRO A 1 32  ? 5.814   -8.429  1.904   1.00 5.41  ? 48  PRO A C   1 
ATOM   228  O  O   . PRO A 1 32  ? 6.961   -8.707  2.304   1.00 3.16  ? 48  PRO A O   1 
ATOM   229  C  CB  . PRO A 1 32  ? 5.608   -8.924  -0.567  1.00 3.99  ? 48  PRO A CB  1 
ATOM   230  C  CG  . PRO A 1 32  ? 6.258   -8.296  -1.761  1.00 7.84  ? 48  PRO A CG  1 
ATOM   231  C  CD  . PRO A 1 32  ? 7.214   -7.249  -1.210  1.00 4.46  ? 48  PRO A CD  1 
ATOM   232  N  N   . VAL A 1 33  ? 4.730   -8.621  2.655   1.00 3.00  ? 49  VAL A N   1 
ATOM   233  C  CA  . VAL A 1 33  ? 4.844   -9.217  3.976   1.00 3.00  ? 49  VAL A CA  1 
ATOM   234  C  C   . VAL A 1 33  ? 5.219   -10.701 3.826   1.00 5.72  ? 49  VAL A C   1 
ATOM   235  O  O   . VAL A 1 33  ? 4.562   -11.446 3.096   1.00 4.27  ? 49  VAL A O   1 
ATOM   236  C  CB  . VAL A 1 33  ? 3.568   -9.005  4.808   1.00 5.81  ? 49  VAL A CB  1 
ATOM   237  C  CG1 . VAL A 1 33  ? 3.700   -9.686  6.158   1.00 5.70  ? 49  VAL A CG1 1 
ATOM   238  C  CG2 . VAL A 1 33  ? 3.284   -7.523  4.974   1.00 5.80  ? 49  VAL A CG2 1 
ATOM   239  N  N   . THR A 1 34  ? 6.302   -11.108 4.478   1.00 5.44  ? 50  THR A N   1 
ATOM   240  C  CA  . THR A 1 34  ? 6.776   -12.494 4.416   1.00 6.07  ? 50  THR A CA  1 
ATOM   241  C  C   . THR A 1 34  ? 6.149   -13.336 5.524   1.00 10.31 ? 50  THR A C   1 
ATOM   242  O  O   . THR A 1 34  ? 5.886   -12.820 6.611   1.00 8.29  ? 50  THR A O   1 
ATOM   243  C  CB  . THR A 1 34  ? 8.298   -12.542 4.552   1.00 15.27 ? 50  THR A CB  1 
ATOM   244  O  OG1 . THR A 1 34  ? 8.633   -12.115 5.872   1.00 8.85  ? 50  THR A OG1 1 
ATOM   245  C  CG2 . THR A 1 34  ? 9.023   -11.663 3.514   1.00 16.44 ? 50  THR A CG2 1 
ATOM   246  N  N   . ASP A 1 35  ? 5.979   -14.652 5.270   1.00 10.58 ? 51  ASP A N   1 
ATOM   247  C  CA  . ASP A 1 35  ? 5.439   -15.595 6.259   1.00 12.12 ? 51  ASP A CA  1 
ATOM   248  C  C   . ASP A 1 35  ? 6.384   -15.789 7.450   1.00 18.06 ? 51  ASP A C   1 
ATOM   249  O  O   . ASP A 1 35  ? 5.920   -16.157 8.533   1.00 17.10 ? 51  ASP A O   1 
ATOM   250  C  CB  . ASP A 1 35  ? 5.039   -16.932 5.611   1.00 14.45 ? 51  ASP A CB  1 
ATOM   251  C  CG  . ASP A 1 35  ? 3.771   -16.874 4.769   1.00 18.35 ? 51  ASP A CG  1 
ATOM   252  O  OD1 . ASP A 1 35  ? 3.038   -15.858 4.857   1.00 16.12 ? 51  ASP A OD1 1 
ATOM   253  O  OD2 . ASP A 1 35  ? 3.506   -17.847 4.030   1.00 22.49 ? 51  ASP A OD2 1 
ATOM   254  N  N   . ALA A 1 36  ? 7.692   -15.480 7.270   1.00 16.64 ? 52  ALA A N   1 
ATOM   255  C  CA  . ALA A 1 36  ? 8.689   -15.551 8.346   1.00 17.40 ? 52  ALA A CA  1 
ATOM   256  C  C   . ALA A 1 36  ? 8.395   -14.492 9.414   1.00 20.58 ? 52  ALA A C   1 
ATOM   257  O  O   . ALA A 1 36  ? 8.396   -14.831 10.600  1.00 21.89 ? 52  ALA A O   1 
ATOM   258  C  CB  . ALA A 1 36  ? 10.091  -15.377 7.789   1.00 18.30 ? 52  ALA A CB  1 
ATOM   259  N  N   . ILE A 1 37  ? 8.108   -13.226 8.992   1.00 15.15 ? 53  ILE A N   1 
ATOM   260  C  CA  A ILE A 1 37  ? 7.782   -12.107 9.891   0.50 14.32 ? 53  ILE A CA  1 
ATOM   261  C  CA  B ILE A 1 37  ? 7.798   -12.147 9.937   0.50 14.44 ? 53  ILE A CA  1 
ATOM   262  C  C   . ILE A 1 37  ? 6.348   -12.238 10.442  1.00 17.63 ? 53  ILE A C   1 
ATOM   263  O  O   . ILE A 1 37  ? 6.098   -11.941 11.614  1.00 17.99 ? 53  ILE A O   1 
ATOM   264  C  CB  A ILE A 1 37  ? 8.022   -10.753 9.148   0.50 17.04 ? 53  ILE A CB  1 
ATOM   265  C  CB  B ILE A 1 37  ? 8.206   -10.737 9.408   0.50 17.33 ? 53  ILE A CB  1 
ATOM   266  C  CG1 A ILE A 1 37  ? 9.522   -10.518 8.847   0.50 17.26 ? 53  ILE A CG1 1 
ATOM   267  C  CG1 B ILE A 1 37  ? 8.392   -9.723  10.566  0.50 17.70 ? 53  ILE A CG1 1 
ATOM   268  C  CG2 A ILE A 1 37  ? 7.390   -9.544  9.863   0.50 17.24 ? 53  ILE A CG2 1 
ATOM   269  C  CG2 B ILE A 1 37  ? 7.242   -10.216 8.336   0.50 17.59 ? 53  ILE A CG2 1 
ATOM   270  C  CD1 A ILE A 1 37  ? 10.464  -10.398 10.085  0.50 23.76 ? 53  ILE A CD1 1 
ATOM   271  C  CD1 B ILE A 1 37  ? 9.323   -8.536  10.257  0.50 26.24 ? 53  ILE A CD1 1 
ATOM   272  N  N   . ALA A 1 38  ? 5.408   -12.659 9.572   1.00 12.44 ? 54  ALA A N   1 
ATOM   273  C  CA  . ALA A 1 38  ? 3.997   -12.806 9.909   1.00 11.79 ? 54  ALA A CA  1 
ATOM   274  C  C   . ALA A 1 38  ? 3.557   -14.247 9.685   1.00 15.78 ? 54  ALA A C   1 
ATOM   275  O  O   . ALA A 1 38  ? 3.187   -14.623 8.569   1.00 13.29 ? 54  ALA A O   1 
ATOM   276  C  CB  . ALA A 1 38  ? 3.161   -11.846 9.086   1.00 12.29 ? 54  ALA A CB  1 
ATOM   277  N  N   . PRO A 1 39  ? 3.649   -15.100 10.730  1.00 13.55 ? 55  PRO A N   1 
ATOM   278  C  CA  . PRO A 1 39  ? 3.276   -16.512 10.549  1.00 13.31 ? 55  PRO A CA  1 
ATOM   279  C  C   . PRO A 1 39  ? 1.871   -16.686 9.993   1.00 14.33 ? 55  PRO A C   1 
ATOM   280  O  O   . PRO A 1 39  ? 0.932   -16.056 10.474  1.00 15.83 ? 55  PRO A O   1 
ATOM   281  C  CB  . PRO A 1 39  ? 3.410   -17.096 11.957  1.00 14.98 ? 55  PRO A CB  1 
ATOM   282  C  CG  . PRO A 1 39  ? 4.428   -16.218 12.624  1.00 19.28 ? 55  PRO A CG  1 
ATOM   283  C  CD  . PRO A 1 39  ? 4.101   -14.842 12.116  1.00 14.88 ? 55  PRO A CD  1 
ATOM   284  N  N   . GLY A 1 40  ? 1.779   -17.461 8.919   1.00 9.14  ? 56  GLY A N   1 
ATOM   285  C  CA  . GLY A 1 40  ? 0.530   -17.767 8.228   1.00 7.72  ? 56  GLY A CA  1 
ATOM   286  C  C   . GLY A 1 40  ? -0.156  -16.591 7.551   1.00 10.10 ? 56  GLY A C   1 
ATOM   287  O  O   . GLY A 1 40  ? -1.347  -16.664 7.237   1.00 10.73 ? 56  GLY A O   1 
ATOM   288  N  N   . TYR A 1 41  ? 0.593   -15.509 7.282   1.00 5.76  ? 57  TYR A N   1 
ATOM   289  C  CA  . TYR A 1 41  ? 0.031   -14.331 6.608   1.00 4.79  ? 57  TYR A CA  1 
ATOM   290  C  C   . TYR A 1 41  ? -0.601  -14.688 5.241   1.00 8.60  ? 57  TYR A C   1 
ATOM   291  O  O   . TYR A 1 41  ? -1.761  -14.332 4.999   1.00 8.83  ? 57  TYR A O   1 
ATOM   292  C  CB  . TYR A 1 41  ? 1.119   -13.266 6.444   1.00 5.05  ? 57  TYR A CB  1 
ATOM   293  C  CG  . TYR A 1 41  ? 0.593   -11.945 5.938   1.00 4.36  ? 57  TYR A CG  1 
ATOM   294  C  CD1 . TYR A 1 41  ? 0.154   -10.963 6.823   1.00 7.49  ? 57  TYR A CD1 1 
ATOM   295  C  CD2 . TYR A 1 41  ? 0.518   -11.680 4.575   1.00 4.14  ? 57  TYR A CD2 1 
ATOM   296  C  CE1 . TYR A 1 41  ? -0.318  -9.736  6.362   1.00 7.28  ? 57  TYR A CE1 1 
ATOM   297  C  CE2 . TYR A 1 41  ? 0.038   -10.462 4.102   1.00 4.47  ? 57  TYR A CE2 1 
ATOM   298  C  CZ  . TYR A 1 41  ? -0.366  -9.488  4.999   1.00 9.26  ? 57  TYR A CZ  1 
ATOM   299  O  OH  . TYR A 1 41  ? -0.846  -8.288  4.537   1.00 5.62  ? 57  TYR A OH  1 
ATOM   300  N  N   . SER A 1 42  ? 0.154   -15.421 4.367   1.00 5.45  ? 58  SER A N   1 
ATOM   301  C  CA  . SER A 1 42  ? -0.281  -15.839 3.031   1.00 5.78  ? 58  SER A CA  1 
ATOM   302  C  C   . SER A 1 42  ? -1.559  -16.671 3.025   1.00 9.50  ? 58  SER A C   1 
ATOM   303  O  O   . SER A 1 42  ? -2.255  -16.713 2.012   1.00 8.59  ? 58  SER A O   1 
ATOM   304  C  CB  . SER A 1 42  ? 0.820   -16.626 2.331   1.00 9.99  ? 58  SER A CB  1 
ATOM   305  O  OG  . SER A 1 42  ? 1.145   -17.802 3.056   1.00 15.27 ? 58  SER A OG  1 
ATOM   306  N  N   . MET A 1 43  ? -1.848  -17.325 4.150   1.00 8.06  ? 59  MET A N   1 
ATOM   307  C  CA  . MET A 1 43  ? -3.005  -18.200 4.340   1.00 8.56  ? 59  MET A CA  1 
ATOM   308  C  C   . MET A 1 43  ? -4.239  -17.429 4.783   1.00 12.49 ? 59  MET A C   1 
ATOM   309  O  O   . MET A 1 43  ? -5.357  -17.902 4.569   1.00 13.76 ? 59  MET A O   1 
ATOM   310  C  CB  . MET A 1 43  ? -2.662  -19.279 5.377   1.00 10.89 ? 59  MET A CB  1 
ATOM   311  C  CG  . MET A 1 43  ? -1.705  -20.326 4.849   1.00 15.05 ? 59  MET A CG  1 
ATOM   312  S  SD  . MET A 1 43  ? -0.961  -21.319 6.164   1.00 19.98 ? 59  MET A SD  1 
ATOM   313  C  CE  . MET A 1 43  ? -2.382  -22.288 6.694   1.00 17.07 ? 59  MET A CE  1 
ATOM   314  N  N   . ILE A 1 44  ? -4.034  -16.250 5.405   1.00 7.48  ? 60  ILE A N   1 
ATOM   315  C  CA  . ILE A 1 44  ? -5.078  -15.351 5.901   1.00 6.79  ? 60  ILE A CA  1 
ATOM   316  C  C   . ILE A 1 44  ? -5.432  -14.281 4.857   1.00 10.98 ? 60  ILE A C   1 
ATOM   317  O  O   . ILE A 1 44  ? -6.617  -14.019 4.620   1.00 11.53 ? 60  ILE A O   1 
ATOM   318  C  CB  . ILE A 1 44  ? -4.644  -14.701 7.262   1.00 9.85  ? 60  ILE A CB  1 
ATOM   319  C  CG1 . ILE A 1 44  ? -4.471  -15.781 8.374   1.00 10.51 ? 60  ILE A CG1 1 
ATOM   320  C  CG2 . ILE A 1 44  ? -5.619  -13.575 7.695   1.00 9.79  ? 60  ILE A CG2 1 
ATOM   321  C  CD1 . ILE A 1 44  ? -3.975  -15.279 9.782   1.00 23.61 ? 60  ILE A CD1 1 
ATOM   322  N  N   . ILE A 1 45  ? -4.397  -13.658 4.254   1.00 6.03  ? 61  ILE A N   1 
ATOM   323  C  CA  . ILE A 1 45  ? -4.535  -12.558 3.300   1.00 4.89  ? 61  ILE A CA  1 
ATOM   324  C  C   . ILE A 1 45  ? -4.530  -13.098 1.881   1.00 8.25  ? 61  ILE A C   1 
ATOM   325  O  O   . ILE A 1 45  ? -3.503  -13.606 1.407   1.00 8.53  ? 61  ILE A O   1 
ATOM   326  C  CB  . ILE A 1 45  ? -3.466  -11.455 3.583   1.00 7.48  ? 61  ILE A CB  1 
ATOM   327  C  CG1 . ILE A 1 45  ? -3.631  -10.859 5.005   1.00 6.83  ? 61  ILE A CG1 1 
ATOM   328  C  CG2 . ILE A 1 45  ? -3.458  -10.366 2.496   1.00 8.64  ? 61  ILE A CG2 1 
ATOM   329  C  CD1 . ILE A 1 45  ? -4.946  -9.994  5.295   1.00 8.05  ? 61  ILE A CD1 1 
ATOM   330  N  N   . LYS A 1 46  ? -5.680  -12.976 1.204   1.00 6.33  ? 62  LYS A N   1 
ATOM   331  C  CA  . LYS A 1 46  ? -5.882  -13.517 -0.130  1.00 7.08  ? 62  LYS A CA  1 
ATOM   332  C  C   . LYS A 1 46  ? -5.240  -12.701 -1.233  1.00 10.39 ? 62  LYS A C   1 
ATOM   333  O  O   . LYS A 1 46  ? -4.765  -13.268 -2.222  1.00 9.95  ? 62  LYS A O   1 
ATOM   334  C  CB  . LYS A 1 46  ? -7.383  -13.738 -0.415  1.00 9.84  ? 62  LYS A CB  1 
ATOM   335  C  CG  . LYS A 1 46  ? -8.108  -14.635 0.604   1.00 28.69 ? 62  LYS A CG  1 
ATOM   336  C  CD  . LYS A 1 46  ? -7.756  -16.120 0.484   1.00 36.22 ? 62  LYS A CD  1 
ATOM   337  C  CE  . LYS A 1 46  ? -7.088  -16.632 1.738   1.00 45.86 ? 62  LYS A CE  1 
ATOM   338  N  NZ  . LYS A 1 46  ? -6.617  -18.034 1.581   1.00 52.43 ? 62  LYS A NZ  1 
ATOM   339  N  N   . HIS A 1 47  ? -5.246  -11.366 -1.076  1.00 6.50  ? 63  HIS A N   1 
ATOM   340  C  CA  . HIS A 1 47  ? -4.706  -10.439 -2.062  1.00 6.65  ? 63  HIS A CA  1 
ATOM   341  C  C   . HIS A 1 47  ? -3.644  -9.535  -1.402  1.00 5.92  ? 63  HIS A C   1 
ATOM   342  O  O   . HIS A 1 47  ? -3.959  -8.386  -1.065  1.00 3.00  ? 63  HIS A O   1 
ATOM   343  C  CB  . HIS A 1 47  ? -5.845  -9.644  -2.729  1.00 8.57  ? 63  HIS A CB  1 
ATOM   344  C  CG  . HIS A 1 47  ? -6.852  -10.525 -3.407  1.00 12.93 ? 63  HIS A CG  1 
ATOM   345  N  ND1 . HIS A 1 47  ? -8.133  -10.676 -2.900  1.00 15.24 ? 63  HIS A ND1 1 
ATOM   346  C  CD2 . HIS A 1 47  ? -6.723  -11.300 -4.512  1.00 15.82 ? 63  HIS A CD2 1 
ATOM   347  C  CE1 . HIS A 1 47  ? -8.746  -11.524 -3.713  1.00 15.21 ? 63  HIS A CE1 1 
ATOM   348  N  NE2 . HIS A 1 47  ? -7.939  -11.925 -4.699  1.00 15.48 ? 63  HIS A NE2 1 
ATOM   349  N  N   . PRO A 1 48  ? -2.386  -10.019 -1.192  1.00 3.19  ? 64  PRO A N   1 
ATOM   350  C  CA  A PRO A 1 48  ? -1.375  -9.151  -0.557  0.50 3.00  ? 64  PRO A CA  1 
ATOM   351  C  CA  B PRO A 1 48  ? -1.374  -9.157  -0.557  0.50 3.00  ? 64  PRO A CA  1 
ATOM   352  C  C   . PRO A 1 48  ? -1.025  -7.967  -1.448  1.00 5.38  ? 64  PRO A C   1 
ATOM   353  O  O   . PRO A 1 48  ? -1.135  -8.068  -2.675  1.00 4.16  ? 64  PRO A O   1 
ATOM   354  C  CB  A PRO A 1 48  ? -0.161  -10.072 -0.389  0.50 4.40  ? 64  PRO A CB  1 
ATOM   355  C  CB  B PRO A 1 48  ? -0.172  -10.089 -0.367  0.50 4.63  ? 64  PRO A CB  1 
ATOM   356  C  CG  A PRO A 1 48  ? -0.674  -11.454 -0.578  0.50 8.55  ? 64  PRO A CG  1 
ATOM   357  C  CG  B PRO A 1 48  ? -0.376  -11.212 -1.330  0.50 9.19  ? 64  PRO A CG  1 
ATOM   358  C  CD  A PRO A 1 48  ? -1.818  -11.337 -1.533  0.50 4.92  ? 64  PRO A CD  1 
ATOM   359  C  CD  B PRO A 1 48  ? -1.846  -11.352 -1.540  0.50 5.26  ? 64  PRO A CD  1 
ATOM   360  N  N   . MET A 1 49  ? -0.621  -6.844  -0.832  1.00 3.00  ? 65  MET A N   1 
ATOM   361  C  CA  . MET A 1 49  ? -0.246  -5.651  -1.575  1.00 3.00  ? 65  MET A CA  1 
ATOM   362  C  C   . MET A 1 49  ? 0.755   -4.875  -0.751  1.00 4.90  ? 65  MET A C   1 
ATOM   363  O  O   . MET A 1 49  ? 0.719   -4.941  0.477   1.00 3.00  ? 65  MET A O   1 
ATOM   364  C  CB  . MET A 1 49  ? -1.481  -4.803  -1.978  1.00 3.26  ? 65  MET A CB  1 
ATOM   365  C  CG  . MET A 1 49  ? -1.196  -3.665  -2.979  1.00 3.78  ? 65  MET A CG  1 
ATOM   366  S  SD  . MET A 1 49  ? -0.170  -4.086  -4.431  1.00 5.04  ? 65  MET A SD  1 
ATOM   367  C  CE  . MET A 1 49  ? -1.244  -5.213  -5.256  1.00 3.03  ? 65  MET A CE  1 
ATOM   368  N  N   . ASP A 1 50  ? 1.674   -4.167  -1.428  1.00 3.00  ? 66  ASP A N   1 
ATOM   369  C  CA  . ASP A 1 50  ? 2.700   -3.374  -0.763  1.00 3.00  ? 66  ASP A CA  1 
ATOM   370  C  C   . ASP A 1 50  ? 3.165   -2.282  -1.732  1.00 4.06  ? 66  ASP A C   1 
ATOM   371  O  O   . ASP A 1 50  ? 2.929   -2.390  -2.942  1.00 3.00  ? 66  ASP A O   1 
ATOM   372  C  CB  . ASP A 1 50  ? 3.875   -4.273  -0.341  1.00 3.00  ? 66  ASP A CB  1 
ATOM   373  C  CG  . ASP A 1 50  ? 4.596   -4.843  -1.537  1.00 5.63  ? 66  ASP A CG  1 
ATOM   374  O  OD1 . ASP A 1 50  ? 5.597   -4.233  -1.964  1.00 3.82  ? 66  ASP A OD1 1 
ATOM   375  O  OD2 . ASP A 1 50  ? 4.125   -5.869  -2.079  1.00 7.08  ? 66  ASP A OD2 1 
ATOM   376  N  N   . PHE A 1 51  ? 3.891   -1.281  -1.227  1.00 3.00  ? 67  PHE A N   1 
ATOM   377  C  CA  . PHE A 1 51  ? 4.378   -0.195  -2.085  1.00 3.00  ? 67  PHE A CA  1 
ATOM   378  C  C   . PHE A 1 51  ? 5.318   -0.656  -3.200  1.00 4.64  ? 67  PHE A C   1 
ATOM   379  O  O   . PHE A 1 51  ? 5.311   -0.063  -4.274  1.00 3.44  ? 67  PHE A O   1 
ATOM   380  C  CB  . PHE A 1 51  ? 5.072   0.881   -1.248  1.00 3.58  ? 67  PHE A CB  1 
ATOM   381  C  CG  . PHE A 1 51  ? 4.181   1.753   -0.404  1.00 3.00  ? 67  PHE A CG  1 
ATOM   382  C  CD1 . PHE A 1 51  ? 3.022   2.313   -0.933  1.00 3.21  ? 67  PHE A CD1 1 
ATOM   383  C  CD2 . PHE A 1 51  ? 4.538   2.085   0.890   1.00 3.68  ? 67  PHE A CD2 1 
ATOM   384  C  CE1 . PHE A 1 51  ? 2.230   3.175   -0.172  1.00 3.18  ? 67  PHE A CE1 1 
ATOM   385  C  CE2 . PHE A 1 51  ? 3.733   2.924   1.662   1.00 5.56  ? 67  PHE A CE2 1 
ATOM   386  C  CZ  . PHE A 1 51  ? 2.592   3.480   1.117   1.00 3.68  ? 67  PHE A CZ  1 
ATOM   387  N  N   . GLY A 1 52  ? 6.130   -1.687  -2.927  1.00 3.00  ? 68  GLY A N   1 
ATOM   388  C  CA  . GLY A 1 52  ? 7.072   -2.246  -3.900  1.00 3.00  ? 68  GLY A CA  1 
ATOM   389  C  C   . GLY A 1 52  ? 6.351   -2.840  -5.090  1.00 5.77  ? 68  GLY A C   1 
ATOM   390  O  O   . GLY A 1 52  ? 6.718   -2.568  -6.239  1.00 5.55  ? 68  GLY A O   1 
ATOM   391  N  N   . THR A 1 53  ? 5.300   -3.655  -4.820  1.00 3.00  ? 69  THR A N   1 
ATOM   392  C  CA  . THR A 1 53  ? 4.454   -4.251  -5.845  1.00 3.00  ? 69  THR A CA  1 
ATOM   393  C  C   . THR A 1 53  ? 3.758   -3.147  -6.648  1.00 5.50  ? 69  THR A C   1 
ATOM   394  O  O   . THR A 1 53  ? 3.704   -3.225  -7.884  1.00 5.60  ? 69  THR A O   1 
ATOM   395  C  CB  . THR A 1 53  ? 3.510   -5.249  -5.202  1.00 8.74  ? 69  THR A CB  1 
ATOM   396  O  OG1 . THR A 1 53  ? 4.312   -6.211  -4.515  1.00 5.77  ? 69  THR A OG1 1 
ATOM   397  C  CG2 . THR A 1 53  ? 2.624   -5.971  -6.212  1.00 13.08 ? 69  THR A CG2 1 
ATOM   398  N  N   . MET A 1 54  ? 3.310   -2.080  -5.956  1.00 3.00  ? 70  MET A N   1 
ATOM   399  C  CA  . MET A 1 54  ? 2.654   -0.937  -6.591  1.00 3.00  ? 70  MET A CA  1 
ATOM   400  C  C   . MET A 1 54  ? 3.619   -0.252  -7.558  1.00 4.40  ? 70  MET A C   1 
ATOM   401  O  O   . MET A 1 54  ? 3.244   0.029   -8.698  1.00 3.00  ? 70  MET A O   1 
ATOM   402  C  CB  . MET A 1 54  ? 2.102   0.031   -5.537  1.00 3.48  ? 70  MET A CB  1 
ATOM   403  C  CG  . MET A 1 54  ? 0.870   -0.530  -4.848  1.00 5.49  ? 70  MET A CG  1 
ATOM   404  S  SD  . MET A 1 54  ? 0.235   0.494   -3.513  1.00 8.97  ? 70  MET A SD  1 
ATOM   405  C  CE  . MET A 1 54  ? -0.629  1.758   -4.411  1.00 7.64  ? 70  MET A CE  1 
ATOM   406  N  N   . LYS A 1 55  ? 4.889   -0.066  -7.148  1.00 3.00  ? 71  LYS A N   1 
ATOM   407  C  CA  . LYS A 1 55  ? 5.898   0.534   -8.022  1.00 3.00  ? 71  LYS A CA  1 
ATOM   408  C  C   . LYS A 1 55  ? 6.096   -0.344  -9.263  1.00 4.53  ? 71  LYS A C   1 
ATOM   409  O  O   . LYS A 1 55  ? 6.136   0.168   -10.383 1.00 3.00  ? 71  LYS A O   1 
ATOM   410  C  CB  . LYS A 1 55  ? 7.207   0.712   -7.228  1.00 4.53  ? 71  LYS A CB  1 
ATOM   411  C  CG  . LYS A 1 55  ? 8.450   1.093   -8.044  1.00 10.72 ? 71  LYS A CG  1 
ATOM   412  C  CD  . LYS A 1 55  ? 8.467   2.529   -8.537  1.00 20.54 ? 71  LYS A CD  1 
ATOM   413  C  CE  . LYS A 1 55  ? 9.856   2.874   -9.023  1.00 31.70 ? 71  LYS A CE  1 
ATOM   414  N  NZ  . LYS A 1 55  ? 9.851   3.978   -10.015 1.00 46.29 ? 71  LYS A NZ  1 
ATOM   415  N  N   . ASP A 1 56  ? 6.170   -1.669  -9.075  1.00 3.00  ? 72  ASP A N   1 
ATOM   416  C  CA  . ASP A 1 56  ? 6.331   -2.602  -10.190 1.00 3.78  ? 72  ASP A CA  1 
ATOM   417  C  C   . ASP A 1 56  ? 5.167   -2.525  -11.165 1.00 6.17  ? 72  ASP A C   1 
ATOM   418  O  O   . ASP A 1 56  ? 5.380   -2.576  -12.372 1.00 5.07  ? 72  ASP A O   1 
ATOM   419  C  CB  . ASP A 1 56  ? 6.517   -4.022  -9.660  1.00 5.22  ? 72  ASP A CB  1 
ATOM   420  C  CG  . ASP A 1 56  ? 7.940   -4.312  -9.222  1.00 16.57 ? 72  ASP A CG  1 
ATOM   421  O  OD1 . ASP A 1 56  ? 8.858   -3.568  -9.646  1.00 17.60 ? 72  ASP A OD1 1 
ATOM   422  O  OD2 . ASP A 1 56  ? 8.149   -5.318  -8.510  1.00 17.41 ? 72  ASP A OD2 1 
ATOM   423  N  N   . LYS A 1 57  ? 3.935   -2.326  -10.652 1.00 3.08  ? 73  LYS A N   1 
ATOM   424  C  CA  . LYS A 1 57  ? 2.748   -2.203  -11.504 1.00 3.00  ? 73  LYS A CA  1 
ATOM   425  C  C   . LYS A 1 57  ? 2.718   -0.874  -12.284 1.00 5.83  ? 73  LYS A C   1 
ATOM   426  O  O   . LYS A 1 57  ? 2.290   -0.862  -13.438 1.00 5.37  ? 73  LYS A O   1 
ATOM   427  C  CB  . LYS A 1 57  ? 1.472   -2.398  -10.681 1.00 3.00  ? 73  LYS A CB  1 
ATOM   428  C  CG  . LYS A 1 57  ? 1.291   -3.829  -10.177 1.00 3.28  ? 73  LYS A CG  1 
ATOM   429  C  CD  . LYS A 1 57  ? 0.067   -3.998  -9.281  1.00 5.98  ? 73  LYS A CD  1 
ATOM   430  C  CE  . LYS A 1 57  ? -1.209  -4.038  -10.072 1.00 7.10  ? 73  LYS A CE  1 
ATOM   431  N  NZ  . LYS A 1 57  ? -2.343  -4.440  -9.215  1.00 6.19  ? 73  LYS A NZ  1 
ATOM   432  N  N   . ILE A 1 58  ? 3.226   0.228   -11.686 1.00 3.00  ? 74  ILE A N   1 
ATOM   433  C  CA  . ILE A 1 58  ? 3.306   1.514   -12.383 1.00 3.00  ? 74  ILE A CA  1 
ATOM   434  C  C   . ILE A 1 58  ? 4.306   1.358   -13.535 1.00 7.58  ? 74  ILE A C   1 
ATOM   435  O  O   . ILE A 1 58  ? 3.997   1.730   -14.658 1.00 6.42  ? 74  ILE A O   1 
ATOM   436  C  CB  . ILE A 1 58  ? 3.716   2.688   -11.453 1.00 4.36  ? 74  ILE A CB  1 
ATOM   437  C  CG1 . ILE A 1 58  ? 2.706   2.882   -10.319 1.00 3.00  ? 74  ILE A CG1 1 
ATOM   438  C  CG2 . ILE A 1 58  ? 3.907   4.006   -12.249 1.00 4.90  ? 74  ILE A CG2 1 
ATOM   439  C  CD1 . ILE A 1 58  ? 3.226   3.770   -9.179  1.00 4.02  ? 74  ILE A CD1 1 
ATOM   440  N  N   . VAL A 1 59  ? 5.494   0.808   -13.255 1.00 3.21  ? 75  VAL A N   1 
ATOM   441  C  CA  . VAL A 1 59  ? 6.550   0.603   -14.251 1.00 5.60  ? 75  VAL A CA  1 
ATOM   442  C  C   . VAL A 1 59  ? 6.078   -0.294  -15.406 1.00 9.95  ? 75  VAL A C   1 
ATOM   443  O  O   . VAL A 1 59  ? 6.394   -0.027  -16.569 1.00 9.94  ? 75  VAL A O   1 
ATOM   444  C  CB  . VAL A 1 59  ? 7.865   0.111   -13.596 1.00 10.69 ? 75  VAL A CB  1 
ATOM   445  C  CG1 . VAL A 1 59  ? 8.939   -0.172  -14.643 1.00 10.58 ? 75  VAL A CG1 1 
ATOM   446  C  CG2 . VAL A 1 59  ? 8.373   1.113   -12.567 1.00 10.36 ? 75  VAL A CG2 1 
ATOM   447  N  N   . ALA A 1 60  ? 5.254   -1.311  -15.097 1.00 6.75  ? 76  ALA A N   1 
ATOM   448  C  CA  . ALA A 1 60  ? 4.734   -2.237  -16.112 1.00 7.72  ? 76  ALA A CA  1 
ATOM   449  C  C   . ALA A 1 60  ? 3.499   -1.683  -16.837 1.00 12.27 ? 76  ALA A C   1 
ATOM   450  O  O   . ALA A 1 60  ? 2.997   -2.318  -17.775 1.00 12.74 ? 76  ALA A O   1 
ATOM   451  C  CB  . ALA A 1 60  ? 4.420   -3.580  -15.475 1.00 8.92  ? 76  ALA A CB  1 
ATOM   452  N  N   . ASN A 1 61  ? 3.020   -0.497  -16.400 1.00 8.99  ? 77  ASN A N   1 
ATOM   453  C  CA  . ASN A 1 61  ? 1.861   0.233   -16.926 1.00 9.45  ? 77  ASN A CA  1 
ATOM   454  C  C   . ASN A 1 61  ? 0.541   -0.539  -16.691 1.00 11.32 ? 77  ASN A C   1 
ATOM   455  O  O   . ASN A 1 61  ? -0.400  -0.446  -17.488 1.00 11.60 ? 77  ASN A O   1 
ATOM   456  C  CB  . ASN A 1 61  ? 2.092   0.636   -18.396 1.00 10.48 ? 77  ASN A CB  1 
ATOM   457  C  CG  . ASN A 1 61  ? 1.192   1.736   -18.885 1.00 26.65 ? 77  ASN A CG  1 
ATOM   458  O  OD1 . ASN A 1 61  ? 0.771   2.612   -18.125 1.00 17.33 ? 77  ASN A OD1 1 
ATOM   459  N  ND2 . ASN A 1 61  ? 0.895   1.726   -20.178 1.00 16.93 ? 77  ASN A ND2 1 
ATOM   460  N  N   . GLU A 1 62  ? 0.466   -1.265  -15.552 1.00 6.29  ? 78  GLU A N   1 
ATOM   461  C  CA  . GLU A 1 62  ? -0.694  -2.069  -15.164 1.00 6.13  ? 78  GLU A CA  1 
ATOM   462  C  C   . GLU A 1 62  ? -1.868  -1.213  -14.704 1.00 9.71  ? 78  GLU A C   1 
ATOM   463  O  O   . GLU A 1 62  ? -3.016  -1.660  -14.779 1.00 11.39 ? 78  GLU A O   1 
ATOM   464  C  CB  . GLU A 1 62  ? -0.316  -3.071  -14.061 1.00 8.04  ? 78  GLU A CB  1 
ATOM   465  C  CG  . GLU A 1 62  ? 0.466   -4.276  -14.557 1.00 17.63 ? 78  GLU A CG  1 
ATOM   466  C  CD  . GLU A 1 62  ? 0.497   -5.450  -13.597 1.00 46.49 ? 78  GLU A CD  1 
ATOM   467  O  OE1 . GLU A 1 62  ? -0.581  -6.027  -13.319 1.00 45.90 ? 78  GLU A OE1 1 
ATOM   468  O  OE2 . GLU A 1 62  ? 1.606   -5.806  -13.136 1.00 42.35 ? 78  GLU A OE2 1 
ATOM   469  N  N   . TYR A 1 63  ? -1.592  0.016   -14.227 1.00 5.66  ? 79  TYR A N   1 
ATOM   470  C  CA  . TYR A 1 63  ? -2.673  0.886   -13.769 1.00 3.73  ? 79  TYR A CA  1 
ATOM   471  C  C   . TYR A 1 63  ? -3.179  1.750   -14.917 1.00 6.10  ? 79  TYR A C   1 
ATOM   472  O  O   . TYR A 1 63  ? -2.429  2.596   -15.419 1.00 5.58  ? 79  TYR A O   1 
ATOM   473  C  CB  . TYR A 1 63  ? -2.197  1.797   -12.632 1.00 3.14  ? 79  TYR A CB  1 
ATOM   474  C  CG  . TYR A 1 63  ? -1.817  1.073   -11.358 1.00 3.00  ? 79  TYR A CG  1 
ATOM   475  C  CD1 . TYR A 1 63  ? -2.760  0.345   -10.638 1.00 4.14  ? 79  TYR A CD1 1 
ATOM   476  C  CD2 . TYR A 1 63  ? -0.519  1.138   -10.858 1.00 3.12  ? 79  TYR A CD2 1 
ATOM   477  C  CE1 . TYR A 1 63  ? -2.420  -0.300  -9.450  1.00 3.21  ? 79  TYR A CE1 1 
ATOM   478  C  CE2 . TYR A 1 63  ? -0.168  0.504   -9.670  1.00 3.00  ? 79  TYR A CE2 1 
ATOM   479  C  CZ  . TYR A 1 63  ? -1.125  -0.203  -8.962  1.00 5.01  ? 79  TYR A CZ  1 
ATOM   480  O  OH  . TYR A 1 63  ? -0.775  -0.848  -7.798  1.00 5.02  ? 79  TYR A OH  1 
ATOM   481  N  N   . LYS A 1 64  ? -4.460  1.584   -15.297 1.00 3.25  ? 80  LYS A N   1 
ATOM   482  C  CA  . LYS A 1 64  ? -5.012  2.380   -16.402 1.00 3.70  ? 80  LYS A CA  1 
ATOM   483  C  C   . LYS A 1 64  ? -5.814  3.593   -15.950 1.00 9.25  ? 80  LYS A C   1 
ATOM   484  O  O   . LYS A 1 64  ? -6.286  4.395   -16.775 1.00 10.91 ? 80  LYS A O   1 
ATOM   485  C  CB  . LYS A 1 64  ? -5.836  1.498   -17.342 1.00 6.00  ? 80  LYS A CB  1 
ATOM   486  C  CG  . LYS A 1 64  ? -5.115  0.256   -17.861 1.00 8.92  ? 80  LYS A CG  1 
ATOM   487  C  CD  . LYS A 1 64  ? -3.876  0.557   -18.684 1.00 10.19 ? 80  LYS A CD  1 
ATOM   488  C  CE  . LYS A 1 64  ? -3.186  -0.712  -19.125 1.00 19.37 ? 80  LYS A CE  1 
ATOM   489  N  NZ  . LYS A 1 64  ? -1.890  -0.435  -19.794 1.00 28.71 ? 80  LYS A NZ  1 
ATOM   490  N  N   . SER A 1 65  ? -5.965  3.726   -14.635 1.00 4.19  ? 81  SER A N   1 
ATOM   491  C  CA  . SER A 1 65  ? -6.685  4.809   -14.002 1.00 3.52  ? 81  SER A CA  1 
ATOM   492  C  C   . SER A 1 65  ? -6.176  5.024   -12.585 1.00 4.50  ? 81  SER A C   1 
ATOM   493  O  O   . SER A 1 65  ? -5.596  4.105   -11.992 1.00 3.70  ? 81  SER A O   1 
ATOM   494  C  CB  . SER A 1 65  ? -8.179  4.503   -13.974 1.00 5.49  ? 81  SER A CB  1 
ATOM   495  O  OG  . SER A 1 65  ? -8.485  3.547   -12.967 1.00 10.49 ? 81  SER A OG  1 
ATOM   496  N  N   . VAL A 1 66  ? -6.421  6.224   -12.042 1.00 3.00  ? 82  VAL A N   1 
ATOM   497  C  CA  . VAL A 1 66  ? -6.088  6.622   -10.681 1.00 3.52  ? 82  VAL A CA  1 
ATOM   498  C  C   . VAL A 1 66  ? -6.955  5.775   -9.730  1.00 6.37  ? 82  VAL A C   1 
ATOM   499  O  O   . VAL A 1 66  ? -6.463  5.372   -8.676  1.00 4.30  ? 82  VAL A O   1 
ATOM   500  C  CB  . VAL A 1 66  ? -6.286  8.153   -10.488 1.00 7.96  ? 82  VAL A CB  1 
ATOM   501  C  CG1 . VAL A 1 66  ? -5.876  8.593   -9.088  1.00 8.04  ? 82  VAL A CG1 1 
ATOM   502  C  CG2 . VAL A 1 66  ? -5.497  8.939   -11.536 1.00 8.08  ? 82  VAL A CG2 1 
ATOM   503  N  N   . THR A 1 67  ? -8.216  5.448   -10.134 1.00 3.27  ? 83  THR A N   1 
ATOM   504  C  CA  . THR A 1 67  ? -9.137  4.619   -9.344  1.00 3.10  ? 83  THR A CA  1 
ATOM   505  C  C   . THR A 1 67  ? -8.492  3.264   -9.014  1.00 5.36  ? 83  THR A C   1 
ATOM   506  O  O   . THR A 1 67  ? -8.516  2.836   -7.854  1.00 6.23  ? 83  THR A O   1 
ATOM   507  C  CB  . THR A 1 67  ? -10.462 4.458   -10.104 1.00 10.90 ? 83  THR A CB  1 
ATOM   508  O  OG1 . THR A 1 67  ? -11.001 5.759   -10.337 1.00 15.94 ? 83  THR A OG1 1 
ATOM   509  C  CG2 . THR A 1 67  ? -11.474 3.575   -9.362  1.00 8.19  ? 83  THR A CG2 1 
ATOM   510  N  N   . GLU A 1 68  ? -7.847  2.625   -10.019 1.00 3.00  ? 84  GLU A N   1 
ATOM   511  C  CA  . GLU A 1 68  ? -7.180  1.331   -9.838  1.00 3.00  ? 84  GLU A CA  1 
ATOM   512  C  C   . GLU A 1 68  ? -6.022  1.428   -8.848  1.00 4.45  ? 84  GLU A C   1 
ATOM   513  O  O   . GLU A 1 68  ? -5.856  0.540   -8.009  1.00 3.64  ? 84  GLU A O   1 
ATOM   514  C  CB  . GLU A 1 68  ? -6.656  0.828   -11.186 1.00 3.22  ? 84  GLU A CB  1 
ATOM   515  C  CG  . GLU A 1 68  ? -7.781  0.417   -12.120 1.00 7.46  ? 84  GLU A CG  1 
ATOM   516  C  CD  . GLU A 1 68  ? -7.324  -0.084  -13.475 1.00 15.12 ? 84  GLU A CD  1 
ATOM   517  O  OE1 . GLU A 1 68  ? -6.095  -0.119  -13.725 1.00 6.73  ? 84  GLU A OE1 1 
ATOM   518  O  OE2 . GLU A 1 68  ? -8.204  -0.443  -14.291 1.00 9.60  ? 84  GLU A OE2 1 
ATOM   519  N  N   . PHE A 1 69  ? -5.220  2.496   -8.947  1.00 3.00  ? 85  PHE A N   1 
ATOM   520  C  CA  . PHE A 1 69  ? -4.069  2.691   -8.053  1.00 3.00  ? 85  PHE A CA  1 
ATOM   521  C  C   . PHE A 1 69  ? -4.548  2.896   -6.605  1.00 5.42  ? 85  PHE A C   1 
ATOM   522  O  O   . PHE A 1 69  ? -4.016  2.277   -5.678  1.00 5.50  ? 85  PHE A O   1 
ATOM   523  C  CB  . PHE A 1 69  ? -3.266  3.909   -8.529  1.00 3.32  ? 85  PHE A CB  1 
ATOM   524  C  CG  . PHE A 1 69  ? -2.119  4.312   -7.627  1.00 3.00  ? 85  PHE A CG  1 
ATOM   525  C  CD1 . PHE A 1 69  ? -0.864  3.741   -7.778  1.00 3.23  ? 85  PHE A CD1 1 
ATOM   526  C  CD2 . PHE A 1 69  ? -2.266  5.336   -6.706  1.00 3.00  ? 85  PHE A CD2 1 
ATOM   527  C  CE1 . PHE A 1 69  ? 0.197   4.122   -6.952  1.00 3.09  ? 85  PHE A CE1 1 
ATOM   528  C  CE2 . PHE A 1 69  ? -1.208  5.711   -5.878  1.00 4.48  ? 85  PHE A CE2 1 
ATOM   529  C  CZ  . PHE A 1 69  ? 0.025   5.125   -6.029  1.00 3.62  ? 85  PHE A CZ  1 
ATOM   530  N  N   . LYS A 1 70  ? -5.579  3.744   -6.420  1.00 3.00  ? 86  LYS A N   1 
ATOM   531  C  CA  . LYS A 1 70  ? -6.171  4.025   -5.116  1.00 3.00  ? 86  LYS A CA  1 
ATOM   532  C  C   . LYS A 1 70  ? -6.714  2.738   -4.493  1.00 4.84  ? 86  LYS A C   1 
ATOM   533  O  O   . LYS A 1 70  ? -6.577  2.548   -3.282  1.00 3.64  ? 86  LYS A O   1 
ATOM   534  C  CB  . LYS A 1 70  ? -7.298  5.060   -5.248  1.00 4.84  ? 86  LYS A CB  1 
ATOM   535  C  CG  . LYS A 1 70  ? -6.796  6.476   -5.579  1.00 5.44  ? 86  LYS A CG  1 
ATOM   536  C  CD  . LYS A 1 70  ? -7.921  7.412   -6.059  1.00 18.26 ? 86  LYS A CD  1 
ATOM   537  C  CE  . LYS A 1 70  ? -8.810  7.926   -4.954  1.00 30.90 ? 86  LYS A CE  1 
ATOM   538  N  NZ  . LYS A 1 70  ? -10.074 8.513   -5.478  1.00 35.88 ? 86  LYS A NZ  1 
ATOM   539  N  N   . ALA A 1 71  ? -7.261  1.826   -5.322  1.00 3.20  ? 87  ALA A N   1 
ATOM   540  C  CA  . ALA A 1 71  ? -7.808  0.547   -4.866  1.00 3.00  ? 87  ALA A CA  1 
ATOM   541  C  C   . ALA A 1 71  ? -6.720  -0.336  -4.287  1.00 4.88  ? 87  ALA A C   1 
ATOM   542  O  O   . ALA A 1 71  ? -6.930  -0.952  -3.240  1.00 3.00  ? 87  ALA A O   1 
ATOM   543  C  CB  . ALA A 1 71  ? -8.522  -0.167  -6.019  1.00 3.56  ? 87  ALA A CB  1 
ATOM   544  N  N   . ASP A 1 72  ? -5.540  -0.357  -4.938  1.00 3.00  ? 88  ASP A N   1 
ATOM   545  C  CA  . ASP A 1 72  ? -4.400  -1.125  -4.443  1.00 3.00  ? 88  ASP A CA  1 
ATOM   546  C  C   . ASP A 1 72  ? -3.863  -0.547  -3.140  1.00 5.06  ? 88  ASP A C   1 
ATOM   547  O  O   . ASP A 1 72  ? -3.494  -1.314  -2.238  1.00 3.00  ? 88  ASP A O   1 
ATOM   548  C  CB  . ASP A 1 72  ? -3.305  -1.225  -5.506  1.00 3.39  ? 88  ASP A CB  1 
ATOM   549  C  CG  . ASP A 1 72  ? -3.367  -2.481  -6.360  1.00 10.06 ? 88  ASP A CG  1 
ATOM   550  O  OD1 . ASP A 1 72  ? -4.172  -3.397  -6.031  1.00 9.19  ? 88  ASP A OD1 1 
ATOM   551  O  OD2 . ASP A 1 72  ? -2.550  -2.598  -7.296  1.00 9.22  ? 88  ASP A OD2 1 
ATOM   552  N  N   . PHE A 1 73  ? -3.844  0.792   -3.015  1.00 3.00  ? 89  PHE A N   1 
ATOM   553  C  CA  . PHE A 1 73  ? -3.399  1.421   -1.771  1.00 3.00  ? 89  PHE A CA  1 
ATOM   554  C  C   . PHE A 1 73  ? -4.341  1.055   -0.629  1.00 4.50  ? 89  PHE A C   1 
ATOM   555  O  O   . PHE A 1 73  ? -3.886  0.666   0.461   1.00 3.00  ? 89  PHE A O   1 
ATOM   556  C  CB  . PHE A 1 73  ? -3.288  2.941   -1.919  1.00 3.29  ? 89  PHE A CB  1 
ATOM   557  C  CG  . PHE A 1 73  ? -2.941  3.667   -0.640  1.00 3.00  ? 89  PHE A CG  1 
ATOM   558  C  CD1 . PHE A 1 73  ? -1.749  3.399   0.028   1.00 3.70  ? 89  PHE A CD1 1 
ATOM   559  C  CD2 . PHE A 1 73  ? -3.825  4.590   -0.079  1.00 3.00  ? 89  PHE A CD2 1 
ATOM   560  C  CE1 . PHE A 1 73  ? -1.442  4.041   1.229   1.00 4.09  ? 89  PHE A CE1 1 
ATOM   561  C  CE2 . PHE A 1 73  ? -3.503  5.262   1.111   1.00 4.34  ? 89  PHE A CE2 1 
ATOM   562  C  CZ  . PHE A 1 73  ? -2.324  4.970   1.768   1.00 3.00  ? 89  PHE A CZ  1 
ATOM   563  N  N   . LYS A 1 74  ? -5.661  1.129   -0.896  1.00 3.00  ? 90  LYS A N   1 
ATOM   564  C  CA  . LYS A 1 74  ? -6.677  0.793   0.100   1.00 3.00  ? 90  LYS A CA  1 
ATOM   565  C  C   . LYS A 1 74  ? -6.520  -0.674  0.504   1.00 5.69  ? 90  LYS A C   1 
ATOM   566  O  O   . LYS A 1 74  ? -6.560  -0.971  1.697   1.00 6.16  ? 90  LYS A O   1 
ATOM   567  C  CB  . LYS A 1 74  ? -8.092  1.120   -0.414  1.00 3.71  ? 90  LYS A CB  1 
ATOM   568  C  CG  . LYS A 1 74  ? -9.139  0.843   0.647   1.00 3.45  ? 90  LYS A CG  1 
ATOM   569  C  CD  . LYS A 1 74  ? -10.450 1.522   0.422   1.00 7.26  ? 90  LYS A CD  1 
ATOM   570  C  CE  . LYS A 1 74  ? -11.406 1.224   1.561   1.00 12.60 ? 90  LYS A CE  1 
ATOM   571  N  NZ  . LYS A 1 74  ? -11.843 -0.208  1.617   1.00 7.90  ? 90  LYS A NZ  1 
ATOM   572  N  N   . LEU A 1 75  ? -6.283  -1.575  -0.486  1.00 3.00  ? 91  LEU A N   1 
ATOM   573  C  CA  . LEU A 1 75  ? -6.071  -3.013  -0.259  1.00 3.00  ? 91  LEU A CA  1 
ATOM   574  C  C   . LEU A 1 75  ? -4.947  -3.243  0.729   1.00 6.35  ? 91  LEU A C   1 
ATOM   575  O  O   . LEU A 1 75  ? -5.131  -3.996  1.684   1.00 4.18  ? 91  LEU A O   1 
ATOM   576  C  CB  . LEU A 1 75  ? -5.775  -3.730  -1.580  1.00 3.00  ? 91  LEU A CB  1 
ATOM   577  C  CG  . LEU A 1 75  ? -5.462  -5.247  -1.558  1.00 4.10  ? 91  LEU A CG  1 
ATOM   578  C  CD1 . LEU A 1 75  ? -6.563  -6.054  -0.839  1.00 3.39  ? 91  LEU A CD1 1 
ATOM   579  C  CD2 . LEU A 1 75  ? -5.278  -5.780  -2.987  1.00 4.64  ? 91  LEU A CD2 1 
ATOM   580  N  N   . MET A 1 76  ? -3.801  -2.573  0.505   1.00 3.00  ? 92  MET A N   1 
ATOM   581  C  CA  A MET A 1 76  ? -2.626  -2.670  1.359   0.50 3.00  ? 92  MET A CA  1 
ATOM   582  C  CA  B MET A 1 76  ? -2.627  -2.668  1.368   0.50 3.00  ? 92  MET A CA  1 
ATOM   583  C  C   . MET A 1 76  ? -2.982  -2.307  2.807   1.00 5.58  ? 92  MET A C   1 
ATOM   584  O  O   . MET A 1 76  ? -2.622  -3.029  3.728   1.00 3.15  ? 92  MET A O   1 
ATOM   585  C  CB  A MET A 1 76  ? -1.534  -1.745  0.815   0.50 3.92  ? 92  MET A CB  1 
ATOM   586  C  CB  B MET A 1 76  ? -1.540  -1.726  0.857   0.50 3.79  ? 92  MET A CB  1 
ATOM   587  C  CG  A MET A 1 76  ? -0.211  -1.895  1.504   0.50 5.82  ? 92  MET A CG  1 
ATOM   588  C  CG  B MET A 1 76  ? -0.188  -1.961  1.486   0.50 5.54  ? 92  MET A CG  1 
ATOM   589  S  SD  A MET A 1 76  ? 0.885   -0.611  0.886   0.50 7.43  ? 92  MET A SD  1 
ATOM   590  S  SD  B MET A 1 76  ? 0.936   -0.589  1.159   0.50 6.97  ? 92  MET A SD  1 
ATOM   591  C  CE  A MET A 1 76  ? 0.380   0.748   1.898   0.50 4.12  ? 92  MET A CE  1 
ATOM   592  C  CE  B MET A 1 76  ? 0.501   -0.197  -0.461  0.50 3.00  ? 92  MET A CE  1 
ATOM   593  N  N   . CYS A 1 77  ? -3.697  -1.195  3.006   1.00 3.34  ? 93  CYS A N   1 
ATOM   594  C  CA  . CYS A 1 77  ? -4.091  -0.750  4.338   1.00 3.14  ? 93  CYS A CA  1 
ATOM   595  C  C   . CYS A 1 77  ? -5.120  -1.690  4.981   1.00 5.26  ? 93  CYS A C   1 
ATOM   596  O  O   . CYS A 1 77  ? -4.992  -2.028  6.153   1.00 5.96  ? 93  CYS A O   1 
ATOM   597  C  CB  . CYS A 1 77  ? -4.596  0.685   4.295   1.00 3.00  ? 93  CYS A CB  1 
ATOM   598  S  SG  . CYS A 1 77  ? -3.375  1.874   3.682   1.00 4.89  ? 93  CYS A SG  1 
ATOM   599  N  N   . ASP A 1 78  ? -6.100  -2.139  4.198   1.00 3.00  ? 94  ASP A N   1 
ATOM   600  C  CA  . ASP A 1 78  ? -7.138  -3.069  4.653   1.00 3.31  ? 94  ASP A CA  1 
ATOM   601  C  C   . ASP A 1 78  ? -6.540  -4.393  5.081   1.00 5.62  ? 94  ASP A C   1 
ATOM   602  O  O   . ASP A 1 78  ? -6.941  -4.919  6.126   1.00 5.07  ? 94  ASP A O   1 
ATOM   603  C  CB  . ASP A 1 78  ? -8.197  -3.275  3.564   1.00 5.44  ? 94  ASP A CB  1 
ATOM   604  C  CG  . ASP A 1 78  ? -9.103  -2.076  3.330   1.00 10.08 ? 94  ASP A CG  1 
ATOM   605  O  OD1 . ASP A 1 78  ? -9.045  -1.115  4.136   1.00 15.42 ? 94  ASP A OD1 1 
ATOM   606  O  OD2 . ASP A 1 78  ? -9.876  -2.103  2.344   1.00 7.53  ? 94  ASP A OD2 1 
ATOM   607  N  N   . ASN A 1 79  ? -5.543  -4.910  4.325   1.00 3.00  ? 95  ASN A N   1 
ATOM   608  C  CA  . ASN A 1 79  ? -4.865  -6.162  4.693   1.00 3.26  ? 95  ASN A CA  1 
ATOM   609  C  C   . ASN A 1 79  ? -4.213  -6.052  6.058   1.00 4.61  ? 95  ASN A C   1 
ATOM   610  O  O   . ASN A 1 79  ? -4.387  -6.934  6.881   1.00 4.33  ? 95  ASN A O   1 
ATOM   611  C  CB  . ASN A 1 79  ? -3.825  -6.593  3.644   1.00 3.00  ? 95  ASN A CB  1 
ATOM   612  C  CG  . ASN A 1 79  ? -4.387  -7.036  2.309   1.00 5.90  ? 95  ASN A CG  1 
ATOM   613  O  OD1 . ASN A 1 79  ? -5.525  -7.493  2.205   1.00 5.72  ? 95  ASN A OD1 1 
ATOM   614  N  ND2 . ASN A 1 79  ? -3.549  -7.032  1.278   1.00 3.00  ? 95  ASN A ND2 1 
ATOM   615  N  N   . ALA A 1 80  ? -3.491  -4.956  6.307   1.00 3.00  ? 96  ALA A N   1 
ATOM   616  C  CA  . ALA A 1 80  ? -2.825  -4.711  7.591   1.00 3.00  ? 96  ALA A CA  1 
ATOM   617  C  C   . ALA A 1 80  ? -3.843  -4.579  8.726   1.00 6.48  ? 96  ALA A C   1 
ATOM   618  O  O   . ALA A 1 80  ? -3.547  -4.985  9.850   1.00 8.00  ? 96  ALA A O   1 
ATOM   619  C  CB  . ALA A 1 80  ? -1.981  -3.458  7.505   1.00 3.00  ? 96  ALA A CB  1 
ATOM   620  N  N   . MET A 1 81  ? -5.027  -4.011  8.440   1.00 3.27  ? 97  MET A N   1 
ATOM   621  C  CA  . MET A 1 81  ? -6.081  -3.816  9.429   1.00 3.42  ? 97  MET A CA  1 
ATOM   622  C  C   . MET A 1 81  ? -6.909  -5.082  9.687   1.00 9.54  ? 97  MET A C   1 
ATOM   623  O  O   . MET A 1 81  ? -7.638  -5.143  10.681  1.00 11.64 ? 97  MET A O   1 
ATOM   624  C  CB  . MET A 1 81  ? -6.959  -2.602  9.078   1.00 5.94  ? 97  MET A CB  1 
ATOM   625  C  CG  . MET A 1 81  ? -6.261  -1.266  9.383   1.00 8.18  ? 97  MET A CG  1 
ATOM   626  S  SD  . MET A 1 81  ? -7.168  0.231   8.900   1.00 11.21 ? 97  MET A SD  1 
ATOM   627  C  CE  . MET A 1 81  ? -8.583  0.169   10.005  1.00 8.69  ? 97  MET A CE  1 
ATOM   628  N  N   . THR A 1 82  ? -6.783  -6.086  8.805   1.00 7.59  ? 98  THR A N   1 
ATOM   629  C  CA  . THR A 1 82  ? -7.439  -7.395  8.901   1.00 7.03  ? 98  THR A CA  1 
ATOM   630  C  C   . THR A 1 82  ? -6.564  -8.329  9.747   1.00 10.78 ? 98  THR A C   1 
ATOM   631  O  O   . THR A 1 82  ? -7.060  -8.943  10.696  1.00 11.15 ? 98  THR A O   1 
ATOM   632  C  CB  . THR A 1 82  ? -7.674  -7.981  7.492   1.00 14.19 ? 98  THR A CB  1 
ATOM   633  O  OG1 . THR A 1 82  ? -8.598  -7.150  6.797   1.00 14.63 ? 98  THR A OG1 1 
ATOM   634  C  CG2 . THR A 1 82  ? -8.220  -9.421  7.518   1.00 12.67 ? 98  THR A CG2 1 
ATOM   635  N  N   . TYR A 1 83  ? -5.268  -8.432  9.390   1.00 6.84  ? 99  TYR A N   1 
ATOM   636  C  CA  . TYR A 1 83  ? -4.308  -9.326  10.008  1.00 4.63  ? 99  TYR A CA  1 
ATOM   637  C  C   . TYR A 1 83  ? -3.878  -8.909  11.393  1.00 7.79  ? 99  TYR A C   1 
ATOM   638  O  O   . TYR A 1 83  ? -3.770  -9.770  12.274  1.00 6.96  ? 99  TYR A O   1 
ATOM   639  C  CB  . TYR A 1 83  ? -3.095  -9.567  9.085   1.00 3.55  ? 99  TYR A CB  1 
ATOM   640  C  CG  . TYR A 1 83  ? -2.093  -10.558 9.647   1.00 4.44  ? 99  TYR A CG  1 
ATOM   641  C  CD1 . TYR A 1 83  ? -2.202  -11.921 9.382   1.00 5.41  ? 99  TYR A CD1 1 
ATOM   642  C  CD2 . TYR A 1 83  ? -1.032  -10.133 10.440  1.00 3.80  ? 99  TYR A CD2 1 
ATOM   643  C  CE1 . TYR A 1 83  ? -1.281  -12.834 9.903   1.00 4.49  ? 99  TYR A CE1 1 
ATOM   644  C  CE2 . TYR A 1 83  ? -0.141  -11.042 11.005  1.00 4.80  ? 99  TYR A CE2 1 
ATOM   645  C  CZ  . TYR A 1 83  ? -0.271  -12.392 10.739  1.00 10.36 ? 99  TYR A CZ  1 
ATOM   646  O  OH  . TYR A 1 83  ? 0.652   -13.266 11.262  1.00 17.08 ? 99  TYR A OH  1 
ATOM   647  N  N   . ASN A 1 84  ? -3.554  -7.625  11.568  1.00 5.27  ? 100 ASN A N   1 
ATOM   648  C  CA  . ASN A 1 84  ? -3.074  -7.089  12.843  1.00 5.01  ? 100 ASN A CA  1 
ATOM   649  C  C   . ASN A 1 84  ? -4.208  -6.622  13.741  1.00 10.55 ? 100 ASN A C   1 
ATOM   650  O  O   . ASN A 1 84  ? -5.239  -6.151  13.250  1.00 9.75  ? 100 ASN A O   1 
ATOM   651  C  CB  . ASN A 1 84  ? -2.098  -5.942  12.607  1.00 4.95  ? 100 ASN A CB  1 
ATOM   652  C  CG  . ASN A 1 84  ? -0.942  -6.356  11.745  1.00 6.42  ? 100 ASN A CG  1 
ATOM   653  O  OD1 . ASN A 1 84  ? -0.063  -7.115  12.179  1.00 10.93 ? 100 ASN A OD1 1 
ATOM   654  N  ND2 . ASN A 1 84  ? -0.984  -5.954  10.467  1.00 3.00  ? 100 ASN A ND2 1 
ATOM   655  N  N   . ARG A 1 85  ? -3.989  -6.711  15.063  1.00 9.51  ? 101 ARG A N   1 
ATOM   656  C  CA  . ARG A 1 85  ? -4.948  -6.249  16.060  1.00 8.92  ? 101 ARG A CA  1 
ATOM   657  C  C   . ARG A 1 85  ? -4.894  -4.724  16.171  1.00 12.81 ? 101 ARG A C   1 
ATOM   658  O  O   . ARG A 1 85  ? -3.853  -4.139  15.875  1.00 10.30 ? 101 ARG A O   1 
ATOM   659  C  CB  . ARG A 1 85  ? -4.680  -6.916  17.424  1.00 11.14 ? 101 ARG A CB  1 
ATOM   660  C  CG  . ARG A 1 85  ? -4.821  -8.456  17.428  1.00 15.59 ? 101 ARG A CG  1 
ATOM   661  C  CD  . ARG A 1 85  ? -6.239  -9.005  17.242  1.00 19.65 ? 101 ARG A CD  1 
ATOM   662  N  NE  . ARG A 1 85  ? -6.762  -8.827  15.881  1.00 24.78 ? 101 ARG A NE  1 
ATOM   663  C  CZ  . ARG A 1 85  ? -6.467  -9.604  14.839  1.00 33.20 ? 101 ARG A CZ  1 
ATOM   664  N  NH1 . ARG A 1 85  ? -5.635  -10.630 14.981  1.00 16.80 ? 101 ARG A NH1 1 
ATOM   665  N  NH2 . ARG A 1 85  ? -6.989  -9.352  13.647  1.00 16.45 ? 101 ARG A NH2 1 
ATOM   666  N  N   . PRO A 1 86  ? -5.985  -4.040  16.579  1.00 10.49 ? 102 PRO A N   1 
ATOM   667  C  CA  . PRO A 1 86  ? -5.955  -2.568  16.616  1.00 10.92 ? 102 PRO A CA  1 
ATOM   668  C  C   . PRO A 1 86  ? -4.856  -1.882  17.424  1.00 16.70 ? 102 PRO A C   1 
ATOM   669  O  O   . PRO A 1 86  ? -4.519  -0.740  17.106  1.00 16.77 ? 102 PRO A O   1 
ATOM   670  C  CB  . PRO A 1 86  ? -7.343  -2.199  17.142  1.00 12.74 ? 102 PRO A CB  1 
ATOM   671  C  CG  . PRO A 1 86  ? -8.207  -3.351  16.731  1.00 16.74 ? 102 PRO A CG  1 
ATOM   672  C  CD  . PRO A 1 86  ? -7.329  -4.553  16.925  1.00 12.12 ? 102 PRO A CD  1 
ATOM   673  N  N   . ASP A 1 87  ? -4.309  -2.547  18.462  1.00 13.58 ? 103 ASP A N   1 
ATOM   674  C  CA  . ASP A 1 87  ? -3.294  -1.946  19.331  1.00 13.80 ? 103 ASP A CA  1 
ATOM   675  C  C   . ASP A 1 87  ? -1.857  -1.951  18.785  1.00 17.16 ? 103 ASP A C   1 
ATOM   676  O  O   . ASP A 1 87  ? -0.963  -1.393  19.429  1.00 17.98 ? 103 ASP A O   1 
ATOM   677  C  CB  . ASP A 1 87  ? -3.349  -2.584  20.734  1.00 16.08 ? 103 ASP A CB  1 
ATOM   678  C  CG  . ASP A 1 87  ? -2.689  -3.951  20.820  1.00 30.78 ? 103 ASP A CG  1 
ATOM   679  O  OD1 . ASP A 1 87  ? -3.190  -4.897  20.164  1.00 32.48 ? 103 ASP A OD1 1 
ATOM   680  O  OD2 . ASP A 1 87  ? -1.664  -4.071  21.533  1.00 35.51 ? 103 ASP A OD2 1 
ATOM   681  N  N   . THR A 1 88  ? -1.640  -2.550  17.601  1.00 9.54  ? 104 THR A N   1 
ATOM   682  C  CA  . THR A 1 88  ? -0.322  -2.718  16.982  1.00 7.87  ? 104 THR A CA  1 
ATOM   683  C  C   . THR A 1 88  ? 0.138   -1.515  16.178  1.00 10.57 ? 104 THR A C   1 
ATOM   684  O  O   . THR A 1 88  ? -0.694  -0.726  15.706  1.00 10.11 ? 104 THR A O   1 
ATOM   685  C  CB  . THR A 1 88  ? -0.297  -3.961  16.080  1.00 12.51 ? 104 THR A CB  1 
ATOM   686  O  OG1 . THR A 1 88  ? -1.202  -3.762  14.989  1.00 8.74  ? 104 THR A OG1 1 
ATOM   687  C  CG2 . THR A 1 88  ? -0.608  -5.251  16.827  1.00 9.95  ? 104 THR A CG2 1 
ATOM   688  N  N   . VAL A 1 89  ? 1.463   -1.412  15.946  1.00 6.77  ? 105 VAL A N   1 
ATOM   689  C  CA  . VAL A 1 89  ? 2.036   -0.315  15.153  1.00 6.73  ? 105 VAL A CA  1 
ATOM   690  C  C   . VAL A 1 89  ? 1.576   -0.419  13.687  1.00 7.67  ? 105 VAL A C   1 
ATOM   691  O  O   . VAL A 1 89  ? 1.232   0.604   13.097  1.00 5.99  ? 105 VAL A O   1 
ATOM   692  C  CB  . VAL A 1 89  ? 3.579   -0.159  15.276  1.00 12.25 ? 105 VAL A CB  1 
ATOM   693  C  CG1 . VAL A 1 89  ? 3.998   0.234   16.689  1.00 12.25 ? 105 VAL A CG1 1 
ATOM   694  C  CG2 . VAL A 1 89  ? 4.336   -1.395  14.800  1.00 12.48 ? 105 VAL A CG2 1 
ATOM   695  N  N   . TYR A 1 90  ? 1.484   -1.663  13.137  1.00 4.13  ? 106 TYR A N   1 
ATOM   696  C  CA  . TYR A 1 90  ? 1.099   -1.864  11.744  1.00 4.27  ? 106 TYR A CA  1 
ATOM   697  C  C   . TYR A 1 90  ? -0.313  -1.438  11.494  1.00 6.19  ? 106 TYR A C   1 
ATOM   698  O  O   . TYR A 1 90  ? -0.570  -0.721  10.531  1.00 5.32  ? 106 TYR A O   1 
ATOM   699  C  CB  . TYR A 1 90  ? 1.301   -3.312  11.311  1.00 5.38  ? 106 TYR A CB  1 
ATOM   700  C  CG  . TYR A 1 90  ? 2.706   -3.837  11.488  1.00 6.68  ? 106 TYR A CG  1 
ATOM   701  C  CD1 . TYR A 1 90  ? 3.797   -3.166  10.945  1.00 7.93  ? 106 TYR A CD1 1 
ATOM   702  C  CD2 . TYR A 1 90  ? 2.931   -5.087  12.058  1.00 8.39  ? 106 TYR A CD2 1 
ATOM   703  C  CE1 . TYR A 1 90  ? 5.090   -3.686  11.039  1.00 9.22  ? 106 TYR A CE1 1 
ATOM   704  C  CE2 . TYR A 1 90  ? 4.216   -5.617  12.160  1.00 10.00 ? 106 TYR A CE2 1 
ATOM   705  C  CZ  . TYR A 1 90  ? 5.295   -4.905  11.664  1.00 14.84 ? 106 TYR A CZ  1 
ATOM   706  O  OH  . TYR A 1 90  ? 6.561   -5.430  11.758  1.00 12.42 ? 106 TYR A OH  1 
ATOM   707  N  N   . TYR A 1 91  ? -1.230  -1.826  12.387  1.00 3.85  ? 107 TYR A N   1 
ATOM   708  C  CA  . TYR A 1 91  ? -2.628  -1.413  12.300  1.00 3.00  ? 107 TYR A CA  1 
ATOM   709  C  C   . TYR A 1 91  ? -2.739  0.117   12.382  1.00 5.53  ? 107 TYR A C   1 
ATOM   710  O  O   . TYR A 1 91  ? -3.356  0.723   11.508  1.00 3.90  ? 107 TYR A O   1 
ATOM   711  C  CB  . TYR A 1 91  ? -3.435  -2.022  13.455  1.00 3.00  ? 107 TYR A CB  1 
ATOM   712  C  CG  . TYR A 1 91  ? -4.929  -1.840  13.315  1.00 5.42  ? 107 TYR A CG  1 
ATOM   713  C  CD1 . TYR A 1 91  ? -5.740  -2.892  12.917  1.00 7.15  ? 107 TYR A CD1 1 
ATOM   714  C  CD2 . TYR A 1 91  ? -5.538  -0.626  13.628  1.00 6.69  ? 107 TYR A CD2 1 
ATOM   715  C  CE1 . TYR A 1 91  ? -7.118  -2.738  12.801  1.00 8.43  ? 107 TYR A CE1 1 
ATOM   716  C  CE2 . TYR A 1 91  ? -6.915  -0.457  13.511  1.00 7.89  ? 107 TYR A CE2 1 
ATOM   717  C  CZ  . TYR A 1 91  ? -7.701  -1.517  13.098  1.00 12.54 ? 107 TYR A CZ  1 
ATOM   718  O  OH  . TYR A 1 91  ? -9.059  -1.365  13.003  1.00 11.36 ? 107 TYR A OH  1 
ATOM   719  N  N   . LYS A 1 92  ? -2.133  0.746   13.423  1.00 3.43  ? 108 LYS A N   1 
ATOM   720  C  CA  . LYS A 1 92  ? -2.237  2.201   13.625  1.00 3.17  ? 108 LYS A CA  1 
ATOM   721  C  C   . LYS A 1 92  ? -1.701  3.009   12.454  1.00 6.68  ? 108 LYS A C   1 
ATOM   722  O  O   . LYS A 1 92  ? -2.338  3.988   12.035  1.00 5.62  ? 108 LYS A O   1 
ATOM   723  C  CB  . LYS A 1 92  ? -1.592  2.625   14.951  1.00 6.01  ? 108 LYS A CB  1 
ATOM   724  C  CG  . LYS A 1 92  ? -2.304  2.051   16.170  1.00 3.00  ? 108 LYS A CG  1 
ATOM   725  C  CD  . LYS A 1 92  ? -1.616  2.434   17.473  1.00 12.03 ? 108 LYS A CD  1 
ATOM   726  C  CE  . LYS A 1 92  ? -2.240  1.689   18.628  1.00 26.83 ? 108 LYS A CE  1 
ATOM   727  N  NZ  . LYS A 1 92  ? -1.544  1.966   19.913  1.00 39.51 ? 108 LYS A NZ  1 
ATOM   728  N  N   . LEU A 1 93  ? -0.574  2.558   11.873  1.00 4.18  ? 109 LEU A N   1 
ATOM   729  C  CA  . LEU A 1 93  ? 0.011   3.224   10.717  1.00 3.41  ? 109 LEU A CA  1 
ATOM   730  C  C   . LEU A 1 93  ? -0.855  3.026   9.496   1.00 4.56  ? 109 LEU A C   1 
ATOM   731  O  O   . LEU A 1 93  ? -1.100  4.003   8.791   1.00 3.00  ? 109 LEU A O   1 
ATOM   732  C  CB  . LEU A 1 93  ? 1.473   2.801   10.456  1.00 3.00  ? 109 LEU A CB  1 
ATOM   733  C  CG  . LEU A 1 93  ? 2.171   3.566   9.322   1.00 5.38  ? 109 LEU A CG  1 
ATOM   734  C  CD1 . LEU A 1 93  ? 2.398   5.052   9.708   1.00 5.29  ? 109 LEU A CD1 1 
ATOM   735  C  CD2 . LEU A 1 93  ? 3.484   2.929   8.969   1.00 7.64  ? 109 LEU A CD2 1 
ATOM   736  N  N   . ALA A 1 94  ? -1.341  1.783   9.258   1.00 3.00  ? 110 ALA A N   1 
ATOM   737  C  CA  . ALA A 1 94  ? -2.212  1.513   8.115   1.00 3.00  ? 110 ALA A CA  1 
ATOM   738  C  C   . ALA A 1 94  ? -3.450  2.424   8.134   1.00 4.38  ? 110 ALA A C   1 
ATOM   739  O  O   . ALA A 1 94  ? -3.760  3.040   7.102   1.00 3.00  ? 110 ALA A O   1 
ATOM   740  C  CB  . ALA A 1 94  ? -2.608  0.048   8.064   1.00 3.00  ? 110 ALA A CB  1 
ATOM   741  N  N   . LYS A 1 95  ? -4.115  2.569   9.306   1.00 3.00  ? 111 LYS A N   1 
ATOM   742  C  CA  . LYS A 1 95  ? -5.289  3.445   9.437   1.00 3.00  ? 111 LYS A CA  1 
ATOM   743  C  C   . LYS A 1 95  ? -4.927  4.906   9.179   1.00 6.11  ? 111 LYS A C   1 
ATOM   744  O  O   . LYS A 1 95  ? -5.631  5.589   8.427   1.00 5.39  ? 111 LYS A O   1 
ATOM   745  C  CB  . LYS A 1 95  ? -5.948  3.268   10.810  1.00 4.67  ? 111 LYS A CB  1 
ATOM   746  C  CG  . LYS A 1 95  ? -7.239  4.056   10.967  1.00 7.21  ? 111 LYS A CG  1 
ATOM   747  C  CD  . LYS A 1 95  ? -7.913  3.754   12.298  1.00 16.67 ? 111 LYS A CD  1 
ATOM   748  C  CE  . LYS A 1 95  ? -8.980  4.773   12.615  1.00 28.36 ? 111 LYS A CE  1 
ATOM   749  N  NZ  . LYS A 1 95  ? -9.601  4.526   13.945  1.00 36.60 ? 111 LYS A NZ  1 
ATOM   750  N  N   . LYS A 1 96  ? -3.798  5.365   9.765   1.00 3.00  ? 112 LYS A N   1 
ATOM   751  C  CA  . LYS A 1 96  ? -3.304  6.727   9.607   1.00 3.00  ? 112 LYS A CA  1 
ATOM   752  C  C   . LYS A 1 96  ? -3.029  7.043   8.136   1.00 5.97  ? 112 LYS A C   1 
ATOM   753  O  O   . LYS A 1 96  ? -3.523  8.047   7.629   1.00 5.57  ? 112 LYS A O   1 
ATOM   754  C  CB  . LYS A 1 96  ? -2.028  6.940   10.445  1.00 4.44  ? 112 LYS A CB  1 
ATOM   755  C  CG  . LYS A 1 96  ? -1.464  8.352   10.386  1.00 8.85  ? 112 LYS A CG  1 
ATOM   756  C  CD  . LYS A 1 96  ? -0.276  8.485   11.325  1.00 14.21 ? 112 LYS A CD  1 
ATOM   757  C  CE  . LYS A 1 96  ? 0.414   9.821   11.196  1.00 30.80 ? 112 LYS A CE  1 
ATOM   758  N  NZ  . LYS A 1 96  ? 1.635   9.891   12.042  1.00 39.76 ? 112 LYS A NZ  1 
ATOM   759  N  N   . ILE A 1 97  ? -2.234  6.197   7.453   1.00 3.00  ? 113 ILE A N   1 
ATOM   760  C  CA  . ILE A 1 97  ? -1.887  6.464   6.056   1.00 3.00  ? 113 ILE A CA  1 
ATOM   761  C  C   . ILE A 1 97  ? -3.044  6.271   5.085   1.00 4.52  ? 113 ILE A C   1 
ATOM   762  O  O   . ILE A 1 97  ? -3.076  6.939   4.048   1.00 3.16  ? 113 ILE A O   1 
ATOM   763  C  CB  . ILE A 1 97  ? -0.554  5.813   5.602   1.00 5.28  ? 113 ILE A CB  1 
ATOM   764  C  CG1 . ILE A 1 97  ? -0.678  4.278   5.460   1.00 4.84  ? 113 ILE A CG1 1 
ATOM   765  C  CG2 . ILE A 1 97  ? 0.591   6.244   6.540   1.00 7.66  ? 113 ILE A CG2 1 
ATOM   766  C  CD1 . ILE A 1 97  ? 0.617   3.572   4.857   1.00 10.43 ? 113 ILE A CD1 1 
ATOM   767  N  N   . LEU A 1 98  ? -4.005  5.395   5.418   1.00 3.00  ? 114 LEU A N   1 
ATOM   768  C  CA  . LEU A 1 98  ? -5.162  5.231   4.544   1.00 3.00  ? 114 LEU A CA  1 
ATOM   769  C  C   . LEU A 1 98  ? -5.896  6.566   4.397   1.00 5.00  ? 114 LEU A C   1 
ATOM   770  O  O   . LEU A 1 98  ? -6.119  7.036   3.284   1.00 3.00  ? 114 LEU A O   1 
ATOM   771  C  CB  . LEU A 1 98  ? -6.119  4.166   5.094   1.00 3.00  ? 114 LEU A CB  1 
ATOM   772  C  CG  . LEU A 1 98  ? -7.400  3.966   4.269   1.00 5.10  ? 114 LEU A CG  1 
ATOM   773  C  CD1 . LEU A 1 98  ? -7.083  3.524   2.862   1.00 4.75  ? 114 LEU A CD1 1 
ATOM   774  C  CD2 . LEU A 1 98  ? -8.320  2.963   4.936   1.00 5.63  ? 114 LEU A CD2 1 
ATOM   775  N  N   . HIS A 1 99  ? -6.248  7.186   5.533   1.00 3.00  ? 115 HIS A N   1 
ATOM   776  C  CA  . HIS A 1 99  ? -6.966  8.463   5.507   1.00 3.00  ? 115 HIS A CA  1 
ATOM   777  C  C   . HIS A 1 99  ? -6.115  9.594   4.954   1.00 7.14  ? 115 HIS A C   1 
ATOM   778  O  O   . HIS A 1 99  ? -6.582  10.325  4.074   1.00 6.11  ? 115 HIS A O   1 
ATOM   779  C  CB  . HIS A 1 99  ? -7.458  8.806   6.909   1.00 3.26  ? 115 HIS A CB  1 
ATOM   780  C  CG  . HIS A 1 99  ? -8.609  7.959   7.331   1.00 5.45  ? 115 HIS A CG  1 
ATOM   781  N  ND1 . HIS A 1 99  ? -8.427  6.703   7.877   1.00 6.99  ? 115 HIS A ND1 1 
ATOM   782  C  CD2 . HIS A 1 99  ? -9.935  8.213   7.251   1.00 7.00  ? 115 HIS A CD2 1 
ATOM   783  C  CE1 . HIS A 1 99  ? -9.648  6.248   8.125   1.00 6.42  ? 115 HIS A CE1 1 
ATOM   784  N  NE2 . HIS A 1 99  ? -10.580 7.128   7.775   1.00 7.33  ? 115 HIS A NE2 1 
ATOM   785  N  N   . ALA A 1 100 ? -4.844  9.701   5.422   1.00 3.00  ? 116 ALA A N   1 
ATOM   786  C  CA  . ALA A 1 100 ? -3.907  10.744  4.977   1.00 3.00  ? 116 ALA A CA  1 
ATOM   787  C  C   . ALA A 1 100 ? -3.593  10.628  3.500   1.00 8.37  ? 116 ALA A C   1 
ATOM   788  O  O   . ALA A 1 100 ? -3.524  11.641  2.820   1.00 9.43  ? 116 ALA A O   1 
ATOM   789  C  CB  . ALA A 1 100 ? -2.626  10.706  5.805   1.00 3.25  ? 116 ALA A CB  1 
ATOM   790  N  N   . GLY A 1 101 ? -3.455  9.395   3.013   1.00 4.36  ? 117 GLY A N   1 
ATOM   791  C  CA  . GLY A 1 101 ? -3.180  9.093   1.615   1.00 4.32  ? 117 GLY A CA  1 
ATOM   792  C  C   . GLY A 1 101 ? -4.298  9.508   0.683   1.00 5.81  ? 117 GLY A C   1 
ATOM   793  O  O   . GLY A 1 101 ? -4.040  10.194  -0.300  1.00 4.64  ? 117 GLY A O   1 
ATOM   794  N  N   . PHE A 1 102 ? -5.564  9.164   1.025   1.00 3.47  ? 118 PHE A N   1 
ATOM   795  C  CA  . PHE A 1 102 ? -6.728  9.557   0.235   1.00 3.00  ? 118 PHE A CA  1 
ATOM   796  C  C   . PHE A 1 102 ? -6.889  11.070  0.244   1.00 6.25  ? 118 PHE A C   1 
ATOM   797  O  O   . PHE A 1 102 ? -7.103  11.644  -0.820  1.00 6.77  ? 118 PHE A O   1 
ATOM   798  C  CB  . PHE A 1 102 ? -7.999  8.813   0.688   1.00 4.28  ? 118 PHE A CB  1 
ATOM   799  C  CG  . PHE A 1 102 ? -8.170  7.504   -0.050  1.00 5.30  ? 118 PHE A CG  1 
ATOM   800  C  CD1 . PHE A 1 102 ? -9.072  7.394   -1.098  1.00 8.04  ? 118 PHE A CD1 1 
ATOM   801  C  CD2 . PHE A 1 102 ? -7.376  6.406   0.257   1.00 7.46  ? 118 PHE A CD2 1 
ATOM   802  C  CE1 . PHE A 1 102 ? -9.205  6.197   -1.808  1.00 8.39  ? 118 PHE A CE1 1 
ATOM   803  C  CE2 . PHE A 1 102 ? -7.501  5.208   -0.459  1.00 8.89  ? 118 PHE A CE2 1 
ATOM   804  C  CZ  . PHE A 1 102 ? -8.408  5.115   -1.494  1.00 7.87  ? 118 PHE A CZ  1 
ATOM   805  N  N   . LYS A 1 103 ? -6.663  11.727  1.405   1.00 4.46  ? 119 LYS A N   1 
ATOM   806  C  CA  . LYS A 1 103 ? -6.741  13.187  1.506   1.00 5.55  ? 119 LYS A CA  1 
ATOM   807  C  C   . LYS A 1 103 ? -5.730  13.815  0.546   1.00 10.33 ? 119 LYS A C   1 
ATOM   808  O  O   . LYS A 1 103 ? -6.105  14.667  -0.275  1.00 10.65 ? 119 LYS A O   1 
ATOM   809  C  CB  . LYS A 1 103 ? -6.474  13.653  2.945   1.00 8.41  ? 119 LYS A CB  1 
ATOM   810  C  CG  . LYS A 1 103 ? -7.642  13.452  3.889   1.00 19.13 ? 119 LYS A CG  1 
ATOM   811  C  CD  . LYS A 1 103 ? -7.272  13.919  5.291   1.00 29.92 ? 119 LYS A CD  1 
ATOM   812  C  CE  . LYS A 1 103 ? -8.290  13.513  6.320   1.00 39.35 ? 119 LYS A CE  1 
ATOM   813  N  NZ  . LYS A 1 103 ? -8.011  12.165  6.875   1.00 51.94 ? 119 LYS A NZ  1 
ATOM   814  N  N   . MET A 1 104 ? -4.460  13.345  0.631   1.00 7.23  ? 120 MET A N   1 
ATOM   815  C  CA  A MET A 1 104 ? -3.331  13.788  -0.203  0.70 6.44  ? 120 MET A CA  1 
ATOM   816  C  CA  B MET A 1 104 ? -3.366  13.834  -0.198  0.30 7.18  ? 120 MET A CA  1 
ATOM   817  C  C   . MET A 1 104 ? -3.685  13.701  -1.691  1.00 11.26 ? 120 MET A C   1 
ATOM   818  O  O   . MET A 1 104 ? -3.409  14.640  -2.457  1.00 12.89 ? 120 MET A O   1 
ATOM   819  C  CB  A MET A 1 104 ? -2.072  12.936  0.110   0.70 8.64  ? 120 MET A CB  1 
ATOM   820  C  CB  B MET A 1 104 ? -2.077  13.096  0.172   0.30 9.70  ? 120 MET A CB  1 
ATOM   821  C  CG  A MET A 1 104 ? -0.806  13.351  -0.650  0.70 12.23 ? 120 MET A CG  1 
ATOM   822  C  CG  B MET A 1 104 ? -0.857  13.589  -0.554  0.30 13.65 ? 120 MET A CG  1 
ATOM   823  S  SD  A MET A 1 104 ? -0.655  12.660  -2.325  0.70 15.63 ? 120 MET A SD  1 
ATOM   824  S  SD  B MET A 1 104 ? 0.400   12.310  -0.528  0.30 17.84 ? 120 MET A SD  1 
ATOM   825  C  CE  A MET A 1 104 ? -0.172  11.030  -1.968  0.70 12.75 ? 120 MET A CE  1 
ATOM   826  C  CE  B MET A 1 104 ? -0.218  11.226  -1.822  0.30 14.66 ? 120 MET A CE  1 
ATOM   827  N  N   . MET A 1 105 ? -4.269  12.559  -2.103  1.00 6.17  ? 121 MET A N   1 
ATOM   828  C  CA  A MET A 1 105 ? -4.622  12.305  -3.503  0.50 5.97  ? 121 MET A CA  1 
ATOM   829  C  CA  B MET A 1 105 ? -4.602  12.320  -3.507  0.50 5.43  ? 121 MET A CA  1 
ATOM   830  C  C   . MET A 1 105 ? -5.822  13.114  -3.995  1.00 12.81 ? 121 MET A C   1 
ATOM   831  O  O   . MET A 1 105 ? -5.988  13.294  -5.214  1.00 14.32 ? 121 MET A O   1 
ATOM   832  C  CB  A MET A 1 105 ? -4.795  10.801  -3.765  0.50 7.40  ? 121 MET A CB  1 
ATOM   833  C  CB  B MET A 1 105 ? -4.700  10.817  -3.806  0.50 6.42  ? 121 MET A CB  1 
ATOM   834  C  CG  A MET A 1 105 ? -3.486  10.047  -3.738  0.50 9.49  ? 121 MET A CG  1 
ATOM   835  C  CG  B MET A 1 105 ? -3.358  10.119  -3.705  0.50 7.84  ? 121 MET A CG  1 
ATOM   836  S  SD  A MET A 1 105 ? -3.664  8.298   -4.140  0.50 11.88 ? 121 MET A SD  1 
ATOM   837  S  SD  B MET A 1 105 ? -3.395  8.353   -4.068  0.50 9.46  ? 121 MET A SD  1 
ATOM   838  C  CE  A MET A 1 105 ? -4.065  7.635   -2.530  0.50 8.43  ? 121 MET A CE  1 
ATOM   839  C  CE  B MET A 1 105 ? -3.983  7.709   -2.506  0.50 5.84  ? 121 MET A CE  1 
ATOM   840  N  N   . SER A 1 106 ? -6.653  13.615  -3.045  1.00 10.64 ? 122 SER A N   1 
ATOM   841  C  CA  . SER A 1 106 ? -7.855  14.434  -3.273  1.00 43.17 ? 122 SER A CA  1 
ATOM   842  C  C   . SER A 1 106 ? -8.884  13.763  -4.186  1.00 93.81 ? 122 SER A C   1 
ATOM   843  O  O   . SER A 1 106 ? -9.770  13.060  -3.703  1.00 62.63 ? 122 SER A O   1 
ATOM   844  C  CB  . SER A 1 106 ? -7.474  15.822  -3.791  1.00 46.53 ? 122 SER A CB  1 
ATOM   845  O  OG  . SER A 1 106 ? -8.595  16.677  -3.928  1.00 55.68 ? 122 SER A OG  1 
HETATM 846  C  C01 . 82I B 2 .   ? 7.027   -5.479  7.610   1.00 4.82  ? 201 82I A C01 1 
HETATM 847  N  N05 . 82I B 2 .   ? 5.636   -5.063  7.770   1.00 5.48  ? 201 82I A N05 1 
HETATM 848  C  C07 . 82I B 2 .   ? 4.698   -5.871  8.250   1.00 6.60  ? 201 82I A C07 1 
HETATM 849  C  C08 . 82I B 2 .   ? 5.023   -7.066  9.027   1.00 6.98  ? 201 82I A C08 1 
HETATM 850  N  N10 . 82I B 2 .   ? 4.141   -7.877  9.557   1.00 9.08  ? 201 82I A N10 1 
HETATM 851  N  N11 . 82I B 2 .   ? 2.814   -7.631  9.312   1.00 8.05  ? 201 82I A N11 1 
HETATM 852  C  C12 . 82I B 2 .   ? 1.924   -8.624  9.881   1.00 5.92  ? 201 82I A C12 1 
HETATM 853  C  C16 . 82I B 2 .   ? 2.290   -6.561  8.568   1.00 4.82  ? 201 82I A C16 1 
HETATM 854  O  O17 . 82I B 2 .   ? 1.064   -6.405  8.402   1.00 5.03  ? 201 82I A O17 1 
HETATM 855  C  C18 . 82I B 2 .   ? 3.311   -5.666  8.069   1.00 6.72  ? 201 82I A C18 1 
HETATM 856  CL CL1 . 82I B 2 .   ? 2.703   -4.325  7.179   1.00 5.30  ? 201 82I A CL1 1 
HETATM 857  O  O   . HOH C 3 .   ? 11.111  -3.071  -8.984  1.00 21.69 ? 301 HOH A O   1 
HETATM 858  O  O   . HOH C 3 .   ? 2.540   8.376   8.683   1.00 17.41 ? 302 HOH A O   1 
HETATM 859  O  O   . HOH C 3 .   ? -9.505  -3.287  0.113   1.00 12.55 ? 303 HOH A O   1 
HETATM 860  O  O   . HOH C 3 .   ? 6.413   11.499  -11.598 1.00 23.40 ? 304 HOH A O   1 
HETATM 861  O  O   . HOH C 3 .   ? 0.601   -8.105  14.451  1.00 9.76  ? 305 HOH A O   1 
HETATM 862  O  O   . HOH C 3 .   ? 2.410   -7.622  -1.298  1.00 5.82  ? 306 HOH A O   1 
HETATM 863  O  O   . HOH C 3 .   ? -12.780 6.613   -8.668  1.00 19.11 ? 307 HOH A O   1 
HETATM 864  O  O   . HOH C 3 .   ? 3.472   -13.802 3.079   1.00 13.26 ? 308 HOH A O   1 
HETATM 865  O  O   . HOH C 3 .   ? 6.324   -18.214 10.070  1.00 24.96 ? 309 HOH A O   1 
HETATM 866  O  O   . HOH C 3 .   ? 7.840   10.207  -20.452 1.00 25.54 ? 310 HOH A O   1 
HETATM 867  O  O   . HOH C 3 .   ? -0.430  -6.230  6.270   1.00 3.54  ? 311 HOH A O   1 
HETATM 868  O  O   . HOH C 3 .   ? 9.285   10.491  5.520   1.00 19.14 ? 312 HOH A O   1 
HETATM 869  O  O   . HOH C 3 .   ? -11.035 17.085  -3.051  1.00 23.91 ? 313 HOH A O   1 
HETATM 870  O  O   . HOH C 3 .   ? 7.974   1.447   -3.981  1.00 13.16 ? 314 HOH A O   1 
HETATM 871  O  O   . HOH C 3 .   ? -5.653  1.584   16.601  1.00 16.84 ? 315 HOH A O   1 
HETATM 872  O  O   . HOH C 3 .   ? -10.584 -1.404  -13.669 1.00 17.13 ? 316 HOH A O   1 
HETATM 873  O  O   . HOH C 3 .   ? 7.586   2.417   2.456   1.00 7.16  ? 317 HOH A O   1 
HETATM 874  O  O   . HOH C 3 .   ? 1.165   0.069   18.833  1.00 48.15 ? 318 HOH A O   1 
HETATM 875  O  O   . HOH C 3 .   ? 7.996   1.887   -17.469 1.00 37.24 ? 319 HOH A O   1 
HETATM 876  O  O   . HOH C 3 .   ? -2.515  -9.058  -4.715  1.00 21.62 ? 320 HOH A O   1 
HETATM 877  O  O   . HOH C 3 .   ? -7.838  -6.716  13.289  1.00 23.68 ? 321 HOH A O   1 
HETATM 878  O  O   . HOH C 3 .   ? 7.406   6.604   -7.025  1.00 11.92 ? 322 HOH A O   1 
HETATM 879  O  O   . HOH C 3 .   ? 8.784   0.149   -1.593  1.00 3.49  ? 323 HOH A O   1 
HETATM 880  O  O   . HOH C 3 .   ? -0.617  -7.062  2.182   1.00 3.10  ? 324 HOH A O   1 
HETATM 881  O  O   . HOH C 3 .   ? -6.718  4.474   -19.405 1.00 29.61 ? 325 HOH A O   1 
HETATM 882  O  O   . HOH C 3 .   ? -2.391  -15.357 -0.285  1.00 19.53 ? 326 HOH A O   1 
HETATM 883  O  O   . HOH C 3 .   ? -0.532  -4.710  3.888   1.00 4.69  ? 327 HOH A O   1 
HETATM 884  O  O   . HOH C 3 .   ? -11.096 2.915   -13.135 1.00 46.95 ? 328 HOH A O   1 
HETATM 885  O  O   . HOH C 3 .   ? 0.211   -9.307  -4.657  1.00 22.48 ? 329 HOH A O   1 
HETATM 886  O  O   . HOH C 3 .   ? -4.067  5.240   13.683  1.00 9.93  ? 330 HOH A O   1 
HETATM 887  O  O   . HOH C 3 .   ? 4.424   -4.781  3.763   1.00 9.30  ? 331 HOH A O   1 
HETATM 888  O  O   . HOH C 3 .   ? 2.029   3.056   13.908  1.00 11.66 ? 332 HOH A O   1 
HETATM 889  O  O   . HOH C 3 .   ? 4.300   -8.846  -5.144  1.00 17.08 ? 333 HOH A O   1 
HETATM 890  O  O   . HOH C 3 .   ? 7.358   4.436   -15.344 1.00 32.69 ? 334 HOH A O   1 
HETATM 891  O  O   . HOH C 3 .   ? 6.248   -7.250  -8.407  1.00 23.21 ? 335 HOH A O   1 
HETATM 892  O  O   . HOH C 3 .   ? 4.134   -6.278  -12.271 1.00 42.47 ? 336 HOH A O   1 
HETATM 893  O  O   . HOH C 3 .   ? -1.756  3.610   -18.149 1.00 26.70 ? 337 HOH A O   1 
HETATM 894  O  O   . HOH C 3 .   ? 7.671   -3.614  -13.414 1.00 14.40 ? 338 HOH A O   1 
HETATM 895  O  O   . HOH C 3 .   ? -9.884  7.388   -12.213 1.00 19.01 ? 339 HOH A O   1 
HETATM 896  O  O   . HOH C 3 .   ? -6.884  -3.574  -5.842  1.00 10.58 ? 340 HOH A O   1 
HETATM 897  O  O   . HOH C 3 .   ? -7.956  6.000   15.543  1.00 39.12 ? 341 HOH A O   1 
HETATM 898  O  O   . HOH C 3 .   ? -10.297 3.330   -5.850  1.00 14.14 ? 342 HOH A O   1 
HETATM 899  O  O   . HOH C 3 .   ? -4.523  10.095  9.132   1.00 11.60 ? 343 HOH A O   1 
HETATM 900  O  O   . HOH C 3 .   ? 0.271   2.405   -15.053 1.00 13.38 ? 344 HOH A O   1 
HETATM 901  O  O   . HOH C 3 .   ? -8.482  10.539  -2.907  1.00 19.27 ? 345 HOH A O   1 
HETATM 902  O  O   . HOH C 3 .   ? 1.034   13.557  -15.333 1.00 21.47 ? 346 HOH A O   1 
HETATM 903  O  O   . HOH C 3 .   ? 9.675   7.579   -8.114  1.00 30.31 ? 347 HOH A O   1 
HETATM 904  O  O   . HOH C 3 .   ? 0.554   -7.723  -11.488 1.00 31.54 ? 348 HOH A O   1 
HETATM 905  O  O   . HOH C 3 .   ? -6.746  -1.992  -8.573  1.00 9.68  ? 349 HOH A O   1 
HETATM 906  O  O   . HOH C 3 .   ? -9.265  -2.130  -2.387  1.00 3.00  ? 350 HOH A O   1 
HETATM 907  O  O   . HOH C 3 .   ? 1.933   -4.251  2.853   1.00 5.69  ? 351 HOH A O   1 
HETATM 908  O  O   . HOH C 3 .   ? 0.956   -0.621  -21.628 1.00 20.55 ? 352 HOH A O   1 
HETATM 909  O  O   . HOH C 3 .   ? 6.500   13.125  -5.662  1.00 36.26 ? 353 HOH A O   1 
HETATM 910  O  O   . HOH C 3 .   ? 9.105   8.239   -1.008  1.00 10.43 ? 354 HOH A O   1 
HETATM 911  O  O   . HOH C 3 .   ? -11.330 9.069   -7.888  1.00 33.29 ? 355 HOH A O   1 
HETATM 912  O  O   . HOH C 3 .   ? -5.389  12.237  7.794   1.00 17.68 ? 356 HOH A O   1 
HETATM 913  O  O   . HOH C 3 .   ? 3.664   8.161   11.253  1.00 18.06 ? 357 HOH A O   1 
HETATM 914  O  O   . HOH C 3 .   ? -6.275  15.346  -7.070  1.00 31.35 ? 358 HOH A O   1 
HETATM 915  O  O   . HOH C 3 .   ? 0.370   0.586   21.398  1.00 81.87 ? 359 HOH A O   1 
HETATM 916  O  O   . HOH C 3 .   ? 13.430  2.138   10.860  1.00 23.24 ? 360 HOH A O   1 
HETATM 917  O  O   . HOH C 3 .   ? 3.408   12.653  2.389   1.00 19.33 ? 361 HOH A O   1 
HETATM 918  O  O   . HOH C 3 .   ? 7.867   -9.012  5.468   1.00 18.66 ? 362 HOH A O   1 
HETATM 919  O  O   . HOH C 3 .   ? 9.184   -9.432  0.770   1.00 12.07 ? 363 HOH A O   1 
HETATM 920  O  O   . HOH C 3 .   ? -13.016 -0.082  -0.919  1.00 9.77  ? 364 HOH A O   1 
HETATM 921  O  O   . HOH C 3 .   ? -6.643  -9.591  0.730   1.00 5.64  ? 365 HOH A O   1 
HETATM 922  O  O   . HOH C 3 .   ? 8.005   -6.905  4.177   1.00 11.07 ? 366 HOH A O   1 
HETATM 923  O  O   . HOH C 3 .   ? 2.697   -10.787 1.111   1.00 6.14  ? 367 HOH A O   1 
HETATM 924  O  O   . HOH C 3 .   ? -9.366  0.970   -16.433 1.00 16.96 ? 368 HOH A O   1 
HETATM 925  O  O   . HOH C 3 .   ? 2.518   14.271  0.508   1.00 36.81 ? 369 HOH A O   1 
HETATM 926  O  O   . HOH C 3 .   ? -5.997  -4.590  20.028  1.00 32.15 ? 370 HOH A O   1 
HETATM 927  O  O   . HOH C 3 .   ? -11.122 0.647   4.916   1.00 12.82 ? 371 HOH A O   1 
HETATM 928  O  O   . HOH C 3 .   ? 6.752   4.023   8.984   1.00 3.23  ? 372 HOH A O   1 
HETATM 929  O  O   . HOH C 3 .   ? -11.885 6.226   13.690  1.00 25.73 ? 373 HOH A O   1 
HETATM 930  O  O   . HOH C 3 .   ? 10.040  4.366   3.365   1.00 41.09 ? 374 HOH A O   1 
HETATM 931  O  O   . HOH C 3 .   ? 6.839   -7.239  -5.411  1.00 39.14 ? 375 HOH A O   1 
HETATM 932  O  O   . HOH C 3 .   ? -9.895  0.855   14.628  1.00 40.18 ? 376 HOH A O   1 
HETATM 933  O  O   . HOH C 3 .   ? 10.405  -2.089  7.849   1.00 22.89 ? 377 HOH A O   1 
HETATM 934  O  O   . HOH C 3 .   ? 0.589   10.127  14.717  1.00 24.91 ? 378 HOH A O   1 
HETATM 935  O  O   . HOH C 3 .   ? -3.948  -5.960  -7.334  1.00 25.92 ? 379 HOH A O   1 
HETATM 936  O  O   . HOH C 3 .   ? -10.656 11.076  6.471   1.00 7.36  ? 380 HOH A O   1 
HETATM 937  O  O   . HOH C 3 .   ? -1.667  -8.274  15.797  1.00 13.90 ? 381 HOH A O   1 
HETATM 938  O  O   . HOH C 3 .   ? 14.023  3.977   6.478   1.00 33.06 ? 382 HOH A O   1 
HETATM 939  O  O   . HOH C 3 .   ? -8.310  -6.956  2.876   1.00 17.20 ? 383 HOH A O   1 
HETATM 940  O  O   . HOH C 3 .   ? 4.156   -19.143 8.697   1.00 26.39 ? 384 HOH A O   1 
HETATM 941  O  O   . HOH C 3 .   ? -1.685  -7.284  -9.104  1.00 31.09 ? 385 HOH A O   1 
HETATM 942  O  O   . HOH C 3 .   ? 2.741   -3.164  17.913  1.00 21.36 ? 386 HOH A O   1 
HETATM 943  O  O   . HOH C 3 .   ? 8.404   5.749   -4.618  1.00 20.57 ? 387 HOH A O   1 
HETATM 944  O  O   . HOH C 3 .   ? 11.566  -12.087 5.869   1.00 17.51 ? 388 HOH A O   1 
HETATM 945  O  O   . HOH C 3 .   ? 7.995   -11.804 13.887  1.00 31.52 ? 389 HOH A O   1 
HETATM 946  O  O   . HOH C 3 .   ? -8.058  -11.449 2.122   1.00 16.26 ? 390 HOH A O   1 
HETATM 947  O  O   . HOH C 3 .   ? -4.589  -2.533  -12.412 1.00 18.04 ? 391 HOH A O   1 
HETATM 948  O  O   . HOH C 3 .   ? 3.640   -4.865  -19.186 1.00 29.11 ? 392 HOH A O   1 
HETATM 949  O  O   . HOH C 3 .   ? 6.525   -15.553 2.478   1.00 26.73 ? 393 HOH A O   1 
HETATM 950  O  O   . HOH C 3 .   ? 1.779   -13.152 14.031  1.00 33.29 ? 394 HOH A O   1 
HETATM 951  O  O   . HOH C 3 .   ? 6.754   15.075  -8.648  1.00 31.10 ? 395 HOH A O   1 
HETATM 952  O  O   . HOH C 3 .   ? -0.698  -19.470 1.362   1.00 25.92 ? 396 HOH A O   1 
HETATM 953  O  O   . HOH C 3 .   ? 9.715   -2.325  -6.372  1.00 18.10 ? 397 HOH A O   1 
HETATM 954  O  O   . HOH C 3 .   ? 2.104   -7.900  1.368   1.00 3.27  ? 398 HOH A O   1 
HETATM 955  O  O   . HOH C 3 .   ? -7.701  8.092   -14.078 1.00 16.84 ? 399 HOH A O   1 
HETATM 956  O  O   . HOH C 3 .   ? -10.249 -3.787  11.483  1.00 43.13 ? 400 HOH A O   1 
HETATM 957  O  O   . HOH C 3 .   ? 8.184   -4.274  4.088   1.00 5.64  ? 401 HOH A O   1 
HETATM 958  O  O   . HOH C 3 .   ? -1.327  -3.432  -19.990 1.00 49.39 ? 402 HOH A O   1 
HETATM 959  O  O   . HOH C 3 .   ? 4.380   -10.260 13.503  1.00 22.98 ? 403 HOH A O   1 
HETATM 960  O  O   . HOH C 3 .   ? -2.204  14.303  3.567   1.00 34.34 ? 404 HOH A O   1 
HETATM 961  O  O   . HOH C 3 .   ? 2.966   1.294   -22.409 1.00 23.67 ? 405 HOH A O   1 
HETATM 962  O  O   . HOH C 3 .   ? -12.573 -3.060  0.732   1.00 66.02 ? 406 HOH A O   1 
HETATM 963  O  O   . HOH C 3 .   ? 4.459   3.164   -21.074 1.00 20.89 ? 407 HOH A O   1 
HETATM 964  O  O   . HOH C 3 .   ? 0.375   12.229  7.004   1.00 25.84 ? 408 HOH A O   1 
HETATM 965  O  O   . HOH C 3 .   ? 9.013   13.884  4.651   1.00 36.25 ? 409 HOH A O   1 
HETATM 966  O  O   . HOH C 3 .   ? 6.706   13.994  -13.449 1.00 28.40 ? 410 HOH A O   1 
HETATM 967  O  O   . HOH C 3 .   ? -2.381  -5.187  -15.708 1.00 23.43 ? 411 HOH A O   1 
HETATM 968  O  O   . HOH C 3 .   ? -12.676 12.813  -2.566  1.00 34.94 ? 412 HOH A O   1 
HETATM 969  O  O   . HOH C 3 .   ? 0.441   14.975  2.106   1.00 33.06 ? 413 HOH A O   1 
HETATM 970  O  O   . HOH C 3 .   ? -5.174  -3.392  -10.091 1.00 16.49 ? 414 HOH A O   1 
HETATM 971  O  O   . HOH C 3 .   ? 2.873   -4.129  15.178  1.00 35.09 ? 415 HOH A O   1 
HETATM 972  O  O   . HOH C 3 .   ? 13.883  1.145   7.563   1.00 39.15 ? 416 HOH A O   1 
HETATM 973  O  O   . HOH C 3 .   ? -9.761  10.070  3.723   1.00 18.08 ? 417 HOH A O   1 
HETATM 974  O  O   . HOH C 3 .   ? 13.058  6.773   5.183   1.00 22.40 ? 418 HOH A O   1 
HETATM 975  O  O   . HOH C 3 .   ? 3.817   -6.105  -9.329  1.00 17.89 ? 419 HOH A O   1 
HETATM 976  O  O   . HOH C 3 .   ? 8.470   9.822   -11.929 1.00 34.90 ? 420 HOH A O   1 
HETATM 977  O  O   . HOH C 3 .   ? -10.013 -4.010  6.655   1.00 25.57 ? 421 HOH A O   1 
HETATM 978  O  O   . HOH C 3 .   ? 2.712   7.173   13.530  1.00 18.68 ? 422 HOH A O   1 
HETATM 979  O  O   . HOH C 3 .   ? 9.581   7.405   -12.082 1.00 36.35 ? 423 HOH A O   1 
HETATM 980  O  O   . HOH C 3 .   ? -12.527 4.886   9.401   1.00 20.88 ? 424 HOH A O   1 
HETATM 981  O  O   . HOH C 3 .   ? 0.791   5.407   13.161  1.00 13.03 ? 425 HOH A O   1 
HETATM 982  O  O   . HOH C 3 .   ? 5.572   -13.373 0.325   1.00 25.26 ? 426 HOH A O   1 
HETATM 983  O  O   . HOH C 3 .   ? -9.278  -8.120  -0.761  1.00 28.15 ? 427 HOH A O   1 
HETATM 984  O  O   . HOH C 3 .   ? -7.979  7.730   11.242  1.00 32.31 ? 428 HOH A O   1 
HETATM 985  O  O   . HOH C 3 .   ? -11.864 6.202   -13.753 1.00 25.01 ? 429 HOH A O   1 
HETATM 986  O  O   . HOH C 3 .   ? 4.530   13.749  4.620   1.00 53.81 ? 430 HOH A O   1 
HETATM 987  O  O   . HOH C 3 .   ? -5.160  17.901  -1.578  1.00 22.58 ? 431 HOH A O   1 
HETATM 988  O  O   . HOH C 3 .   ? -4.074  -5.066  -13.634 1.00 23.62 ? 432 HOH A O   1 
HETATM 989  O  O   . HOH C 3 .   ? -14.525 -2.487  2.612   1.00 31.58 ? 433 HOH A O   1 
HETATM 990  O  O   . HOH C 3 .   ? -5.892  -12.727 11.736  1.00 28.80 ? 434 HOH A O   1 
HETATM 991  O  O   . HOH C 3 .   ? 7.874   -7.883  -11.145 1.00 17.47 ? 435 HOH A O   1 
HETATM 992  O  O   . HOH C 3 .   ? -11.594 -5.661  5.164   1.00 22.32 ? 436 HOH A O   1 
HETATM 993  O  O   . HOH C 3 .   ? -10.572 0.033   -9.203  1.00 13.04 ? 437 HOH A O   1 
HETATM 994  O  O   . HOH C 3 .   ? -10.386 2.407   -3.353  1.00 7.39  ? 438 HOH A O   1 
HETATM 995  O  O   . HOH C 3 .   ? 1.694   15.910  4.208   1.00 35.34 ? 439 HOH A O   1 
HETATM 996  O  O   . HOH C 3 .   ? -8.585  -9.466  3.852   1.00 53.66 ? 440 HOH A O   1 
HETATM 997  O  O   . HOH C 3 .   ? -10.653 11.878  0.379   1.00 35.21 ? 441 HOH A O   1 
HETATM 998  O  O   . HOH C 3 .   ? -1.207  16.339  -6.207  1.00 29.06 ? 442 HOH A O   1 
HETATM 999  O  O   . HOH C 3 .   ? -10.418 3.478   8.714   1.00 19.71 ? 443 HOH A O   1 
HETATM 1000 O  O   . HOH C 3 .   ? 9.238   13.940  -14.919 1.00 16.64 ? 444 HOH A O   1 
HETATM 1001 O  O   . HOH C 3 .   ? 1.330   -13.371 1.409   1.00 15.18 ? 445 HOH A O   1 
HETATM 1002 O  O   . HOH C 3 .   ? -7.533  -8.076  -5.674  1.00 31.92 ? 446 HOH A O   1 
HETATM 1003 O  O   . HOH C 3 .   ? 10.570  -7.923  -10.075 1.00 26.63 ? 447 HOH A O   1 
HETATM 1004 O  O   . HOH C 3 .   ? -9.086  -4.024  -4.325  1.00 9.58  ? 448 HOH A O   1 
HETATM 1005 O  O   . HOH C 3 .   ? -9.073  -6.950  -3.710  1.00 22.77 ? 449 HOH A O   1 
HETATM 1006 O  O   . HOH C 3 .   ? -9.435  -19.952 3.560   1.00 49.01 ? 450 HOH A O   1 
HETATM 1007 O  O   . HOH C 3 .   ? -6.026  -5.869  -9.391  1.00 23.01 ? 451 HOH A O   1 
HETATM 1008 O  O   . HOH C 3 .   ? -5.689  7.276   12.688  1.00 17.90 ? 452 HOH A O   1 
HETATM 1009 O  O   . HOH C 3 .   ? -3.687  2.440   -21.917 1.00 28.39 ? 453 HOH A O   1 
HETATM 1010 O  O   . HOH C 3 .   ? 0.148   9.690   7.678   1.00 24.61 ? 454 HOH A O   1 
HETATM 1011 O  O   . HOH C 3 .   ? -9.831  -5.864  0.911   1.00 10.06 ? 455 HOH A O   1 
HETATM 1012 O  O   . HOH C 3 .   ? 6.304   -3.884  15.518  1.00 28.21 ? 456 HOH A O   1 
HETATM 1013 O  O   . HOH C 3 .   ? 8.722   -5.920  -3.979  1.00 17.57 ? 457 HOH A O   1 
HETATM 1014 O  O   . HOH C 3 .   ? 7.122   -6.188  -13.158 1.00 30.57 ? 458 HOH A O   1 
HETATM 1015 O  O   . HOH C 3 .   ? 10.684  -4.821  -5.339  1.00 17.97 ? 459 HOH A O   1 
HETATM 1016 O  O   . HOH C 3 .   ? 8.387   -3.796  -16.000 1.00 33.32 ? 460 HOH A O   1 
HETATM 1017 O  O   . HOH C 3 .   ? -0.856  7.094   14.387  1.00 38.19 ? 461 HOH A O   1 
HETATM 1018 O  O   . HOH C 3 .   ? 2.808   -9.854  -3.112  1.00 22.87 ? 462 HOH A O   1 
HETATM 1019 O  O   . HOH C 3 .   ? -7.808  8.320   14.328  1.00 63.33 ? 463 HOH A O   1 
HETATM 1020 O  O   . HOH C 3 .   ? 10.318  0.560   -18.024 1.00 26.85 ? 464 HOH A O   1 
HETATM 1021 O  O   . HOH C 3 .   ? 10.884  8.517   4.265   1.00 20.92 ? 465 HOH A O   1 
HETATM 1022 O  O   . HOH C 3 .   ? 10.666  10.818  -1.635  1.00 21.07 ? 466 HOH A O   1 
HETATM 1023 O  O   . HOH C 3 .   ? 3.938   -11.799 -1.177  1.00 25.55 ? 467 HOH A O   1 
HETATM 1024 O  O   . HOH C 3 .   ? -3.653  13.890  6.573   1.00 21.60 ? 468 HOH A O   1 
HETATM 1025 O  O   . HOH C 3 .   ? 9.936   17.324  5.829   1.00 25.69 ? 469 HOH A O   1 
HETATM 1026 O  O   . HOH C 3 .   ? 10.083  -0.199  -4.347  1.00 16.49 ? 470 HOH A O   1 
HETATM 1027 O  O   . HOH C 3 .   ? 5.705   5.407   11.071  1.00 9.90  ? 471 HOH A O   1 
HETATM 1028 O  O   . HOH C 3 .   ? -1.681  11.939  8.825   1.00 26.93 ? 472 HOH A O   1 
HETATM 1029 O  O   . HOH C 3 .   ? -3.343  4.500   -20.159 1.00 33.73 ? 473 HOH A O   1 
HETATM 1030 O  O   . HOH C 3 .   ? 2.577   -6.554  15.764  1.00 13.73 ? 474 HOH A O   1 
HETATM 1031 O  O   . HOH C 3 .   ? -11.969 -2.344  -15.823 1.00 9.18  ? 475 HOH A O   1 
HETATM 1032 O  O   . HOH C 3 .   ? 1.471   -7.537  -8.977  1.00 21.74 ? 476 HOH A O   1 
HETATM 1033 O  O   . HOH C 3 .   ? 1.823   4.931   20.362  1.00 31.68 ? 477 HOH A O   1 
HETATM 1034 O  O   . HOH C 3 .   ? -11.383 -0.260  -3.018  1.00 10.46 ? 478 HOH A O   1 
HETATM 1035 O  O   . HOH C 3 .   ? -0.315  -8.322  -7.113  1.00 19.09 ? 479 HOH A O   1 
HETATM 1036 O  O   . HOH C 3 .   ? 2.387   3.323   16.533  1.00 15.66 ? 480 HOH A O   1 
HETATM 1037 O  O   . HOH C 3 .   ? 0.548   -14.654 -0.974  1.00 14.18 ? 481 HOH A O   1 
HETATM 1038 O  O   . HOH C 3 .   ? 4.891   -7.845  15.316  1.00 31.01 ? 482 HOH A O   1 
HETATM 1039 O  O   . HOH C 3 .   ? -3.307  11.110  -19.787 1.00 26.94 ? 483 HOH A O   1 
HETATM 1040 O  O   . HOH C 3 .   ? -7.867  -5.920  -7.290  1.00 21.63 ? 484 HOH A O   1 
HETATM 1041 O  O   . HOH C 3 .   ? 3.417   12.266  7.415   1.00 34.99 ? 485 HOH A O   1 
HETATM 1042 O  O   . HOH C 3 .   ? 11.017  -7.424  4.205   1.00 14.30 ? 486 HOH A O   1 
HETATM 1043 O  O   . HOH C 3 .   ? 12.060  5.372   -1.953  1.00 27.70 ? 487 HOH A O   1 
HETATM 1044 O  O   . HOH C 3 .   ? -4.763  -8.059  -5.786  1.00 44.92 ? 488 HOH A O   1 
HETATM 1045 O  O   . HOH C 3 .   ? -9.523  -2.413  -8.629  1.00 15.94 ? 489 HOH A O   1 
HETATM 1046 O  O   . HOH C 3 .   ? 0.069   -19.593 -1.227  1.00 22.67 ? 490 HOH A O   1 
HETATM 1047 O  O   . HOH C 3 .   ? -11.572 -7.689  -4.394  1.00 23.38 ? 491 HOH A O   1 
HETATM 1048 O  O   . HOH C 3 .   ? 7.075   -10.170 -4.863  1.00 16.21 ? 492 HOH A O   1 
HETATM 1049 O  O   . HOH C 3 .   ? 0.263   -12.490 -4.491  1.00 35.99 ? 493 HOH A O   1 
HETATM 1050 O  O   . HOH C 3 .   ? -10.597 16.072  5.415   1.00 50.69 ? 494 HOH A O   1 
HETATM 1051 O  O   . HOH C 3 .   ? 7.959   -1.946  15.204  1.00 23.14 ? 495 HOH A O   1 
HETATM 1052 O  O   . HOH C 3 .   ? -0.198  11.439  -23.668 1.00 34.50 ? 496 HOH A O   1 
HETATM 1053 O  O   . HOH C 3 .   ? 4.736   -10.311 16.437  1.00 27.02 ? 497 HOH A O   1 
HETATM 1054 O  O   . HOH C 3 .   ? -10.717 -3.314  -6.296  1.00 18.84 ? 498 HOH A O   1 
HETATM 1055 O  O   . HOH C 3 .   ? -16.566 -2.593  0.303   1.00 30.30 ? 499 HOH A O   1 
HETATM 1056 O  O   . HOH C 3 .   ? 2.365   7.824   17.086  1.00 35.27 ? 500 HOH A O   1 
HETATM 1057 O  O   . HOH C 3 .   ? 0.417   6.007   16.632  1.00 32.57 ? 501 HOH A O   1 
HETATM 1058 O  O   . HOH C 3 .   ? 10.099  -10.535 -8.599  1.00 20.43 ? 502 HOH A O   1 
HETATM 1059 O  O   . HOH C 3 .   ? 2.562   14.671  8.609   1.00 27.98 ? 503 HOH A O   1 
HETATM 1060 O  O   . HOH C 3 .   ? -10.720 -1.502  18.465  1.00 34.35 ? 504 HOH A O   1 
HETATM 1061 O  O   . HOH C 3 .   ? 2.192   -13.561 -2.957  1.00 19.94 ? 505 HOH A O   1 
HETATM 1062 O  O   . HOH C 3 .   ? -11.816 -12.978 -9.280  1.00 21.69 ? 506 HOH A O   1 
HETATM 1063 O  O   . HOH C 3 .   ? 5.786   -15.926 -1.579  1.00 25.53 ? 507 HOH A O   1 
HETATM 1064 O  O   . HOH C 3 .   ? -6.022  20.988  4.834   1.00 28.73 ? 508 HOH A O   1 
# 
